data_5VOH
#
_entry.id   5VOH
#
_cell.length_a   107.264
_cell.length_b   96.527
_cell.length_c   119.061
_cell.angle_alpha   90.000
_cell.angle_beta   116.760
_cell.angle_gamma   90.000
#
_symmetry.space_group_name_H-M   'P 1 21 1'
#
loop_
_entity.id
_entity.type
_entity.pdbx_description
1 polymer 'NADH oxidase'
2 non-polymer 'FLAVIN-ADENINE DINUCLEOTIDE'
3 non-polymer 'NADPH DIHYDRO-NICOTINAMIDE-ADENINE-DINUCLEOTIDE PHOSPHATE'
4 non-polymer 1,2-ETHANEDIOL
5 non-polymer 'SULFATE ION'
6 non-polymer 'CHLORIDE ION'
7 water water
#
_entity_poly.entity_id   1
_entity_poly.type   'polypeptide(L)'
_entity_poly.pdbx_seq_one_letter_code
;MHHHHHHSSGLVPRGSGMKETAAAKFERQHMDSPDLGTDDDDKAMADIGSMKVTVVGCTHAGTFAIKQILAEHPDAEVTV
YERNDVISFLS(CSO)GIALYLGGKVADPQGLFYSSPEELQKLGANVQMNHNVLAIDPDQKTVTVEDLTNHAQTTESYDK
LVMTSGSWPIVPKIPGIDSDRVKLCKNWAHAQALIEDAKEAKRITVIGAGYIAAELAEAYSTTGHDVTLIARSARVMRKY
FDADFTDVIEQDYRDHGVQLALGETVESFTDSATGLTIKTDKNSYETDLAILCIGFRPNTDLLKGKVDMAPNGAIITDDY
MRSSNPDIFAAGDSAAVHYNPTHQNAYIPLATNAVRQGILVGKNLVKPTVKYMGTQSSSGLALYDRTIVSTGLTLAAAKQ
QGLNAEQVIVEDNYRPEFMPSTEPVLMSLVFDPDTHRILGGALMSKYDVSQSANTLSVCIQNENTIDDLAMVDMLFQPNF
DRPFNYLNILAQAAQAKVAQSVNAGGSGGSGGSMDYKDDDDK
;
_entity_poly.pdbx_strand_id   A,B,C,D
#
# COMPACT_ATOMS: atom_id res chain seq x y z
N MET A 51 41.17 -10.39 41.36
CA MET A 51 41.02 -10.53 39.91
C MET A 51 41.10 -9.18 39.21
N LYS A 52 41.89 -9.13 38.13
CA LYS A 52 42.07 -7.90 37.36
C LYS A 52 41.01 -7.83 36.26
N VAL A 53 40.25 -6.75 36.24
CA VAL A 53 39.20 -6.53 35.25
C VAL A 53 39.46 -5.18 34.59
N THR A 54 39.62 -5.18 33.27
CA THR A 54 39.84 -3.96 32.50
C THR A 54 38.61 -3.65 31.68
N VAL A 55 38.17 -2.40 31.73
CA VAL A 55 36.97 -1.95 31.02
C VAL A 55 37.36 -0.78 30.14
N VAL A 56 37.15 -0.94 28.83
CA VAL A 56 37.48 0.10 27.86
C VAL A 56 36.23 0.93 27.60
N GLY A 57 36.33 2.24 27.80
CA GLY A 57 35.19 3.11 27.60
C GLY A 57 34.11 2.92 28.65
N CYS A 58 33.50 4.02 29.09
CA CYS A 58 32.47 3.95 30.13
C CYS A 58 31.46 5.08 29.89
N THR A 59 30.48 4.80 29.02
CA THR A 59 29.34 5.68 28.78
C THR A 59 28.08 5.07 29.35
N HIS A 60 27.51 4.05 28.70
CA HIS A 60 26.33 3.35 29.22
C HIS A 60 26.60 1.88 29.48
N ALA A 61 27.01 1.12 28.46
CA ALA A 61 27.34 -0.29 28.66
C ALA A 61 28.44 -0.45 29.69
N GLY A 62 29.51 0.33 29.59
CA GLY A 62 30.58 0.25 30.56
C GLY A 62 30.12 0.63 31.96
N THR A 63 29.26 1.64 32.05
CA THR A 63 28.77 2.05 33.36
C THR A 63 27.96 0.96 34.04
N PHE A 64 27.25 0.14 33.27
CA PHE A 64 26.42 -0.90 33.87
C PHE A 64 27.23 -2.12 34.25
N ALA A 65 28.11 -2.58 33.36
CA ALA A 65 28.96 -3.72 33.67
C ALA A 65 29.81 -3.46 34.91
N ILE A 66 30.21 -2.21 35.12
CA ILE A 66 31.03 -1.87 36.28
C ILE A 66 30.22 -2.03 37.57
N LYS A 67 29.06 -1.36 37.64
CA LYS A 67 28.21 -1.49 38.81
C LYS A 67 27.81 -2.95 39.04
N GLN A 68 27.53 -3.68 37.96
CA GLN A 68 27.15 -5.08 38.09
C GLN A 68 28.33 -5.90 38.58
N ILE A 69 29.50 -5.72 37.98
CA ILE A 69 30.69 -6.48 38.36
C ILE A 69 31.05 -6.21 39.82
N LEU A 70 31.12 -4.92 40.20
CA LEU A 70 31.53 -4.58 41.56
C LEU A 70 30.54 -5.12 42.59
N ALA A 71 29.28 -5.33 42.20
CA ALA A 71 28.28 -5.89 43.09
C ALA A 71 28.16 -7.40 42.97
N GLU A 72 28.38 -7.95 41.77
CA GLU A 72 28.37 -9.40 41.59
C GLU A 72 29.57 -10.04 42.29
N HIS A 73 30.76 -9.50 42.07
CA HIS A 73 32.00 -10.01 42.68
C HIS A 73 32.73 -8.82 43.28
N PRO A 74 32.36 -8.41 44.50
CA PRO A 74 32.92 -7.16 45.05
C PRO A 74 34.36 -7.28 45.53
N ASP A 75 35.11 -8.23 44.97
CA ASP A 75 36.50 -8.44 45.34
C ASP A 75 37.49 -8.22 44.21
N ALA A 76 37.03 -8.13 42.96
CA ALA A 76 37.94 -8.00 41.83
C ALA A 76 38.49 -6.57 41.72
N GLU A 77 39.63 -6.46 41.04
CA GLU A 77 40.23 -5.17 40.73
C GLU A 77 39.73 -4.70 39.37
N VAL A 78 39.01 -3.58 39.37
CA VAL A 78 38.36 -3.05 38.17
C VAL A 78 39.03 -1.74 37.80
N THR A 79 39.46 -1.63 36.55
CA THR A 79 40.03 -0.40 36.00
C THR A 79 39.29 -0.07 34.72
N VAL A 80 38.85 1.17 34.60
CA VAL A 80 38.09 1.63 33.44
C VAL A 80 38.77 2.86 32.87
N TYR A 81 39.00 2.85 31.55
CA TYR A 81 39.62 3.97 30.85
C TYR A 81 38.58 4.63 29.95
N GLU A 82 38.48 5.95 30.04
CA GLU A 82 37.55 6.71 29.22
C GLU A 82 38.26 7.91 28.63
N ARG A 83 38.19 8.04 27.29
CA ARG A 83 38.77 9.19 26.62
C ARG A 83 38.19 10.49 27.16
N ASN A 84 36.87 10.62 27.14
CA ASN A 84 36.20 11.84 27.58
C ASN A 84 36.49 12.11 29.05
N ASP A 85 35.98 13.23 29.56
CA ASP A 85 36.15 13.60 30.95
C ASP A 85 34.93 13.29 31.81
N VAL A 86 33.82 12.88 31.20
CA VAL A 86 32.61 12.53 31.92
C VAL A 86 32.14 11.15 31.45
N ILE A 87 31.09 10.65 32.09
CA ILE A 87 30.52 9.34 31.79
C ILE A 87 29.01 9.41 31.98
N SER A 88 28.34 8.34 31.55
CA SER A 88 26.91 8.17 31.80
C SER A 88 26.08 9.33 31.24
N PHE A 89 26.52 9.86 30.10
CA PHE A 89 25.82 10.93 29.41
C PHE A 89 24.88 10.34 28.37
N LEU A 90 23.59 10.67 28.49
CA LEU A 90 22.56 10.19 27.57
C LEU A 90 22.55 11.07 26.33
N SER A 91 23.15 10.57 25.24
CA SER A 91 23.15 11.28 23.97
C SER A 91 21.73 11.46 23.45
N GLY A 93 19.42 12.76 24.79
CA GLY A 93 18.86 13.98 25.33
C GLY A 93 19.38 15.21 24.62
N ILE A 94 20.23 14.99 23.61
CA ILE A 94 20.81 16.11 22.88
C ILE A 94 19.72 16.87 22.13
N ALA A 95 18.87 16.14 21.39
CA ALA A 95 17.86 16.80 20.56
C ALA A 95 16.81 17.51 21.40
N LEU A 96 16.53 17.01 22.61
CA LEU A 96 15.51 17.64 23.45
C LEU A 96 16.00 18.94 24.08
N TYR A 97 17.28 19.05 24.39
CA TYR A 97 17.82 20.33 24.82
C TYR A 97 17.91 21.30 23.65
N LEU A 98 18.65 20.92 22.61
CA LEU A 98 18.84 21.75 21.43
C LEU A 98 17.51 22.40 21.03
N GLY A 99 16.42 21.65 21.16
CA GLY A 99 15.08 22.16 21.00
C GLY A 99 14.52 22.87 22.21
N GLY A 100 15.35 23.14 23.22
CA GLY A 100 14.88 23.88 24.39
C GLY A 100 13.83 23.17 25.22
N LYS A 101 14.21 22.06 25.85
CA LYS A 101 13.28 21.34 26.73
C LYS A 101 13.95 20.80 27.98
N VAL A 102 15.24 21.04 28.19
CA VAL A 102 15.96 20.56 29.37
C VAL A 102 16.42 21.79 30.15
N ALA A 103 15.81 22.01 31.32
CA ALA A 103 16.17 23.15 32.15
C ALA A 103 17.64 23.10 32.55
N ASP A 104 18.01 22.13 33.38
CA ASP A 104 19.39 21.93 33.80
C ASP A 104 19.96 20.71 33.08
N PRO A 105 20.91 20.88 32.17
CA PRO A 105 21.49 19.73 31.46
C PRO A 105 22.32 18.81 32.35
N GLN A 106 22.52 19.16 33.62
CA GLN A 106 23.16 18.22 34.54
C GLN A 106 22.32 16.98 34.78
N GLY A 107 21.03 17.03 34.44
CA GLY A 107 20.18 15.87 34.52
C GLY A 107 20.40 14.83 33.46
N LEU A 108 21.13 15.17 32.40
CA LEU A 108 21.44 14.22 31.34
C LEU A 108 22.54 13.24 31.74
N PHE A 109 23.15 13.43 32.91
CA PHE A 109 24.11 12.49 33.47
C PHE A 109 23.44 11.76 34.63
N TYR A 110 23.54 10.43 34.63
CA TYR A 110 22.95 9.64 35.69
C TYR A 110 23.96 8.98 36.62
N SER A 111 25.20 8.77 36.16
CA SER A 111 26.29 8.30 36.99
C SER A 111 27.46 9.27 36.83
N SER A 112 28.54 9.02 37.57
CA SER A 112 29.69 9.91 37.53
C SER A 112 30.92 9.14 37.97
N PRO A 113 32.12 9.60 37.61
CA PRO A 113 33.34 8.91 38.04
C PRO A 113 33.42 8.76 39.56
N GLU A 114 33.25 9.86 40.30
CA GLU A 114 33.27 9.78 41.76
C GLU A 114 32.32 8.71 42.27
N GLU A 115 31.14 8.59 41.64
CA GLU A 115 30.19 7.55 42.02
C GLU A 115 30.81 6.17 41.82
N LEU A 116 31.44 5.93 40.67
CA LEU A 116 31.98 4.61 40.38
C LEU A 116 33.22 4.32 41.20
N GLN A 117 34.02 5.33 41.51
CA GLN A 117 35.20 5.09 42.34
C GLN A 117 34.82 4.86 43.79
N LYS A 118 33.74 5.49 44.25
CA LYS A 118 33.24 5.21 45.60
C LYS A 118 32.78 3.77 45.72
N LEU A 119 32.15 3.24 44.67
CA LEU A 119 31.72 1.85 44.68
C LEU A 119 32.88 0.88 44.74
N GLY A 120 34.09 1.32 44.40
CA GLY A 120 35.25 0.46 44.53
C GLY A 120 36.10 0.32 43.27
N ALA A 121 35.72 1.01 42.21
CA ALA A 121 36.43 0.93 40.95
C ALA A 121 37.49 2.03 40.87
N ASN A 122 38.52 1.77 40.06
CA ASN A 122 39.56 2.75 39.79
C ASN A 122 39.20 3.46 38.49
N VAL A 123 38.91 4.75 38.58
CA VAL A 123 38.38 5.54 37.47
C VAL A 123 39.50 6.41 36.93
N GLN A 124 39.79 6.26 35.65
CA GLN A 124 40.85 7.00 34.95
C GLN A 124 40.22 7.72 33.76
N MET A 125 39.72 8.93 34.01
CA MET A 125 39.18 9.75 32.93
C MET A 125 40.31 10.29 32.04
N ASN A 126 39.93 10.78 30.87
CA ASN A 126 40.87 11.30 29.88
C ASN A 126 42.03 10.34 29.65
N HIS A 127 41.67 9.17 29.09
CA HIS A 127 42.64 8.11 28.84
C HIS A 127 42.27 7.43 27.54
N ASN A 128 43.19 7.47 26.57
CA ASN A 128 43.03 6.73 25.32
C ASN A 128 43.71 5.37 25.46
N VAL A 129 43.01 4.32 25.06
CA VAL A 129 43.56 2.97 25.05
C VAL A 129 44.20 2.74 23.69
N LEU A 130 45.53 2.57 23.68
CA LEU A 130 46.28 2.55 22.43
C LEU A 130 46.50 1.14 21.88
N ALA A 131 46.28 0.10 22.68
CA ALA A 131 46.48 -1.25 22.18
C ALA A 131 46.02 -2.26 23.22
N ILE A 132 45.51 -3.39 22.73
CA ILE A 132 45.15 -4.53 23.55
C ILE A 132 45.97 -5.72 23.09
N ASP A 133 46.58 -6.44 24.03
CA ASP A 133 47.39 -7.62 23.71
C ASP A 133 46.71 -8.85 24.27
N PRO A 134 45.86 -9.52 23.50
CA PRO A 134 45.11 -10.67 24.04
C PRO A 134 46.00 -11.81 24.51
N ASP A 135 46.74 -12.43 23.57
CA ASP A 135 47.56 -13.58 23.92
C ASP A 135 48.47 -13.29 25.11
N GLN A 136 48.96 -12.05 25.21
CA GLN A 136 49.65 -11.62 26.42
C GLN A 136 48.69 -11.11 27.48
N LYS A 137 47.42 -10.90 27.13
CA LYS A 137 46.41 -10.39 28.05
C LYS A 137 46.87 -9.08 28.70
N THR A 138 47.23 -8.12 27.86
CA THR A 138 47.67 -6.82 28.32
C THR A 138 47.04 -5.74 27.45
N VAL A 139 46.98 -4.53 28.00
CA VAL A 139 46.47 -3.36 27.29
C VAL A 139 47.40 -2.19 27.57
N THR A 140 47.65 -1.39 26.54
CA THR A 140 48.51 -0.22 26.65
C THR A 140 47.66 1.03 26.44
N VAL A 141 47.75 1.98 27.37
CA VAL A 141 46.93 3.17 27.36
C VAL A 141 47.82 4.40 27.54
N GLU A 142 47.30 5.54 27.08
CA GLU A 142 47.97 6.82 27.23
C GLU A 142 47.10 7.75 28.07
N ASP A 143 47.70 8.31 29.13
CA ASP A 143 47.05 9.37 29.88
C ASP A 143 46.97 10.61 29.00
N LEU A 144 45.76 10.93 28.53
CA LEU A 144 45.60 12.08 27.65
C LEU A 144 46.01 13.38 28.31
N THR A 145 46.19 13.40 29.63
CA THR A 145 46.52 14.66 30.31
C THR A 145 48.00 14.99 30.20
N ASN A 146 48.87 13.98 30.02
CA ASN A 146 50.29 14.25 29.92
C ASN A 146 51.00 13.29 28.97
N HIS A 147 50.26 12.62 28.08
CA HIS A 147 50.80 11.72 27.07
C HIS A 147 51.51 10.52 27.66
N ALA A 148 51.55 10.38 28.99
CA ALA A 148 52.26 9.28 29.61
C ALA A 148 51.59 7.95 29.27
N GLN A 149 52.39 6.95 28.91
CA GLN A 149 51.91 5.64 28.54
C GLN A 149 52.32 4.61 29.59
N THR A 150 51.40 3.70 29.91
CA THR A 150 51.68 2.61 30.81
C THR A 150 51.03 1.34 30.27
N THR A 151 51.50 0.19 30.75
CA THR A 151 50.99 -1.10 30.33
C THR A 151 50.58 -1.90 31.55
N GLU A 152 49.33 -2.36 31.57
CA GLU A 152 48.77 -3.08 32.70
C GLU A 152 48.27 -4.44 32.25
N SER A 153 48.26 -5.40 33.17
CA SER A 153 47.75 -6.74 32.93
C SER A 153 46.32 -6.85 33.41
N TYR A 154 45.55 -7.72 32.76
CA TYR A 154 44.16 -7.94 33.10
C TYR A 154 43.88 -9.44 33.16
N ASP A 155 42.94 -9.82 34.03
CA ASP A 155 42.39 -11.17 33.97
C ASP A 155 41.24 -11.23 32.97
N LYS A 156 40.30 -10.30 33.07
CA LYS A 156 39.21 -10.14 32.14
C LYS A 156 39.20 -8.72 31.60
N LEU A 157 38.78 -8.58 30.35
CA LEU A 157 38.64 -7.28 29.70
C LEU A 157 37.21 -7.11 29.20
N VAL A 158 36.65 -5.92 29.43
CA VAL A 158 35.30 -5.59 29.01
C VAL A 158 35.40 -4.47 27.98
N MET A 159 35.05 -4.79 26.72
CA MET A 159 35.16 -3.85 25.62
C MET A 159 33.84 -3.10 25.47
N THR A 160 33.72 -1.98 26.19
CA THR A 160 32.59 -1.07 26.06
C THR A 160 32.99 0.21 25.32
N SER A 161 33.78 0.05 24.26
CA SER A 161 34.26 1.19 23.48
C SER A 161 33.16 1.84 22.64
N GLY A 162 31.98 1.25 22.58
CA GLY A 162 30.86 1.89 21.89
C GLY A 162 31.12 2.06 20.41
N SER A 163 30.62 3.17 19.87
CA SER A 163 30.68 3.47 18.45
C SER A 163 31.14 4.90 18.25
N TRP A 164 31.26 5.29 16.98
CA TRP A 164 31.64 6.63 16.57
C TRP A 164 30.89 6.99 15.30
N PRO A 165 30.42 8.23 15.18
CA PRO A 165 29.60 8.59 14.01
C PRO A 165 30.33 8.33 12.70
N ILE A 166 29.59 7.84 11.71
CA ILE A 166 30.16 7.59 10.40
C ILE A 166 30.52 8.90 9.74
N VAL A 167 31.67 8.95 9.09
CA VAL A 167 32.15 10.16 8.42
C VAL A 167 32.43 9.84 6.96
N PRO A 168 32.09 10.73 6.02
CA PRO A 168 32.28 10.41 4.60
C PRO A 168 33.64 10.85 4.05
N LYS A 169 34.30 9.96 3.30
CA LYS A 169 35.49 10.36 2.56
C LYS A 169 35.08 11.35 1.47
N ILE A 170 35.10 12.64 1.80
CA ILE A 170 34.51 13.66 0.93
C ILE A 170 35.39 14.90 0.88
N PRO A 171 35.17 15.81 -0.07
CA PRO A 171 35.89 17.10 -0.05
C PRO A 171 35.12 18.17 0.71
N GLY A 172 35.75 18.76 1.73
CA GLY A 172 35.11 19.76 2.57
C GLY A 172 34.62 19.27 3.90
N ILE A 173 34.84 17.99 4.23
CA ILE A 173 34.30 17.42 5.46
C ILE A 173 35.02 17.94 6.69
N ASP A 174 36.19 18.57 6.53
CA ASP A 174 36.95 19.07 7.67
C ASP A 174 36.49 20.44 8.17
N SER A 175 35.48 21.02 7.52
CA SER A 175 35.02 22.36 7.88
C SER A 175 34.63 22.43 9.36
N ASP A 176 34.69 23.63 9.92
CA ASP A 176 34.14 23.87 11.26
C ASP A 176 32.64 24.11 11.23
N ARG A 177 32.03 24.17 10.05
CA ARG A 177 30.58 24.21 9.92
C ARG A 177 29.97 22.81 9.84
N VAL A 178 30.77 21.79 9.57
CA VAL A 178 30.31 20.41 9.59
C VAL A 178 30.50 19.86 10.99
N LYS A 179 29.41 19.49 11.64
CA LYS A 179 29.42 19.11 13.04
C LYS A 179 28.95 17.67 13.23
N LEU A 180 29.49 17.02 14.25
CA LEU A 180 29.02 15.73 14.70
C LEU A 180 28.09 15.91 15.89
N CYS A 181 27.42 14.82 16.27
CA CYS A 181 26.46 14.87 17.37
C CYS A 181 26.32 13.52 18.06
N LYS A 182 27.29 13.17 18.90
CA LYS A 182 27.24 11.92 19.65
C LYS A 182 27.36 12.09 21.15
N ASN A 183 28.23 12.99 21.62
CA ASN A 183 28.53 13.01 23.05
C ASN A 183 28.40 14.39 23.68
N TRP A 184 28.85 14.52 24.92
CA TRP A 184 28.74 15.76 25.67
C TRP A 184 29.47 16.90 24.98
N ALA A 185 30.69 16.64 24.49
CA ALA A 185 31.44 17.69 23.80
C ALA A 185 30.67 18.20 22.59
N HIS A 186 30.20 17.28 21.75
CA HIS A 186 29.45 17.68 20.56
C HIS A 186 28.21 18.49 20.94
N ALA A 187 27.57 18.13 22.05
CA ALA A 187 26.33 18.81 22.45
C ALA A 187 26.59 20.27 22.80
N GLN A 188 27.62 20.52 23.62
CA GLN A 188 27.93 21.89 24.01
C GLN A 188 28.34 22.72 22.79
N ALA A 189 29.09 22.12 21.87
CA ALA A 189 29.48 22.84 20.66
C ALA A 189 28.24 23.24 19.85
N LEU A 190 27.31 22.30 19.68
CA LEU A 190 26.07 22.61 18.96
C LEU A 190 25.17 23.51 19.78
N ILE A 191 25.25 23.43 21.11
CA ILE A 191 24.44 24.33 21.95
C ILE A 191 24.97 25.74 21.89
N GLU A 192 26.28 25.91 21.80
CA GLU A 192 26.86 27.25 21.70
C GLU A 192 26.69 27.82 20.29
N ASP A 193 27.03 27.03 19.28
CA ASP A 193 26.95 27.49 17.89
C ASP A 193 25.57 27.15 17.30
N ALA A 194 24.54 27.77 17.89
CA ALA A 194 23.18 27.55 17.44
C ALA A 194 22.31 28.76 17.77
N LYS A 195 22.83 29.67 18.58
CA LYS A 195 22.08 30.86 18.93
C LYS A 195 22.10 31.92 17.83
N GLU A 196 23.06 31.82 16.90
CA GLU A 196 23.13 32.71 15.75
C GLU A 196 22.83 32.00 14.44
N ALA A 197 23.27 30.75 14.30
CA ALA A 197 23.10 30.01 13.05
C ALA A 197 21.63 29.90 12.66
N LYS A 198 21.21 30.73 11.71
CA LYS A 198 19.82 30.70 11.26
C LYS A 198 19.54 29.47 10.41
N ARG A 199 20.41 29.16 9.47
CA ARG A 199 20.23 28.01 8.60
C ARG A 199 20.96 26.80 9.16
N ILE A 200 20.25 25.68 9.29
CA ILE A 200 20.81 24.43 9.79
C ILE A 200 20.39 23.32 8.84
N THR A 201 21.35 22.46 8.48
CA THR A 201 21.11 21.36 7.55
C THR A 201 21.51 20.05 8.23
N VAL A 202 20.59 19.11 8.29
CA VAL A 202 20.82 17.78 8.85
C VAL A 202 21.08 16.83 7.69
N ILE A 203 22.12 16.00 7.83
CA ILE A 203 22.55 15.09 6.79
C ILE A 203 22.24 13.67 7.26
N GLY A 204 21.22 13.07 6.66
CA GLY A 204 20.76 11.75 7.06
C GLY A 204 19.25 11.73 7.24
N ALA A 205 18.65 10.53 7.13
CA ALA A 205 17.21 10.39 7.26
C ALA A 205 16.82 9.49 8.42
N GLY A 206 17.69 9.35 9.42
CA GLY A 206 17.52 8.41 10.49
C GLY A 206 16.90 9.02 11.73
N TYR A 207 17.04 8.30 12.83
CA TYR A 207 16.46 8.76 14.09
C TYR A 207 17.06 10.10 14.51
N ILE A 208 18.39 10.19 14.56
CA ILE A 208 19.03 11.43 14.99
C ILE A 208 18.64 12.58 14.09
N ALA A 209 18.74 12.38 12.77
CA ALA A 209 18.42 13.44 11.83
C ALA A 209 16.98 13.93 12.00
N ALA A 210 16.04 12.99 12.11
CA ALA A 210 14.63 13.36 12.23
C ALA A 210 14.38 14.19 13.48
N GLU A 211 15.06 13.87 14.58
CA GLU A 211 14.83 14.57 15.83
C GLU A 211 15.55 15.91 15.89
N LEU A 212 16.76 15.99 15.32
CA LEU A 212 17.43 17.28 15.22
C LEU A 212 16.64 18.26 14.36
N ALA A 213 16.12 17.78 13.23
CA ALA A 213 15.33 18.65 12.37
C ALA A 213 14.10 19.18 13.10
N GLU A 214 13.47 18.34 13.92
CA GLU A 214 12.26 18.76 14.63
C GLU A 214 12.59 19.78 15.71
N ALA A 215 13.63 19.52 16.50
CA ALA A 215 14.02 20.45 17.55
C ALA A 215 14.36 21.82 16.98
N TYR A 216 15.29 21.86 16.02
CA TYR A 216 15.67 23.13 15.41
C TYR A 216 14.49 23.80 14.72
N SER A 217 13.70 23.03 13.96
CA SER A 217 12.58 23.61 13.24
C SER A 217 11.60 24.27 14.19
N THR A 218 11.33 23.64 15.33
CA THR A 218 10.39 24.20 16.29
C THR A 218 10.93 25.43 17.01
N THR A 219 12.17 25.82 16.76
CA THR A 219 12.83 26.94 17.43
C THR A 219 13.37 27.93 16.41
N GLY A 220 12.55 28.30 15.44
CA GLY A 220 12.90 29.31 14.46
C GLY A 220 14.21 29.08 13.74
N HIS A 221 14.26 28.03 12.92
CA HIS A 221 15.44 27.71 12.13
C HIS A 221 15.02 27.34 10.72
N ASP A 222 15.86 27.68 9.75
CA ASP A 222 15.71 27.21 8.38
C ASP A 222 16.31 25.81 8.31
N VAL A 223 15.45 24.80 8.37
CA VAL A 223 15.86 23.40 8.47
C VAL A 223 15.84 22.78 7.09
N THR A 224 16.96 22.19 6.69
CA THR A 224 17.06 21.40 5.47
C THR A 224 17.63 20.03 5.83
N LEU A 225 16.89 18.98 5.49
CA LEU A 225 17.31 17.61 5.76
C LEU A 225 17.68 16.97 4.42
N ILE A 226 18.96 16.69 4.24
CA ILE A 226 19.48 16.08 3.02
C ILE A 226 19.80 14.62 3.33
N ALA A 227 19.02 13.71 2.76
CA ALA A 227 19.21 12.28 2.95
C ALA A 227 19.28 11.58 1.61
N ARG A 228 20.15 10.56 1.51
CA ARG A 228 20.24 9.79 0.28
C ARG A 228 19.11 8.79 0.17
N SER A 229 18.69 8.21 1.29
CA SER A 229 17.50 7.36 1.30
C SER A 229 16.28 8.18 0.94
N ALA A 230 15.40 7.58 0.12
CA ALA A 230 14.26 8.31 -0.41
C ALA A 230 13.19 8.61 0.63
N ARG A 231 13.26 7.99 1.81
CA ARG A 231 12.28 8.24 2.86
C ARG A 231 13.00 8.41 4.19
N VAL A 232 12.56 9.39 4.97
CA VAL A 232 13.16 9.63 6.28
C VAL A 232 12.89 8.44 7.18
N MET A 233 13.95 7.88 7.75
CA MET A 233 13.83 6.77 8.69
C MET A 233 13.27 5.53 7.98
N ARG A 234 13.85 5.19 6.83
CA ARG A 234 13.38 4.05 6.07
C ARG A 234 13.52 2.76 6.85
N LYS A 235 14.51 2.67 7.74
CA LYS A 235 14.82 1.43 8.44
C LYS A 235 13.83 1.12 9.56
N TYR A 236 12.91 2.03 9.89
CA TYR A 236 12.06 1.85 11.06
C TYR A 236 10.57 1.85 10.75
N PHE A 237 10.13 2.48 9.66
CA PHE A 237 8.70 2.56 9.35
C PHE A 237 8.49 2.38 7.86
N ASP A 238 7.52 1.55 7.49
CA ASP A 238 7.16 1.39 6.09
C ASP A 238 6.63 2.71 5.55
N ALA A 239 6.51 2.79 4.22
CA ALA A 239 6.26 4.06 3.57
C ALA A 239 5.01 4.77 4.09
N ASP A 240 4.05 4.02 4.63
CA ASP A 240 2.78 4.62 5.03
C ASP A 240 2.95 5.56 6.22
N PHE A 241 3.78 5.17 7.19
CA PHE A 241 3.98 6.01 8.36
C PHE A 241 4.80 7.25 8.02
N THR A 242 5.84 7.09 7.19
CA THR A 242 6.76 8.19 6.94
C THR A 242 6.11 9.31 6.12
N ASP A 243 5.20 8.96 5.20
CA ASP A 243 4.55 9.98 4.40
C ASP A 243 3.87 11.02 5.28
N VAL A 244 3.17 10.57 6.32
CA VAL A 244 2.63 11.51 7.30
C VAL A 244 3.75 12.29 7.97
N ILE A 245 4.85 11.61 8.28
CA ILE A 245 5.98 12.28 8.91
C ILE A 245 6.60 13.30 7.97
N GLU A 246 6.87 12.90 6.72
CA GLU A 246 7.46 13.82 5.76
C GLU A 246 6.54 15.01 5.53
N GLN A 247 5.24 14.78 5.40
CA GLN A 247 4.30 15.88 5.27
C GLN A 247 4.32 16.76 6.51
N ASP A 248 4.40 16.15 7.70
CA ASP A 248 4.52 16.91 8.93
C ASP A 248 5.69 17.89 8.84
N TYR A 249 6.81 17.46 8.24
CA TYR A 249 7.95 18.35 8.10
C TYR A 249 7.63 19.50 7.15
N ARG A 250 6.97 19.20 6.03
CA ARG A 250 6.60 20.26 5.10
C ARG A 250 5.62 21.23 5.73
N ASP A 251 4.63 20.71 6.47
CA ASP A 251 3.73 21.58 7.21
C ASP A 251 4.51 22.58 8.08
N HIS A 252 5.67 22.17 8.59
CA HIS A 252 6.45 23.03 9.47
C HIS A 252 7.61 23.73 8.77
N GLY A 253 7.63 23.73 7.43
CA GLY A 253 8.60 24.49 6.68
C GLY A 253 9.96 23.82 6.48
N VAL A 254 10.13 22.59 6.94
CA VAL A 254 11.41 21.90 6.72
C VAL A 254 11.55 21.57 5.24
N GLN A 255 12.75 21.78 4.71
CA GLN A 255 13.05 21.49 3.31
C GLN A 255 13.70 20.11 3.25
N LEU A 256 13.07 19.19 2.54
CA LEU A 256 13.53 17.81 2.46
C LEU A 256 14.25 17.60 1.15
N ALA A 257 15.52 17.18 1.23
CA ALA A 257 16.32 16.85 0.06
C ALA A 257 16.60 15.34 0.08
N LEU A 258 15.55 14.57 -0.15
CA LEU A 258 15.61 13.12 -0.07
C LEU A 258 15.93 12.51 -1.43
N GLY A 259 16.66 11.40 -1.42
CA GLY A 259 17.13 10.80 -2.65
C GLY A 259 18.30 11.52 -3.27
N GLU A 260 19.14 12.16 -2.47
CA GLU A 260 20.29 12.90 -2.97
C GLU A 260 21.53 12.52 -2.16
N THR A 261 22.69 12.64 -2.81
CA THR A 261 23.97 12.36 -2.17
C THR A 261 24.85 13.59 -2.28
N VAL A 262 25.43 13.99 -1.14
CA VAL A 262 26.25 15.19 -1.09
C VAL A 262 27.59 14.93 -1.75
N GLU A 263 27.85 15.62 -2.86
CA GLU A 263 29.14 15.48 -3.53
C GLU A 263 30.26 16.07 -2.69
N SER A 264 30.00 17.21 -2.03
CA SER A 264 31.06 17.90 -1.30
C SER A 264 30.47 19.09 -0.57
N PHE A 265 31.22 19.59 0.41
CA PHE A 265 30.95 20.85 1.07
C PHE A 265 32.00 21.87 0.64
N THR A 266 31.56 23.07 0.30
CA THR A 266 32.46 24.12 -0.18
C THR A 266 32.20 25.39 0.61
N ASP A 267 33.21 25.85 1.35
CA ASP A 267 33.11 27.13 2.06
C ASP A 267 32.86 28.26 1.07
N SER A 268 31.64 28.79 1.08
CA SER A 268 31.27 29.89 0.22
C SER A 268 31.36 31.21 0.98
N ALA A 269 31.13 32.31 0.28
CA ALA A 269 31.14 33.62 0.89
C ALA A 269 30.07 33.73 1.97
N THR A 270 28.80 33.64 1.56
CA THR A 270 27.68 33.81 2.48
C THR A 270 27.30 32.53 3.21
N GLY A 271 28.23 31.58 3.36
CA GLY A 271 27.97 30.37 4.10
C GLY A 271 28.64 29.19 3.43
N LEU A 272 28.30 27.99 3.91
CA LEU A 272 28.86 26.75 3.38
C LEU A 272 27.90 26.17 2.34
N THR A 273 28.44 25.92 1.14
CA THR A 273 27.65 25.38 0.05
C THR A 273 27.77 23.87 0.02
N ILE A 274 26.62 23.19 0.01
CA ILE A 274 26.54 21.74 -0.01
C ILE A 274 26.04 21.32 -1.38
N LYS A 275 26.82 20.49 -2.07
CA LYS A 275 26.53 20.09 -3.44
C LYS A 275 26.14 18.62 -3.48
N THR A 276 25.06 18.31 -4.20
CA THR A 276 24.61 16.95 -4.41
C THR A 276 24.56 16.66 -5.91
N ASP A 277 23.92 15.54 -6.26
CA ASP A 277 23.81 15.14 -7.66
C ASP A 277 22.66 15.83 -8.39
N LYS A 278 21.74 16.47 -7.67
CA LYS A 278 20.58 17.11 -8.27
C LYS A 278 20.38 18.55 -7.80
N ASN A 279 21.31 19.09 -7.00
CA ASN A 279 21.10 20.41 -6.44
C ASN A 279 22.32 20.91 -5.66
N SER A 280 22.19 22.08 -5.05
CA SER A 280 23.21 22.63 -4.19
C SER A 280 22.52 23.47 -3.12
N TYR A 281 23.05 23.43 -1.89
CA TYR A 281 22.34 24.00 -0.76
C TYR A 281 23.27 24.88 0.07
N GLU A 282 22.68 25.94 0.64
CA GLU A 282 23.41 26.93 1.42
C GLU A 282 22.92 26.86 2.86
N THR A 283 23.86 26.69 3.80
CA THR A 283 23.52 26.59 5.21
C THR A 283 24.61 27.24 6.03
N ASP A 284 24.29 27.49 7.31
CA ASP A 284 25.28 27.97 8.27
C ASP A 284 25.86 26.84 9.10
N LEU A 285 25.19 25.69 9.16
CA LEU A 285 25.65 24.57 9.97
C LEU A 285 25.09 23.28 9.39
N ALA A 286 25.95 22.28 9.24
CA ALA A 286 25.57 20.97 8.73
C ALA A 286 25.89 19.92 9.78
N ILE A 287 24.86 19.24 10.28
CA ILE A 287 25.01 18.22 11.31
C ILE A 287 24.92 16.86 10.66
N LEU A 288 25.93 16.02 10.92
CA LEU A 288 26.04 14.71 10.29
C LEU A 288 25.25 13.68 11.09
N CYS A 289 24.25 13.07 10.45
CA CYS A 289 23.42 12.04 11.07
C CYS A 289 23.33 10.85 10.11
N ILE A 290 24.48 10.32 9.72
CA ILE A 290 24.57 9.29 8.70
C ILE A 290 24.64 7.88 9.27
N GLY A 291 24.80 7.74 10.58
CA GLY A 291 24.89 6.44 11.22
C GLY A 291 26.15 6.31 12.05
N PHE A 292 26.28 5.15 12.68
CA PHE A 292 27.40 4.87 13.56
C PHE A 292 28.17 3.65 13.09
N ARG A 293 29.45 3.62 13.44
CA ARG A 293 30.32 2.49 13.18
C ARG A 293 30.95 2.01 14.48
N PRO A 294 31.04 0.70 14.69
CA PRO A 294 31.63 0.20 15.93
C PRO A 294 33.03 0.76 16.15
N ASN A 295 33.31 1.10 17.41
CA ASN A 295 34.62 1.62 17.81
C ASN A 295 35.51 0.48 18.32
N THR A 296 35.82 -0.44 17.40
CA THR A 296 36.48 -1.69 17.76
C THR A 296 37.75 -1.93 16.95
N ASP A 297 38.45 -0.85 16.57
CA ASP A 297 39.75 -1.02 15.93
C ASP A 297 40.78 -1.62 16.88
N LEU A 298 40.58 -1.46 18.19
CA LEU A 298 41.52 -2.00 19.16
C LEU A 298 41.66 -3.51 19.07
N LEU A 299 40.68 -4.20 18.47
CA LEU A 299 40.72 -5.65 18.36
C LEU A 299 40.52 -6.13 16.93
N LYS A 300 40.55 -5.24 15.95
CA LYS A 300 40.37 -5.62 14.54
C LYS A 300 41.36 -6.72 14.16
N GLY A 301 40.85 -7.93 13.96
CA GLY A 301 41.70 -9.07 13.66
C GLY A 301 42.10 -9.90 14.85
N LYS A 302 41.58 -9.60 16.05
CA LYS A 302 41.89 -10.34 17.26
C LYS A 302 40.71 -11.08 17.84
N VAL A 303 39.47 -10.68 17.51
CA VAL A 303 38.27 -11.41 17.87
C VAL A 303 37.34 -11.43 16.67
N ASP A 304 36.48 -12.45 16.61
CA ASP A 304 35.53 -12.56 15.51
C ASP A 304 34.66 -11.31 15.45
N MET A 305 34.60 -10.70 14.27
CA MET A 305 33.87 -9.46 14.07
C MET A 305 32.93 -9.59 12.88
N ALA A 306 31.87 -8.80 12.90
CA ALA A 306 30.96 -8.70 11.78
C ALA A 306 31.63 -7.88 10.67
N PRO A 307 31.09 -7.91 9.45
CA PRO A 307 31.72 -7.16 8.36
C PRO A 307 31.89 -5.68 8.64
N ASN A 308 31.19 -5.12 9.63
CA ASN A 308 31.33 -3.71 9.97
C ASN A 308 32.17 -3.49 11.22
N GLY A 309 32.82 -4.53 11.74
CA GLY A 309 33.66 -4.40 12.91
C GLY A 309 32.98 -4.69 14.23
N ALA A 310 31.68 -4.96 14.23
CA ALA A 310 30.99 -5.26 15.47
C ALA A 310 31.46 -6.59 16.05
N ILE A 311 31.73 -6.61 17.34
CA ILE A 311 32.27 -7.79 17.99
C ILE A 311 31.18 -8.85 18.08
N ILE A 312 31.46 -10.04 17.54
CA ILE A 312 30.53 -11.16 17.60
C ILE A 312 30.68 -11.85 18.94
N THR A 313 29.58 -11.96 19.68
CA THR A 313 29.57 -12.56 21.00
C THR A 313 28.66 -13.79 21.02
N ASP A 314 28.62 -14.46 22.17
CA ASP A 314 27.69 -15.53 22.41
C ASP A 314 26.61 -15.05 23.37
N ASP A 315 25.73 -15.96 23.81
CA ASP A 315 24.61 -15.58 24.64
C ASP A 315 25.05 -14.98 25.98
N TYR A 316 26.32 -15.10 26.33
CA TYR A 316 26.83 -14.56 27.58
C TYR A 316 27.77 -13.38 27.37
N MET A 317 27.80 -12.82 26.16
CA MET A 317 28.56 -11.62 25.81
C MET A 317 30.05 -11.89 25.63
N ARG A 318 30.45 -13.16 25.56
CA ARG A 318 31.86 -13.50 25.38
C ARG A 318 32.25 -13.36 23.92
N SER A 319 33.35 -12.65 23.67
CA SER A 319 33.90 -12.54 22.33
C SER A 319 34.52 -13.87 21.91
N SER A 320 35.06 -13.91 20.70
CA SER A 320 35.76 -15.11 20.25
C SER A 320 36.92 -15.44 21.17
N ASN A 321 37.48 -14.44 21.84
CA ASN A 321 38.40 -14.68 22.94
C ASN A 321 37.61 -14.70 24.24
N PRO A 322 37.61 -15.81 24.99
CA PRO A 322 36.73 -15.89 26.16
C PRO A 322 36.98 -14.82 27.21
N ASP A 323 38.24 -14.46 27.45
CA ASP A 323 38.56 -13.46 28.45
C ASP A 323 38.18 -12.05 28.04
N ILE A 324 37.56 -11.86 26.88
CA ILE A 324 37.20 -10.54 26.38
C ILE A 324 35.69 -10.50 26.22
N PHE A 325 35.03 -9.67 27.01
CA PHE A 325 33.61 -9.43 26.89
C PHE A 325 33.35 -8.11 26.17
N ALA A 326 32.16 -8.01 25.56
CA ALA A 326 31.77 -6.82 24.83
C ALA A 326 30.30 -6.54 25.07
N ALA A 327 29.97 -5.25 25.20
CA ALA A 327 28.60 -4.83 25.41
C ALA A 327 28.39 -3.46 24.82
N GLY A 328 27.18 -3.22 24.31
CA GLY A 328 26.84 -1.92 23.77
C GLY A 328 27.13 -1.76 22.29
N ASP A 329 27.52 -0.54 21.90
CA ASP A 329 27.73 -0.21 20.49
C ASP A 329 28.98 -0.85 19.90
N SER A 330 29.78 -1.58 20.69
CA SER A 330 30.94 -2.27 20.16
C SER A 330 30.62 -3.68 19.69
N ALA A 331 29.53 -4.27 20.14
CA ALA A 331 29.17 -5.64 19.83
C ALA A 331 27.94 -5.68 18.93
N ALA A 332 27.74 -6.84 18.30
CA ALA A 332 26.52 -7.12 17.58
C ALA A 332 25.45 -7.58 18.57
N VAL A 333 24.25 -7.87 18.05
CA VAL A 333 23.15 -8.33 18.87
C VAL A 333 22.35 -9.37 18.10
N HIS A 334 21.76 -10.31 18.82
CA HIS A 334 20.91 -11.34 18.23
C HIS A 334 19.54 -10.74 17.95
N TYR A 335 19.21 -10.59 16.67
CA TYR A 335 17.92 -10.02 16.27
C TYR A 335 16.88 -11.13 16.27
N ASN A 336 16.15 -11.26 17.38
CA ASN A 336 15.14 -12.30 17.51
C ASN A 336 14.26 -12.43 16.27
N PRO A 337 13.79 -11.36 15.63
CA PRO A 337 12.94 -11.54 14.45
C PRO A 337 13.54 -12.45 13.40
N THR A 338 14.86 -12.36 13.17
CA THR A 338 15.53 -13.20 12.18
C THR A 338 16.43 -14.25 12.81
N HIS A 339 16.84 -14.08 14.07
CA HIS A 339 17.79 -14.96 14.73
C HIS A 339 19.18 -14.84 14.14
N GLN A 340 19.43 -13.75 13.41
CA GLN A 340 20.76 -13.39 12.95
C GLN A 340 21.33 -12.31 13.86
N ASN A 341 22.62 -12.04 13.68
CA ASN A 341 23.28 -10.94 14.37
C ASN A 341 23.16 -9.67 13.53
N ALA A 342 22.57 -8.64 14.11
CA ALA A 342 22.49 -7.32 13.50
C ALA A 342 23.31 -6.33 14.32
N TYR A 343 23.56 -5.17 13.73
CA TYR A 343 24.17 -4.06 14.45
C TYR A 343 23.05 -3.10 14.83
N ILE A 344 22.62 -3.18 16.09
CA ILE A 344 21.51 -2.38 16.59
C ILE A 344 22.03 -1.50 17.73
N PRO A 345 22.70 -0.48 17.44
CA PRO A 345 23.27 0.38 18.50
C PRO A 345 22.22 1.25 19.19
N LEU A 346 21.55 0.65 20.16
CA LEU A 346 20.55 1.33 20.97
C LEU A 346 20.98 1.30 22.43
N ALA A 347 20.61 2.35 23.16
CA ALA A 347 20.94 2.41 24.58
C ALA A 347 20.34 1.22 25.33
N THR A 348 19.15 0.78 24.91
CA THR A 348 18.51 -0.36 25.57
C THR A 348 19.41 -1.60 25.54
N ASN A 349 20.18 -1.79 24.47
CA ASN A 349 21.09 -2.92 24.39
C ASN A 349 22.33 -2.73 25.27
N ALA A 350 22.80 -1.49 25.39
CA ALA A 350 24.01 -1.24 26.19
C ALA A 350 23.75 -1.52 27.67
N VAL A 351 22.66 -0.99 28.21
CA VAL A 351 22.37 -1.19 29.63
C VAL A 351 22.12 -2.66 29.93
N ARG A 352 21.53 -3.39 28.98
CA ARG A 352 21.22 -4.80 29.20
C ARG A 352 22.47 -5.66 29.11
N GLN A 353 23.29 -5.46 28.07
CA GLN A 353 24.49 -6.27 27.92
C GLN A 353 25.50 -5.96 29.02
N GLY A 354 25.60 -4.70 29.42
CA GLY A 354 26.48 -4.36 30.53
C GLY A 354 26.16 -5.14 31.79
N ILE A 355 24.87 -5.34 32.06
CA ILE A 355 24.47 -6.15 33.21
C ILE A 355 24.88 -7.60 32.99
N LEU A 356 24.73 -8.12 31.77
CA LEU A 356 25.07 -9.51 31.51
C LEU A 356 26.57 -9.76 31.58
N VAL A 357 27.37 -8.78 31.18
CA VAL A 357 28.83 -8.91 31.30
C VAL A 357 29.20 -9.12 32.77
N GLY A 358 28.65 -8.29 33.65
CA GLY A 358 28.95 -8.42 35.07
C GLY A 358 28.45 -9.69 35.70
N LYS A 359 27.51 -10.39 35.05
CA LYS A 359 26.96 -11.62 35.61
C LYS A 359 27.63 -12.88 35.04
N ASN A 360 28.02 -12.84 33.77
CA ASN A 360 28.71 -13.94 33.11
C ASN A 360 30.22 -13.75 33.12
N LEU A 361 30.74 -12.92 34.03
CA LEU A 361 32.16 -12.58 34.00
C LEU A 361 33.04 -13.77 34.36
N VAL A 362 32.56 -14.66 35.23
CA VAL A 362 33.35 -15.82 35.63
C VAL A 362 32.87 -17.04 34.87
N LYS A 363 31.61 -17.42 35.07
CA LYS A 363 31.00 -18.53 34.37
C LYS A 363 29.64 -18.11 33.82
N PRO A 364 29.28 -18.57 32.61
CA PRO A 364 27.96 -18.24 32.06
C PRO A 364 26.84 -18.39 33.08
N THR A 365 26.27 -17.25 33.50
CA THR A 365 25.28 -17.21 34.56
C THR A 365 23.88 -16.91 34.06
N VAL A 366 23.72 -15.86 33.25
CA VAL A 366 22.43 -15.48 32.70
C VAL A 366 22.59 -15.24 31.21
N LYS A 367 21.60 -15.70 30.43
CA LYS A 367 21.68 -15.67 28.98
C LYS A 367 21.08 -14.40 28.42
N TYR A 368 21.56 -13.99 27.26
CA TYR A 368 21.03 -12.82 26.56
C TYR A 368 19.80 -13.23 25.76
N MET A 369 18.72 -12.44 25.91
CA MET A 369 17.46 -12.76 25.28
C MET A 369 17.36 -12.31 23.83
N GLY A 370 18.32 -11.53 23.35
CA GLY A 370 18.18 -10.91 22.05
C GLY A 370 17.39 -9.62 22.15
N THR A 371 16.94 -9.15 20.99
CA THR A 371 16.19 -7.89 20.95
C THR A 371 15.37 -7.81 19.68
N GLN A 372 14.22 -7.16 19.77
CA GLN A 372 13.40 -6.82 18.62
C GLN A 372 13.66 -5.39 18.14
N SER A 373 14.64 -4.71 18.73
CA SER A 373 15.00 -3.35 18.34
C SER A 373 13.81 -2.39 18.49
N SER A 374 13.12 -2.51 19.63
CA SER A 374 12.03 -1.59 19.92
C SER A 374 12.56 -0.17 20.05
N SER A 375 11.86 0.78 19.44
CA SER A 375 12.28 2.16 19.44
C SER A 375 11.09 3.05 19.09
N GLY A 376 11.28 4.35 19.26
CA GLY A 376 10.23 5.32 19.01
C GLY A 376 10.67 6.69 19.44
N LEU A 377 9.93 7.68 18.97
CA LEU A 377 10.27 9.08 19.24
C LEU A 377 9.01 9.93 19.21
N ALA A 378 9.16 11.18 19.60
CA ALA A 378 8.09 12.17 19.55
C ALA A 378 8.44 13.22 18.50
N LEU A 379 7.52 13.45 17.56
CA LEU A 379 7.72 14.40 16.48
C LEU A 379 6.43 15.14 16.20
N TYR A 380 6.47 16.46 16.36
CA TYR A 380 5.34 17.35 16.03
C TYR A 380 4.02 16.75 16.51
N ASP A 381 3.91 16.58 17.82
CA ASP A 381 2.73 16.12 18.55
C ASP A 381 2.51 14.62 18.42
N ARG A 382 3.26 13.91 17.57
CA ARG A 382 2.97 12.51 17.28
C ARG A 382 3.91 11.59 18.04
N THR A 383 3.34 10.54 18.62
CA THR A 383 4.10 9.44 19.18
C THR A 383 4.25 8.36 18.11
N ILE A 384 5.48 8.01 17.78
CA ILE A 384 5.78 7.07 16.70
C ILE A 384 6.70 6.00 17.26
N VAL A 385 6.21 4.75 17.27
CA VAL A 385 6.93 3.64 17.87
C VAL A 385 6.97 2.48 16.90
N SER A 386 8.01 1.66 17.02
CA SER A 386 8.18 0.49 16.16
C SER A 386 8.90 -0.60 16.92
N THR A 387 8.81 -1.81 16.40
CA THR A 387 9.51 -2.96 16.95
C THR A 387 9.59 -4.03 15.87
N GLY A 388 10.65 -4.83 15.93
CA GLY A 388 10.83 -5.89 14.96
C GLY A 388 11.02 -5.33 13.55
N LEU A 389 10.65 -6.17 12.58
CA LEU A 389 10.89 -5.89 11.18
C LEU A 389 9.74 -5.11 10.56
N THR A 390 10.06 -4.24 9.61
CA THR A 390 9.06 -3.70 8.70
C THR A 390 8.79 -4.71 7.58
N LEU A 391 7.81 -4.39 6.74
CA LEU A 391 7.54 -5.27 5.60
C LEU A 391 8.60 -5.14 4.53
N ALA A 392 9.10 -3.91 4.30
CA ALA A 392 10.14 -3.70 3.31
C ALA A 392 11.41 -4.47 3.66
N ALA A 393 11.88 -4.32 4.91
CA ALA A 393 13.06 -5.07 5.34
C ALA A 393 12.83 -6.57 5.25
N ALA A 394 11.64 -7.03 5.66
CA ALA A 394 11.32 -8.44 5.53
C ALA A 394 11.37 -8.88 4.07
N LYS A 395 10.61 -8.20 3.21
CA LYS A 395 10.66 -8.51 1.78
C LYS A 395 12.07 -8.37 1.24
N GLN A 396 12.87 -7.48 1.85
CA GLN A 396 14.24 -7.27 1.38
C GLN A 396 15.15 -8.44 1.74
N GLN A 397 14.99 -8.99 2.95
CA GLN A 397 15.84 -10.06 3.43
C GLN A 397 15.30 -11.44 3.07
N GLY A 398 14.45 -11.54 2.05
CA GLY A 398 13.94 -12.82 1.60
C GLY A 398 13.11 -13.57 2.62
N LEU A 399 12.29 -12.86 3.39
CA LEU A 399 11.46 -13.47 4.42
C LEU A 399 10.01 -13.52 3.97
N ASN A 400 9.35 -14.64 4.25
CA ASN A 400 7.92 -14.78 3.98
C ASN A 400 7.15 -13.84 4.91
N ALA A 401 6.62 -12.75 4.35
CA ALA A 401 5.99 -11.73 5.18
C ALA A 401 4.88 -11.03 4.39
N GLU A 402 3.84 -10.63 5.12
CA GLU A 402 2.78 -9.79 4.59
C GLU A 402 2.53 -8.64 5.57
N GLN A 403 1.48 -7.85 5.39
CA GLN A 403 1.27 -6.73 6.30
C GLN A 403 -0.16 -6.25 6.23
N VAL A 404 -0.65 -5.76 7.37
CA VAL A 404 -1.94 -5.09 7.47
C VAL A 404 -1.72 -3.70 8.04
N ILE A 405 -2.41 -2.72 7.50
CA ILE A 405 -2.40 -1.36 8.02
C ILE A 405 -3.81 -1.03 8.49
N VAL A 406 -3.93 -0.40 9.65
CA VAL A 406 -5.23 -0.11 10.25
C VAL A 406 -5.15 1.23 10.97
N GLU A 407 -6.14 2.08 10.72
CA GLU A 407 -6.32 3.32 11.47
C GLU A 407 -7.63 3.25 12.24
N ASP A 408 -7.60 3.75 13.47
CA ASP A 408 -8.77 3.70 14.32
C ASP A 408 -8.59 4.65 15.49
N ASN A 409 -9.69 5.24 15.93
CA ASN A 409 -9.66 6.03 17.16
C ASN A 409 -9.40 5.11 18.35
N TYR A 410 -8.30 5.36 19.06
CA TYR A 410 -7.87 4.43 20.10
C TYR A 410 -8.94 4.21 21.16
N ARG A 411 -9.86 5.14 21.34
CA ARG A 411 -10.95 4.92 22.28
C ARG A 411 -12.27 5.42 21.70
N PRO A 412 -13.40 5.11 22.33
CA PRO A 412 -14.70 5.36 21.69
C PRO A 412 -14.91 6.84 21.39
N GLU A 413 -15.67 7.10 20.32
CA GLU A 413 -15.90 8.47 19.87
C GLU A 413 -16.82 9.24 20.80
N PHE A 414 -17.67 8.55 21.57
CA PHE A 414 -18.56 9.27 22.48
C PHE A 414 -17.82 9.90 23.65
N MET A 415 -16.56 9.55 23.86
CA MET A 415 -15.76 10.19 24.91
C MET A 415 -15.55 11.66 24.58
N PRO A 416 -15.23 12.48 25.58
CA PRO A 416 -15.00 13.90 25.33
C PRO A 416 -13.94 14.16 24.27
N SER A 417 -13.06 13.18 24.04
CA SER A 417 -12.04 13.31 23.02
C SER A 417 -11.50 11.93 22.67
N THR A 418 -10.86 11.86 21.52
CA THR A 418 -10.18 10.64 21.07
C THR A 418 -9.18 11.03 19.99
N GLU A 419 -8.41 10.05 19.52
CA GLU A 419 -7.38 10.30 18.52
C GLU A 419 -7.26 9.10 17.61
N PRO A 420 -7.12 9.31 16.30
CA PRO A 420 -6.84 8.17 15.41
C PRO A 420 -5.46 7.60 15.69
N VAL A 421 -5.35 6.29 15.47
CA VAL A 421 -4.09 5.57 15.66
C VAL A 421 -3.78 4.81 14.38
N LEU A 422 -2.66 5.13 13.75
CA LEU A 422 -2.21 4.43 12.56
C LEU A 422 -1.32 3.26 12.99
N MET A 423 -1.76 2.04 12.70
CA MET A 423 -1.09 0.84 13.17
C MET A 423 -0.62 -0.01 11.99
N SER A 424 0.47 -0.72 12.20
CA SER A 424 1.03 -1.64 11.22
C SER A 424 1.48 -2.91 11.92
N LEU A 425 1.20 -4.05 11.29
CA LEU A 425 1.62 -5.35 11.81
C LEU A 425 2.20 -6.17 10.66
N VAL A 426 3.47 -6.54 10.81
CA VAL A 426 4.15 -7.38 9.83
C VAL A 426 4.23 -8.80 10.40
N PHE A 427 3.98 -9.79 9.54
CA PHE A 427 3.80 -11.14 10.03
C PHE A 427 4.09 -12.13 8.89
N ASP A 428 4.42 -13.35 9.28
CA ASP A 428 4.56 -14.44 8.32
C ASP A 428 3.17 -14.90 7.90
N PRO A 429 2.81 -14.78 6.62
CA PRO A 429 1.43 -15.08 6.21
C PRO A 429 1.06 -16.55 6.31
N ASP A 430 2.02 -17.45 6.49
CA ASP A 430 1.73 -18.89 6.51
C ASP A 430 1.97 -19.54 7.86
N THR A 431 2.90 -19.03 8.66
CA THR A 431 3.07 -19.51 10.03
C THR A 431 2.31 -18.67 11.04
N HIS A 432 1.82 -17.49 10.64
CA HIS A 432 1.04 -16.56 11.45
C HIS A 432 1.90 -15.80 12.45
N ARG A 433 3.20 -16.07 12.54
CA ARG A 433 4.02 -15.47 13.59
C ARG A 433 4.22 -13.97 13.33
N ILE A 434 4.17 -13.19 14.40
CA ILE A 434 4.36 -11.75 14.30
C ILE A 434 5.84 -11.46 14.08
N LEU A 435 6.14 -10.65 13.06
CA LEU A 435 7.51 -10.28 12.75
C LEU A 435 7.85 -8.85 13.13
N GLY A 436 6.87 -7.98 13.30
CA GLY A 436 7.13 -6.60 13.66
C GLY A 436 5.84 -5.81 13.65
N GLY A 437 5.93 -4.60 14.18
CA GLY A 437 4.76 -3.74 14.26
C GLY A 437 5.16 -2.31 14.54
N ALA A 438 4.21 -1.40 14.28
CA ALA A 438 4.44 0.01 14.51
C ALA A 438 3.11 0.68 14.84
N LEU A 439 3.18 1.75 15.61
CA LEU A 439 2.00 2.52 15.96
C LEU A 439 2.33 4.01 15.90
N MET A 440 1.34 4.81 15.53
CA MET A 440 1.50 6.26 15.46
C MET A 440 0.19 6.93 15.83
N SER A 441 0.27 7.97 16.66
CA SER A 441 -0.91 8.68 17.12
C SER A 441 -0.51 9.87 17.99
N LYS A 442 -1.36 10.91 18.00
CA LYS A 442 -1.13 12.01 18.93
C LYS A 442 -1.28 11.57 20.38
N TYR A 443 -2.02 10.48 20.62
CA TYR A 443 -2.08 9.88 21.95
C TYR A 443 -0.87 9.02 22.20
N ASP A 444 -0.38 9.05 23.45
CA ASP A 444 0.84 8.33 23.80
C ASP A 444 0.63 6.83 23.73
N VAL A 445 0.97 6.23 22.59
CA VAL A 445 0.86 4.79 22.39
C VAL A 445 2.21 4.09 22.58
N SER A 446 3.17 4.76 23.21
CA SER A 446 4.52 4.20 23.34
C SER A 446 4.49 2.81 23.96
N GLN A 447 3.72 2.64 25.05
CA GLN A 447 3.71 1.38 25.77
C GLN A 447 3.32 0.21 24.87
N SER A 448 2.40 0.45 23.93
CA SER A 448 1.94 -0.63 23.07
C SER A 448 3.06 -1.22 22.22
N ALA A 449 4.14 -0.47 21.99
CA ALA A 449 5.29 -1.04 21.30
C ALA A 449 6.02 -2.05 22.18
N ASN A 450 5.94 -1.89 23.51
CA ASN A 450 6.55 -2.86 24.41
C ASN A 450 5.74 -4.16 24.43
N THR A 451 4.41 -4.05 24.39
CA THR A 451 3.58 -5.25 24.34
C THR A 451 3.90 -6.08 23.11
N LEU A 452 4.15 -5.42 21.98
CA LEU A 452 4.52 -6.15 20.77
C LEU A 452 5.85 -6.87 20.95
N SER A 453 6.82 -6.22 21.58
CA SER A 453 8.11 -6.86 21.82
C SER A 453 7.94 -8.16 22.59
N VAL A 454 7.14 -8.14 23.65
CA VAL A 454 6.88 -9.36 24.39
C VAL A 454 6.19 -10.39 23.51
N CYS A 455 5.35 -9.93 22.57
CA CYS A 455 4.75 -10.85 21.61
C CYS A 455 5.81 -11.51 20.74
N ILE A 456 6.75 -10.70 20.23
CA ILE A 456 7.82 -11.25 19.40
C ILE A 456 8.76 -12.09 20.24
N GLN A 457 9.03 -11.67 21.48
CA GLN A 457 9.94 -12.42 22.35
C GLN A 457 9.44 -13.85 22.56
N ASN A 458 8.12 -14.03 22.62
CA ASN A 458 7.52 -15.34 22.85
C ASN A 458 7.04 -16.01 21.55
N GLU A 459 7.40 -15.46 20.39
CA GLU A 459 7.05 -16.03 19.10
C GLU A 459 5.54 -16.13 18.91
N ASN A 460 4.80 -15.18 19.47
CA ASN A 460 3.35 -15.22 19.35
C ASN A 460 2.91 -15.00 17.91
N THR A 461 1.68 -15.41 17.62
CA THR A 461 1.08 -15.29 16.30
C THR A 461 -0.01 -14.22 16.31
N ILE A 462 -0.46 -13.86 15.10
CA ILE A 462 -1.54 -12.89 14.99
C ILE A 462 -2.79 -13.40 15.68
N ASP A 463 -2.97 -14.72 15.73
CA ASP A 463 -4.13 -15.28 16.42
C ASP A 463 -3.99 -15.17 17.93
N ASP A 464 -2.76 -15.29 18.45
CA ASP A 464 -2.53 -15.00 19.86
C ASP A 464 -2.89 -13.55 20.18
N LEU A 465 -2.33 -12.61 19.42
CA LEU A 465 -2.58 -11.20 19.66
C LEU A 465 -4.03 -10.82 19.39
N ALA A 466 -4.71 -11.54 18.50
CA ALA A 466 -6.07 -11.18 18.13
C ALA A 466 -7.05 -11.38 19.29
N MET A 467 -6.74 -12.30 20.19
CA MET A 467 -7.68 -12.67 21.25
C MET A 467 -7.13 -12.53 22.66
N VAL A 468 -5.82 -12.28 22.83
CA VAL A 468 -5.24 -12.27 24.16
C VAL A 468 -5.93 -11.24 25.05
N ASP A 469 -6.05 -11.57 26.33
CA ASP A 469 -6.77 -10.72 27.27
C ASP A 469 -6.13 -9.35 27.36
N MET A 470 -6.94 -8.31 27.13
CA MET A 470 -6.52 -6.93 27.33
C MET A 470 -7.68 -6.16 27.95
N LEU A 471 -7.35 -5.26 28.87
CA LEU A 471 -8.38 -4.58 29.64
C LEU A 471 -9.25 -3.71 28.73
N PHE A 472 -10.44 -3.40 29.23
CA PHE A 472 -11.35 -2.48 28.55
C PHE A 472 -11.92 -1.49 29.57
N GLN A 473 -11.86 -0.20 29.21
CA GLN A 473 -12.52 0.89 29.92
C GLN A 473 -12.54 2.07 28.97
N PRO A 474 -13.68 2.72 28.78
CA PRO A 474 -13.77 3.77 27.74
C PRO A 474 -12.66 4.82 27.83
N ASN A 475 -12.11 5.07 29.03
CA ASN A 475 -11.05 6.06 29.16
C ASN A 475 -9.81 5.67 28.38
N PHE A 476 -9.61 4.37 28.11
CA PHE A 476 -8.36 3.86 27.57
C PHE A 476 -8.49 3.31 26.16
N ASP A 477 -9.48 2.47 25.90
CA ASP A 477 -9.58 1.78 24.61
C ASP A 477 -11.04 1.40 24.37
N ARG A 478 -11.27 0.65 23.29
CA ARG A 478 -12.56 0.06 23.00
C ARG A 478 -12.69 -1.26 23.73
N PRO A 479 -13.84 -1.94 23.63
CA PRO A 479 -13.92 -3.29 24.21
C PRO A 479 -12.75 -4.17 23.83
N PHE A 480 -12.42 -4.21 22.53
CA PHE A 480 -11.19 -4.83 22.07
C PHE A 480 -10.10 -3.76 21.99
N ASN A 481 -8.96 -4.02 22.63
CA ASN A 481 -7.84 -3.11 22.52
C ASN A 481 -7.39 -3.01 21.07
N TYR A 482 -6.94 -1.82 20.67
CA TYR A 482 -6.52 -1.61 19.29
C TYR A 482 -5.45 -2.59 18.84
N LEU A 483 -4.67 -3.14 19.77
CA LEU A 483 -3.73 -4.20 19.41
C LEU A 483 -4.49 -5.47 19.04
N ASN A 484 -5.50 -5.84 19.83
CA ASN A 484 -6.37 -6.94 19.43
C ASN A 484 -6.99 -6.68 18.07
N ILE A 485 -7.53 -5.47 17.88
CA ILE A 485 -8.14 -5.11 16.61
C ILE A 485 -7.10 -5.16 15.49
N LEU A 486 -5.87 -4.73 15.79
CA LEU A 486 -4.83 -4.76 14.77
C LEU A 486 -4.54 -6.18 14.30
N ALA A 487 -4.44 -7.12 15.24
CA ALA A 487 -4.16 -8.51 14.89
C ALA A 487 -5.36 -9.17 14.21
N GLN A 488 -6.58 -8.80 14.61
CA GLN A 488 -7.76 -9.39 13.98
C GLN A 488 -7.81 -9.03 12.50
N ALA A 489 -7.46 -7.78 12.15
CA ALA A 489 -7.40 -7.42 10.75
C ALA A 489 -6.39 -8.27 9.99
N ALA A 490 -5.31 -8.69 10.66
CA ALA A 490 -4.36 -9.58 10.01
C ALA A 490 -4.97 -10.95 9.78
N GLN A 491 -5.81 -11.42 10.72
CA GLN A 491 -6.49 -12.69 10.51
C GLN A 491 -7.38 -12.64 9.28
N ALA A 492 -8.12 -11.55 9.10
CA ALA A 492 -9.00 -11.43 7.95
C ALA A 492 -8.22 -11.51 6.65
N LYS A 493 -7.07 -10.83 6.57
CA LYS A 493 -6.26 -10.88 5.36
C LYS A 493 -5.76 -12.29 5.08
N VAL A 494 -5.37 -13.01 6.13
CA VAL A 494 -4.94 -14.40 5.95
C VAL A 494 -6.07 -15.24 5.38
N ALA A 495 -7.27 -15.13 5.97
CA ALA A 495 -8.40 -15.90 5.46
C ALA A 495 -8.89 -15.38 4.12
N GLN A 496 -8.67 -14.09 3.83
CA GLN A 496 -9.15 -13.53 2.57
C GLN A 496 -8.49 -14.20 1.37
N SER A 497 -7.21 -14.54 1.51
CA SER A 497 -6.45 -15.20 0.44
C SER A 497 -6.31 -16.70 0.69
N VAL A 498 -7.42 -17.36 1.02
CA VAL A 498 -7.42 -18.80 1.24
C VAL A 498 -8.66 -19.42 0.62
N MET B 51 -29.77 -25.46 9.42
CA MET B 51 -29.34 -25.44 10.82
C MET B 51 -30.05 -24.34 11.60
N LYS B 52 -30.58 -24.70 12.77
CA LYS B 52 -31.32 -23.78 13.62
C LYS B 52 -30.45 -23.40 14.83
N VAL B 53 -30.36 -22.09 15.09
CA VAL B 53 -29.60 -21.58 16.22
C VAL B 53 -30.47 -20.57 16.97
N THR B 54 -30.60 -20.78 18.28
CA THR B 54 -31.34 -19.89 19.16
C THR B 54 -30.37 -19.26 20.16
N VAL B 55 -30.43 -17.94 20.27
CA VAL B 55 -29.54 -17.17 21.14
C VAL B 55 -30.40 -16.49 22.20
N VAL B 56 -30.07 -16.73 23.47
CA VAL B 56 -30.82 -16.17 24.59
C VAL B 56 -30.01 -14.98 25.11
N GLY B 57 -30.62 -13.80 25.07
CA GLY B 57 -29.94 -12.59 25.51
C GLY B 57 -28.96 -12.05 24.48
N CYS B 58 -29.04 -10.73 24.21
CA CYS B 58 -28.22 -10.11 23.18
C CYS B 58 -27.82 -8.71 23.66
N THR B 59 -26.75 -8.66 24.45
CA THR B 59 -26.12 -7.41 24.86
C THR B 59 -24.77 -7.27 24.19
N HIS B 60 -23.75 -8.00 24.65
CA HIS B 60 -22.43 -7.97 24.03
C HIS B 60 -22.05 -9.34 23.49
N ALA B 61 -21.86 -10.34 24.36
CA ALA B 61 -21.52 -11.68 23.90
C ALA B 61 -22.51 -12.18 22.84
N GLY B 62 -23.80 -11.87 23.03
CA GLY B 62 -24.78 -12.26 22.03
C GLY B 62 -24.56 -11.56 20.71
N THR B 63 -24.29 -10.26 20.75
CA THR B 63 -24.07 -9.51 19.52
C THR B 63 -22.90 -10.07 18.71
N PHE B 64 -21.81 -10.44 19.39
CA PHE B 64 -20.64 -10.95 18.69
C PHE B 64 -20.89 -12.36 18.16
N ALA B 65 -21.37 -13.25 19.02
CA ALA B 65 -21.67 -14.61 18.56
C ALA B 65 -22.60 -14.58 17.36
N ILE B 66 -23.55 -13.65 17.34
CA ILE B 66 -24.45 -13.50 16.21
C ILE B 66 -23.67 -13.17 14.94
N LYS B 67 -22.92 -12.07 14.97
CA LYS B 67 -22.18 -11.65 13.78
C LYS B 67 -21.19 -12.72 13.33
N GLN B 68 -20.58 -13.42 14.28
CA GLN B 68 -19.63 -14.45 13.92
C GLN B 68 -20.33 -15.64 13.27
N ILE B 69 -21.54 -15.96 13.72
CA ILE B 69 -22.30 -17.05 13.14
C ILE B 69 -22.81 -16.67 11.74
N LEU B 70 -23.42 -15.49 11.63
CA LEU B 70 -23.94 -15.04 10.34
C LEU B 70 -22.84 -15.01 9.28
N ALA B 71 -21.61 -14.65 9.68
CA ALA B 71 -20.51 -14.56 8.73
C ALA B 71 -20.02 -15.96 8.35
N GLU B 72 -19.55 -16.72 9.34
CA GLU B 72 -18.99 -18.04 9.07
C GLU B 72 -20.03 -19.07 8.69
N HIS B 73 -21.31 -18.78 8.84
CA HIS B 73 -22.38 -19.72 8.45
C HIS B 73 -23.58 -18.93 7.96
N PRO B 74 -23.53 -18.43 6.72
CA PRO B 74 -24.70 -17.71 6.17
C PRO B 74 -25.81 -18.66 5.77
N ASP B 75 -25.74 -19.91 6.23
CA ASP B 75 -26.73 -20.93 5.96
C ASP B 75 -27.62 -21.24 7.15
N ALA B 76 -27.03 -21.34 8.34
CA ALA B 76 -27.80 -21.65 9.53
C ALA B 76 -28.88 -20.58 9.77
N GLU B 77 -29.85 -20.94 10.60
CA GLU B 77 -30.98 -20.07 10.92
C GLU B 77 -30.78 -19.53 12.34
N VAL B 78 -30.65 -18.22 12.45
CA VAL B 78 -30.33 -17.56 13.70
C VAL B 78 -31.59 -16.90 14.27
N THR B 79 -31.90 -17.23 15.53
CA THR B 79 -32.97 -16.58 16.27
C THR B 79 -32.40 -16.06 17.59
N VAL B 80 -32.74 -14.83 17.93
CA VAL B 80 -32.19 -14.15 19.10
C VAL B 80 -33.34 -13.56 19.92
N TYR B 81 -33.23 -13.66 21.24
CA TYR B 81 -34.27 -13.19 22.15
C TYR B 81 -33.65 -12.24 23.18
N GLU B 82 -34.33 -11.13 23.43
CA GLU B 82 -33.87 -10.13 24.40
C GLU B 82 -35.08 -9.53 25.10
N ARG B 83 -35.12 -9.67 26.43
CA ARG B 83 -36.14 -8.98 27.22
C ARG B 83 -36.14 -7.50 26.88
N ASN B 84 -34.97 -6.86 26.96
CA ASN B 84 -34.86 -5.43 26.75
C ASN B 84 -35.26 -5.07 25.32
N ASP B 85 -35.33 -3.75 25.08
CA ASP B 85 -35.68 -3.20 23.78
C ASP B 85 -34.47 -2.67 23.02
N VAL B 86 -33.27 -3.02 23.48
CA VAL B 86 -32.04 -2.56 22.82
C VAL B 86 -30.96 -3.63 22.98
N ILE B 87 -29.79 -3.39 22.40
CA ILE B 87 -28.65 -4.30 22.50
C ILE B 87 -27.37 -3.49 22.43
N SER B 88 -26.25 -4.16 22.66
CA SER B 88 -24.92 -3.59 22.49
C SER B 88 -24.64 -2.40 23.41
N PHE B 89 -25.54 -2.11 24.34
CA PHE B 89 -25.33 -0.98 25.23
C PHE B 89 -24.16 -1.25 26.16
N LEU B 90 -23.21 -0.32 26.20
CA LEU B 90 -22.02 -0.44 27.03
C LEU B 90 -22.32 0.11 28.42
N SER B 91 -22.51 -0.79 29.38
CA SER B 91 -22.82 -0.42 30.75
C SER B 91 -21.58 0.12 31.46
N GLY B 93 -20.14 2.83 30.38
CA GLY B 93 -20.19 4.25 30.15
C GLY B 93 -21.19 4.97 31.04
N ILE B 94 -22.05 4.21 31.72
CA ILE B 94 -23.03 4.84 32.60
C ILE B 94 -22.36 5.82 33.55
N ALA B 95 -21.26 5.38 34.17
CA ALA B 95 -20.56 6.24 35.11
C ALA B 95 -20.06 7.51 34.42
N LEU B 96 -19.53 7.38 33.20
CA LEU B 96 -19.11 8.55 32.45
C LEU B 96 -20.30 9.43 32.09
N TYR B 97 -21.41 8.81 31.68
CA TYR B 97 -22.59 9.59 31.31
C TYR B 97 -23.25 10.21 32.54
N LEU B 98 -23.23 9.50 33.67
CA LEU B 98 -23.76 10.08 34.91
C LEU B 98 -22.92 11.25 35.38
N GLY B 99 -21.61 11.19 35.18
CA GLY B 99 -20.72 12.29 35.50
C GLY B 99 -20.69 13.33 34.41
N GLY B 100 -21.65 13.25 33.49
CA GLY B 100 -21.75 14.23 32.43
C GLY B 100 -20.57 14.28 31.49
N LYS B 101 -19.75 13.23 31.49
CA LYS B 101 -18.62 13.15 30.59
C LYS B 101 -18.99 12.64 29.20
N VAL B 102 -20.13 12.00 29.06
CA VAL B 102 -20.64 11.67 27.73
C VAL B 102 -21.54 12.80 27.27
N ALA B 103 -21.75 12.90 25.95
CA ALA B 103 -22.59 13.96 25.40
C ALA B 103 -23.80 13.44 24.63
N ASP B 104 -23.68 12.33 23.93
CA ASP B 104 -24.82 11.72 23.23
C ASP B 104 -24.85 10.24 23.60
N PRO B 105 -25.68 9.85 24.58
CA PRO B 105 -25.73 8.43 24.96
C PRO B 105 -26.07 7.51 23.80
N GLN B 106 -26.55 8.03 22.67
CA GLN B 106 -26.69 7.21 21.48
C GLN B 106 -25.36 6.64 21.00
N GLY B 107 -24.24 7.16 21.49
CA GLY B 107 -22.94 6.59 21.18
C GLY B 107 -22.59 5.39 22.03
N LEU B 108 -23.28 5.18 23.15
CA LEU B 108 -23.08 4.01 23.99
C LEU B 108 -23.65 2.74 23.38
N PHE B 109 -24.18 2.84 22.16
CA PHE B 109 -24.67 1.69 21.41
C PHE B 109 -23.83 1.54 20.15
N TYR B 110 -23.18 0.38 19.99
CA TYR B 110 -22.37 0.12 18.82
C TYR B 110 -23.06 -0.80 17.80
N SER B 111 -24.21 -1.37 18.15
CA SER B 111 -24.97 -2.20 17.23
C SER B 111 -26.45 -1.90 17.42
N SER B 112 -27.31 -2.71 16.82
CA SER B 112 -28.75 -2.50 16.89
C SER B 112 -29.45 -3.75 16.38
N PRO B 113 -30.75 -3.90 16.67
CA PRO B 113 -31.50 -5.00 16.06
C PRO B 113 -31.53 -4.93 14.55
N GLU B 114 -31.78 -3.74 13.99
CA GLU B 114 -31.86 -3.60 12.54
C GLU B 114 -30.61 -4.17 11.87
N GLU B 115 -29.44 -3.63 12.21
CA GLU B 115 -28.20 -4.11 11.61
C GLU B 115 -28.08 -5.63 11.73
N LEU B 116 -28.42 -6.17 12.90
CA LEU B 116 -28.33 -7.62 13.10
C LEU B 116 -29.33 -8.37 12.24
N GLN B 117 -30.53 -7.81 12.07
CA GLN B 117 -31.50 -8.42 11.16
C GLN B 117 -31.05 -8.26 9.71
N LYS B 118 -30.55 -7.08 9.35
CA LYS B 118 -30.02 -6.87 8.01
C LYS B 118 -28.91 -7.85 7.67
N LEU B 119 -28.33 -8.52 8.67
CA LEU B 119 -27.29 -9.51 8.42
C LEU B 119 -27.82 -10.92 8.25
N GLY B 120 -29.11 -11.16 8.51
CA GLY B 120 -29.70 -12.46 8.25
C GLY B 120 -30.24 -13.18 9.48
N ALA B 121 -30.33 -12.46 10.60
CA ALA B 121 -30.80 -13.05 11.85
C ALA B 121 -32.24 -12.66 12.12
N ASN B 122 -32.93 -13.53 12.86
CA ASN B 122 -34.29 -13.26 13.32
C ASN B 122 -34.20 -12.58 14.68
N VAL B 123 -34.54 -11.30 14.72
CA VAL B 123 -34.32 -10.47 15.90
C VAL B 123 -35.67 -10.31 16.60
N GLN B 124 -35.82 -11.02 17.72
CA GLN B 124 -37.05 -10.97 18.51
C GLN B 124 -36.77 -10.14 19.76
N MET B 125 -37.03 -8.83 19.66
CA MET B 125 -36.85 -7.95 20.80
C MET B 125 -38.03 -8.08 21.77
N ASN B 126 -37.82 -7.63 23.00
CA ASN B 126 -38.83 -7.67 24.03
C ASN B 126 -39.44 -9.07 24.16
N HIS B 127 -38.55 -10.06 24.32
CA HIS B 127 -38.95 -11.45 24.49
C HIS B 127 -38.25 -12.03 25.71
N ASN B 128 -39.00 -12.81 26.48
CA ASN B 128 -38.52 -13.43 27.72
C ASN B 128 -38.69 -14.93 27.59
N VAL B 129 -37.63 -15.61 27.13
CA VAL B 129 -37.67 -17.06 27.02
C VAL B 129 -37.99 -17.64 28.39
N LEU B 130 -39.02 -18.47 28.45
CA LEU B 130 -39.55 -18.97 29.71
C LEU B 130 -39.12 -20.40 30.03
N ALA B 131 -38.43 -21.08 29.12
CA ALA B 131 -38.03 -22.45 29.40
C ALA B 131 -37.10 -22.96 28.30
N ILE B 132 -36.19 -23.84 28.70
CA ILE B 132 -35.32 -24.56 27.78
C ILE B 132 -35.54 -26.05 28.01
N ASP B 133 -35.71 -26.80 26.92
CA ASP B 133 -35.89 -28.25 26.98
C ASP B 133 -34.79 -28.90 26.16
N PRO B 134 -33.62 -29.14 26.75
CA PRO B 134 -32.52 -29.74 26.00
C PRO B 134 -32.89 -31.07 25.36
N ASP B 135 -33.33 -32.04 26.18
CA ASP B 135 -33.70 -33.34 25.65
C ASP B 135 -34.62 -33.19 24.44
N GLN B 136 -35.60 -32.29 24.53
CA GLN B 136 -36.44 -32.00 23.37
C GLN B 136 -35.74 -31.07 22.39
N LYS B 137 -34.78 -30.28 22.86
CA LYS B 137 -34.10 -29.29 22.04
C LYS B 137 -35.08 -28.22 21.54
N THR B 138 -35.84 -27.67 22.48
CA THR B 138 -36.80 -26.61 22.21
C THR B 138 -36.66 -25.53 23.27
N VAL B 139 -37.24 -24.36 22.97
CA VAL B 139 -37.23 -23.22 23.89
C VAL B 139 -38.59 -22.56 23.87
N THR B 140 -39.15 -22.33 25.06
CA THR B 140 -40.46 -21.70 25.20
C THR B 140 -40.25 -20.22 25.49
N VAL B 141 -40.66 -19.38 24.55
CA VAL B 141 -40.50 -17.94 24.68
C VAL B 141 -41.88 -17.30 24.79
N GLU B 142 -41.89 -16.03 25.16
CA GLU B 142 -43.13 -15.29 25.39
C GLU B 142 -42.94 -13.85 24.96
N ASP B 143 -43.86 -13.36 24.13
CA ASP B 143 -43.82 -11.96 23.70
C ASP B 143 -44.26 -11.06 24.84
N LEU B 144 -43.43 -10.07 25.19
CA LEU B 144 -43.75 -9.16 26.27
C LEU B 144 -44.76 -8.09 25.86
N THR B 145 -44.95 -7.87 24.55
CA THR B 145 -45.89 -6.87 24.09
C THR B 145 -47.34 -7.36 24.14
N ASN B 146 -47.57 -8.67 24.07
CA ASN B 146 -48.93 -9.19 24.14
C ASN B 146 -49.03 -10.44 25.00
N HIS B 147 -47.97 -10.83 25.69
CA HIS B 147 -47.92 -12.01 26.57
C HIS B 147 -48.05 -13.32 25.82
N ALA B 148 -48.12 -13.30 24.49
CA ALA B 148 -48.23 -14.53 23.72
C ALA B 148 -47.09 -15.48 24.06
N GLN B 149 -47.28 -16.76 23.70
CA GLN B 149 -46.30 -17.78 23.99
C GLN B 149 -46.26 -18.79 22.84
N THR B 150 -45.04 -19.12 22.40
CA THR B 150 -44.81 -20.10 21.35
C THR B 150 -43.72 -21.05 21.79
N THR B 151 -43.36 -21.97 20.91
CA THR B 151 -42.28 -22.91 21.17
C THR B 151 -41.53 -23.18 19.86
N GLU B 152 -40.21 -23.15 19.92
CA GLU B 152 -39.37 -23.30 18.74
C GLU B 152 -38.32 -24.38 18.99
N SER B 153 -38.03 -25.16 17.95
CA SER B 153 -36.97 -26.15 18.00
C SER B 153 -35.65 -25.51 17.60
N TYR B 154 -34.55 -26.11 18.07
CA TYR B 154 -33.23 -25.60 17.78
C TYR B 154 -32.28 -26.77 17.54
N ASP B 155 -31.25 -26.51 16.74
CA ASP B 155 -30.14 -27.45 16.61
C ASP B 155 -28.99 -27.07 17.55
N LYS B 156 -28.66 -25.78 17.61
CA LYS B 156 -27.69 -25.25 18.56
C LYS B 156 -28.29 -24.02 19.22
N LEU B 157 -28.07 -23.90 20.53
CA LEU B 157 -28.55 -22.76 21.31
C LEU B 157 -27.38 -22.10 22.01
N VAL B 158 -27.24 -20.79 21.82
CA VAL B 158 -26.17 -20.01 22.44
C VAL B 158 -26.74 -19.33 23.68
N MET B 159 -26.21 -19.68 24.84
CA MET B 159 -26.72 -19.17 26.12
C MET B 159 -25.92 -17.94 26.50
N THR B 160 -26.43 -16.76 26.11
CA THR B 160 -25.81 -15.50 26.47
C THR B 160 -26.73 -14.68 27.35
N SER B 161 -27.29 -15.30 28.39
CA SER B 161 -28.22 -14.62 29.28
C SER B 161 -27.54 -13.62 30.21
N GLY B 162 -26.21 -13.59 30.24
CA GLY B 162 -25.53 -12.59 31.03
C GLY B 162 -25.69 -12.82 32.52
N SER B 163 -25.80 -11.72 33.26
CA SER B 163 -25.87 -11.75 34.71
C SER B 163 -26.92 -10.75 35.18
N TRP B 164 -27.14 -10.71 36.49
CA TRP B 164 -28.06 -9.77 37.10
C TRP B 164 -27.47 -9.26 38.41
N PRO B 165 -27.69 -7.99 38.74
CA PRO B 165 -27.13 -7.45 39.98
C PRO B 165 -27.58 -8.24 41.20
N ILE B 166 -26.61 -8.58 42.06
CA ILE B 166 -26.94 -9.23 43.32
C ILE B 166 -27.88 -8.33 44.11
N VAL B 167 -29.06 -8.83 44.41
CA VAL B 167 -30.07 -8.08 45.15
C VAL B 167 -30.09 -8.58 46.59
N PRO B 168 -29.95 -7.71 47.59
CA PRO B 168 -29.89 -8.18 48.98
C PRO B 168 -31.26 -8.25 49.63
N LYS B 169 -31.53 -9.35 50.33
CA LYS B 169 -32.75 -9.46 51.12
C LYS B 169 -32.68 -8.48 52.30
N ILE B 170 -33.45 -7.40 52.21
CA ILE B 170 -33.38 -6.33 53.20
C ILE B 170 -34.76 -5.69 53.36
N PRO B 171 -35.13 -5.28 54.57
CA PRO B 171 -36.32 -4.44 54.73
C PRO B 171 -36.06 -3.05 54.16
N GLY B 172 -37.01 -2.57 53.35
CA GLY B 172 -36.84 -1.32 52.63
C GLY B 172 -36.26 -1.47 51.24
N ILE B 173 -35.76 -2.66 50.89
CA ILE B 173 -35.21 -2.89 49.56
C ILE B 173 -36.24 -2.66 48.46
N ASP B 174 -37.50 -2.44 48.83
CA ASP B 174 -38.54 -2.14 47.86
C ASP B 174 -38.61 -0.66 47.51
N SER B 175 -37.98 0.20 48.30
CA SER B 175 -38.08 1.64 48.10
C SER B 175 -37.64 2.02 46.69
N ASP B 176 -38.31 3.03 46.13
CA ASP B 176 -37.92 3.57 44.84
C ASP B 176 -36.69 4.47 44.93
N ARG B 177 -36.21 4.76 46.15
CA ARG B 177 -34.93 5.44 46.32
C ARG B 177 -33.76 4.47 46.22
N VAL B 178 -34.02 3.17 46.23
CA VAL B 178 -33.00 2.14 46.03
C VAL B 178 -33.04 1.72 44.56
N LYS B 179 -31.90 1.83 43.88
CA LYS B 179 -31.84 1.63 42.44
C LYS B 179 -30.71 0.68 42.07
N LEU B 180 -30.84 0.07 40.89
CA LEU B 180 -29.82 -0.76 40.29
C LEU B 180 -29.01 0.08 39.29
N CYS B 181 -28.02 -0.55 38.68
CA CYS B 181 -27.16 0.15 37.74
C CYS B 181 -26.48 -0.85 36.81
N LYS B 182 -27.29 -1.53 35.99
CA LYS B 182 -26.78 -2.40 34.95
C LYS B 182 -27.41 -2.18 33.58
N ASN B 183 -28.60 -1.56 33.52
CA ASN B 183 -29.38 -1.50 32.30
C ASN B 183 -29.29 -0.13 31.65
N TRP B 184 -29.55 -0.08 30.35
CA TRP B 184 -29.76 1.20 29.68
C TRP B 184 -30.95 1.93 30.29
N ALA B 185 -31.98 1.17 30.67
CA ALA B 185 -33.10 1.76 31.40
C ALA B 185 -32.65 2.21 32.79
N HIS B 186 -31.82 1.41 33.46
CA HIS B 186 -31.32 1.78 34.77
C HIS B 186 -30.62 3.14 34.73
N ALA B 187 -29.78 3.35 33.72
CA ALA B 187 -29.05 4.61 33.63
C ALA B 187 -30.00 5.78 33.43
N GLN B 188 -31.07 5.59 32.66
CA GLN B 188 -32.03 6.67 32.44
C GLN B 188 -32.68 7.09 33.74
N ALA B 189 -33.08 6.12 34.57
CA ALA B 189 -33.62 6.44 35.89
C ALA B 189 -32.59 7.08 36.80
N LEU B 190 -31.31 6.75 36.61
CA LEU B 190 -30.25 7.38 37.39
C LEU B 190 -30.00 8.80 36.92
N ILE B 191 -30.22 9.07 35.63
CA ILE B 191 -30.07 10.44 35.12
C ILE B 191 -31.14 11.34 35.72
N GLU B 192 -32.39 10.90 35.69
CA GLU B 192 -33.49 11.73 36.20
C GLU B 192 -33.34 11.97 37.69
N ASP B 193 -33.02 10.92 38.46
CA ASP B 193 -32.97 11.04 39.91
C ASP B 193 -31.88 12.01 40.36
N ALA B 194 -30.67 11.87 39.80
CA ALA B 194 -29.53 12.64 40.29
C ALA B 194 -29.84 14.13 40.36
N LYS B 195 -30.59 14.65 39.39
CA LYS B 195 -30.86 16.08 39.35
C LYS B 195 -31.37 16.59 40.69
N GLU B 196 -32.40 15.94 41.23
CA GLU B 196 -32.99 16.33 42.51
C GLU B 196 -32.42 15.53 43.68
N ALA B 197 -31.25 14.92 43.52
CA ALA B 197 -30.65 14.05 44.54
C ALA B 197 -29.29 14.62 44.90
N LYS B 198 -29.22 15.38 46.00
CA LYS B 198 -27.96 15.91 46.48
C LYS B 198 -27.14 14.87 47.23
N ARG B 199 -27.81 13.92 47.88
CA ARG B 199 -27.16 12.87 48.66
C ARG B 199 -27.30 11.55 47.93
N ILE B 200 -26.19 11.03 47.41
CA ILE B 200 -26.15 9.75 46.73
C ILE B 200 -25.31 8.79 47.58
N THR B 201 -25.86 7.62 47.86
CA THR B 201 -25.18 6.58 48.62
C THR B 201 -24.85 5.41 47.69
N VAL B 202 -23.62 4.93 47.76
CA VAL B 202 -23.16 3.79 46.97
C VAL B 202 -22.95 2.61 47.91
N ILE B 203 -23.53 1.48 47.55
CA ILE B 203 -23.50 0.28 48.39
C ILE B 203 -22.63 -0.75 47.67
N GLY B 204 -21.39 -0.86 48.11
CA GLY B 204 -20.43 -1.74 47.47
C GLY B 204 -19.03 -1.21 47.63
N ALA B 205 -18.06 -2.09 47.35
CA ALA B 205 -16.65 -1.75 47.48
C ALA B 205 -15.86 -2.05 46.20
N GLY B 206 -16.52 -2.27 45.08
CA GLY B 206 -15.85 -2.71 43.88
C GLY B 206 -15.77 -1.68 42.77
N TYR B 207 -15.75 -2.17 41.53
CA TYR B 207 -15.52 -1.30 40.38
C TYR B 207 -16.66 -0.30 40.19
N ILE B 208 -17.91 -0.78 40.12
CA ILE B 208 -19.02 0.10 39.81
C ILE B 208 -19.17 1.17 40.87
N ALA B 209 -19.17 0.77 42.15
CA ALA B 209 -19.34 1.74 43.23
C ALA B 209 -18.26 2.81 43.18
N ALA B 210 -17.00 2.40 43.04
CA ALA B 210 -15.91 3.38 43.02
C ALA B 210 -16.07 4.36 41.87
N GLU B 211 -16.47 3.87 40.70
CA GLU B 211 -16.67 4.76 39.56
C GLU B 211 -17.82 5.73 39.82
N LEU B 212 -18.97 5.21 40.28
CA LEU B 212 -20.12 6.07 40.52
C LEU B 212 -19.84 7.07 41.62
N ALA B 213 -19.17 6.64 42.69
CA ALA B 213 -18.83 7.56 43.78
C ALA B 213 -17.98 8.71 43.27
N GLU B 214 -16.90 8.39 42.54
CA GLU B 214 -16.05 9.44 41.98
C GLU B 214 -16.84 10.30 41.00
N ALA B 215 -17.68 9.68 40.18
CA ALA B 215 -18.48 10.45 39.23
C ALA B 215 -19.38 11.44 39.94
N TYR B 216 -20.18 10.96 40.89
CA TYR B 216 -21.11 11.85 41.60
C TYR B 216 -20.38 12.80 42.54
N SER B 217 -19.22 12.39 43.06
CA SER B 217 -18.47 13.27 43.96
C SER B 217 -17.88 14.46 43.20
N THR B 218 -17.51 14.26 41.93
CA THR B 218 -16.90 15.32 41.14
C THR B 218 -17.93 16.26 40.54
N THR B 219 -19.22 15.96 40.65
CA THR B 219 -20.28 16.79 40.08
C THR B 219 -21.16 17.41 41.16
N GLY B 220 -20.69 17.47 42.40
CA GLY B 220 -21.37 18.20 43.46
C GLY B 220 -22.46 17.43 44.17
N HIS B 221 -22.16 16.22 44.61
CA HIS B 221 -23.09 15.40 45.37
C HIS B 221 -22.48 15.00 46.71
N ASP B 222 -23.33 14.79 47.71
CA ASP B 222 -22.91 14.24 49.00
C ASP B 222 -22.83 12.73 48.84
N VAL B 223 -21.62 12.23 48.59
CA VAL B 223 -21.40 10.82 48.26
C VAL B 223 -20.96 10.09 49.51
N THR B 224 -21.70 9.03 49.87
CA THR B 224 -21.32 8.11 50.93
C THR B 224 -21.17 6.72 50.32
N LEU B 225 -20.08 6.04 50.65
CA LEU B 225 -19.82 4.69 50.16
C LEU B 225 -19.80 3.74 51.35
N ILE B 226 -20.77 2.83 51.38
CA ILE B 226 -20.88 1.81 52.42
C ILE B 226 -20.47 0.48 51.82
N ALA B 227 -19.56 -0.22 52.50
CA ALA B 227 -19.01 -1.46 51.98
C ALA B 227 -18.73 -2.42 53.13
N ARG B 228 -19.31 -3.62 53.07
CA ARG B 228 -18.92 -4.67 53.99
C ARG B 228 -17.43 -4.94 53.92
N SER B 229 -16.85 -4.81 52.73
CA SER B 229 -15.42 -5.01 52.56
C SER B 229 -14.65 -3.93 53.33
N ALA B 230 -13.52 -4.32 53.90
CA ALA B 230 -12.74 -3.41 54.74
C ALA B 230 -11.99 -2.36 53.93
N ARG B 231 -11.83 -2.55 52.63
CA ARG B 231 -11.12 -1.60 51.79
C ARG B 231 -11.66 -1.66 50.38
N VAL B 232 -11.92 -0.48 49.80
CA VAL B 232 -12.55 -0.41 48.48
C VAL B 232 -11.67 -1.14 47.46
N MET B 233 -12.31 -1.99 46.66
CA MET B 233 -11.62 -2.71 45.58
C MET B 233 -10.53 -3.62 46.12
N ARG B 234 -10.81 -4.31 47.23
CA ARG B 234 -9.86 -5.28 47.75
C ARG B 234 -9.58 -6.41 46.76
N LYS B 235 -10.42 -6.55 45.74
CA LYS B 235 -10.38 -7.69 44.83
C LYS B 235 -9.41 -7.49 43.67
N TYR B 236 -9.04 -6.25 43.35
CA TYR B 236 -8.13 -5.98 42.25
C TYR B 236 -6.79 -5.40 42.68
N PHE B 237 -6.73 -4.70 43.82
CA PHE B 237 -5.53 -3.99 44.22
C PHE B 237 -5.21 -4.28 45.68
N ASP B 238 -3.92 -4.33 45.99
CA ASP B 238 -3.49 -4.49 47.37
C ASP B 238 -3.59 -3.16 48.11
N ALA B 239 -3.55 -3.24 49.44
CA ALA B 239 -3.79 -2.07 50.27
C ALA B 239 -2.90 -0.90 49.89
N ASP B 240 -1.68 -1.17 49.43
CA ASP B 240 -0.78 -0.09 49.02
C ASP B 240 -1.42 0.80 47.98
N PHE B 241 -2.26 0.24 47.10
CA PHE B 241 -2.93 1.05 46.09
C PHE B 241 -4.23 1.65 46.63
N THR B 242 -5.00 0.86 47.38
CA THR B 242 -6.30 1.32 47.86
C THR B 242 -6.16 2.44 48.88
N ASP B 243 -5.07 2.43 49.66
CA ASP B 243 -4.84 3.52 50.61
C ASP B 243 -4.83 4.86 49.90
N VAL B 244 -4.16 4.94 48.74
CA VAL B 244 -4.15 6.18 47.97
C VAL B 244 -5.54 6.49 47.43
N ILE B 245 -6.26 5.47 46.97
CA ILE B 245 -7.60 5.67 46.43
C ILE B 245 -8.55 6.09 47.55
N GLU B 246 -8.61 5.31 48.63
CA GLU B 246 -9.45 5.67 49.76
C GLU B 246 -9.12 7.06 50.27
N GLN B 247 -7.84 7.40 50.32
CA GLN B 247 -7.46 8.75 50.74
C GLN B 247 -7.88 9.78 49.71
N ASP B 248 -7.78 9.45 48.42
CA ASP B 248 -8.28 10.34 47.38
C ASP B 248 -9.74 10.68 47.62
N TYR B 249 -10.56 9.68 47.91
CA TYR B 249 -11.97 9.93 48.18
C TYR B 249 -12.14 10.87 49.37
N ARG B 250 -11.41 10.62 50.45
CA ARG B 250 -11.46 11.52 51.60
C ARG B 250 -10.95 12.90 51.23
N ASP B 251 -10.11 13.01 50.19
CA ASP B 251 -9.72 14.32 49.68
C ASP B 251 -10.92 15.07 49.14
N HIS B 252 -11.82 14.39 48.44
CA HIS B 252 -12.88 15.02 47.67
C HIS B 252 -14.24 14.96 48.37
N GLY B 253 -14.27 14.82 49.68
CA GLY B 253 -15.52 14.86 50.41
C GLY B 253 -16.45 13.69 50.15
N VAL B 254 -15.92 12.48 50.13
CA VAL B 254 -16.72 11.26 50.02
C VAL B 254 -16.60 10.50 51.33
N GLN B 255 -17.73 10.25 51.98
CA GLN B 255 -17.75 9.53 53.24
C GLN B 255 -17.68 8.03 52.97
N LEU B 256 -16.63 7.39 53.47
CA LEU B 256 -16.44 5.95 53.32
C LEU B 256 -16.97 5.23 54.54
N ALA B 257 -17.81 4.22 54.32
CA ALA B 257 -18.35 3.36 55.37
C ALA B 257 -17.84 1.95 55.10
N LEU B 258 -16.57 1.72 55.40
CA LEU B 258 -15.92 0.44 55.13
C LEU B 258 -16.03 -0.47 56.34
N GLY B 259 -16.25 -1.76 56.07
CA GLY B 259 -16.44 -2.72 57.14
C GLY B 259 -17.79 -2.62 57.82
N GLU B 260 -18.83 -2.30 57.06
CA GLU B 260 -20.19 -2.20 57.58
C GLU B 260 -21.14 -2.96 56.67
N THR B 261 -22.28 -3.35 57.24
CA THR B 261 -23.29 -4.09 56.50
C THR B 261 -24.67 -3.49 56.79
N VAL B 262 -25.44 -3.24 55.74
CA VAL B 262 -26.73 -2.59 55.90
C VAL B 262 -27.72 -3.58 56.50
N GLU B 263 -28.46 -3.13 57.51
CA GLU B 263 -29.55 -3.93 58.07
C GLU B 263 -30.88 -3.65 57.39
N SER B 264 -31.04 -2.44 56.85
CA SER B 264 -32.35 -2.04 56.34
C SER B 264 -32.24 -0.64 55.74
N PHE B 265 -33.19 -0.34 54.86
CA PHE B 265 -33.39 1.01 54.34
C PHE B 265 -34.66 1.56 54.97
N THR B 266 -34.51 2.56 55.83
CA THR B 266 -35.66 3.20 56.48
C THR B 266 -36.15 4.33 55.60
N ASP B 267 -37.29 4.13 54.95
CA ASP B 267 -37.87 5.18 54.11
C ASP B 267 -38.44 6.30 54.99
N SER B 268 -38.33 7.53 54.52
CA SER B 268 -38.77 8.69 55.28
C SER B 268 -39.16 9.79 54.30
N ALA B 269 -39.47 10.97 54.84
CA ALA B 269 -39.85 12.13 54.04
C ALA B 269 -38.62 12.92 53.60
N THR B 270 -37.79 13.34 54.54
CA THR B 270 -36.58 14.10 54.21
C THR B 270 -35.49 13.22 53.61
N GLY B 271 -35.72 11.93 53.47
CA GLY B 271 -34.74 11.04 52.87
C GLY B 271 -34.86 9.64 53.42
N LEU B 272 -34.33 8.69 52.66
CA LEU B 272 -34.25 7.30 53.09
C LEU B 272 -33.02 7.12 53.98
N THR B 273 -33.26 6.77 55.24
CA THR B 273 -32.18 6.56 56.19
C THR B 273 -31.67 5.13 56.10
N ILE B 274 -30.34 4.98 56.08
CA ILE B 274 -29.69 3.69 55.93
C ILE B 274 -29.05 3.31 57.25
N LYS B 275 -29.34 2.09 57.73
CA LYS B 275 -28.86 1.61 59.02
C LYS B 275 -27.97 0.39 58.79
N THR B 276 -26.80 0.41 59.42
CA THR B 276 -25.86 -0.69 59.37
C THR B 276 -25.61 -1.23 60.77
N ASP B 277 -24.82 -2.29 60.86
CA ASP B 277 -24.45 -2.82 62.16
C ASP B 277 -23.65 -1.85 63.01
N LYS B 278 -23.17 -0.74 62.41
CA LYS B 278 -22.29 0.18 63.12
C LYS B 278 -22.70 1.64 63.04
N ASN B 279 -23.71 2.00 62.26
CA ASN B 279 -24.09 3.41 62.12
C ASN B 279 -25.38 3.51 61.30
N SER B 280 -25.76 4.74 61.00
CA SER B 280 -26.96 5.04 60.24
C SER B 280 -26.69 6.27 59.38
N TYR B 281 -27.32 6.32 58.22
CA TYR B 281 -27.09 7.40 57.26
C TYR B 281 -28.37 7.72 56.51
N GLU B 282 -28.72 9.01 56.45
CA GLU B 282 -29.85 9.45 55.64
C GLU B 282 -29.35 9.88 54.27
N THR B 283 -30.09 9.50 53.23
CA THR B 283 -29.68 9.80 51.86
C THR B 283 -30.92 9.93 50.98
N ASP B 284 -30.73 10.58 49.83
CA ASP B 284 -31.79 10.71 48.85
C ASP B 284 -31.77 9.60 47.81
N LEU B 285 -30.63 8.95 47.61
CA LEU B 285 -30.50 7.95 46.57
C LEU B 285 -29.36 6.99 46.93
N ALA B 286 -29.69 5.70 47.03
CA ALA B 286 -28.72 4.65 47.32
C ALA B 286 -28.69 3.69 46.15
N ILE B 287 -27.53 3.53 45.53
CA ILE B 287 -27.35 2.69 44.34
C ILE B 287 -26.66 1.40 44.76
N LEU B 288 -27.21 0.27 44.32
CA LEU B 288 -26.66 -1.04 44.68
C LEU B 288 -25.66 -1.50 43.63
N CYS B 289 -24.48 -1.89 44.09
CA CYS B 289 -23.44 -2.44 43.23
C CYS B 289 -22.60 -3.42 44.04
N ILE B 290 -23.26 -4.47 44.57
CA ILE B 290 -22.56 -5.44 45.40
C ILE B 290 -21.91 -6.52 44.55
N GLY B 291 -22.48 -6.84 43.39
CA GLY B 291 -21.88 -7.82 42.53
C GLY B 291 -22.85 -8.27 41.46
N PHE B 292 -22.38 -9.22 40.66
CA PHE B 292 -23.15 -9.81 39.58
C PHE B 292 -23.40 -11.28 39.86
N ARG B 293 -24.57 -11.77 39.45
CA ARG B 293 -24.88 -13.18 39.54
C ARG B 293 -25.23 -13.74 38.17
N PRO B 294 -24.78 -14.94 37.83
CA PRO B 294 -25.14 -15.53 36.53
C PRO B 294 -26.65 -15.62 36.38
N ASN B 295 -27.14 -15.17 35.22
CA ASN B 295 -28.57 -15.20 34.91
C ASN B 295 -28.87 -16.44 34.07
N THR B 296 -28.73 -17.60 34.72
CA THR B 296 -28.73 -18.88 34.04
C THR B 296 -29.67 -19.87 34.72
N ASP B 297 -30.85 -19.42 35.16
CA ASP B 297 -31.81 -20.32 35.76
C ASP B 297 -32.47 -21.24 34.74
N LEU B 298 -32.50 -20.84 33.46
CA LEU B 298 -33.10 -21.68 32.43
C LEU B 298 -32.44 -23.05 32.34
N LEU B 299 -31.22 -23.21 32.86
CA LEU B 299 -30.49 -24.46 32.74
C LEU B 299 -30.02 -24.98 34.10
N LYS B 300 -30.61 -24.47 35.19
CA LYS B 300 -30.27 -24.98 36.52
C LYS B 300 -30.66 -26.45 36.64
N GLY B 301 -29.66 -27.33 36.73
CA GLY B 301 -29.90 -28.75 36.75
C GLY B 301 -29.80 -29.43 35.40
N LYS B 302 -29.54 -28.67 34.34
CA LYS B 302 -29.44 -29.22 32.98
C LYS B 302 -28.02 -29.24 32.45
N VAL B 303 -27.13 -28.41 33.00
CA VAL B 303 -25.72 -28.41 32.65
C VAL B 303 -24.91 -28.10 33.90
N ASP B 304 -23.65 -28.54 33.90
CA ASP B 304 -22.78 -28.28 35.04
C ASP B 304 -22.63 -26.78 35.26
N MET B 305 -22.46 -26.41 36.53
CA MET B 305 -22.36 -25.00 36.88
C MET B 305 -21.42 -24.84 38.07
N ALA B 306 -20.86 -23.65 38.20
CA ALA B 306 -20.18 -23.28 39.42
C ALA B 306 -21.20 -23.08 40.53
N PRO B 307 -20.76 -23.11 41.78
CA PRO B 307 -21.71 -22.95 42.90
C PRO B 307 -22.55 -21.69 42.80
N ASN B 308 -22.12 -20.72 41.99
CA ASN B 308 -22.86 -19.50 41.78
C ASN B 308 -23.73 -19.52 40.53
N GLY B 309 -23.75 -20.64 39.80
CA GLY B 309 -24.55 -20.77 38.61
C GLY B 309 -23.82 -20.58 37.30
N ALA B 310 -22.55 -20.16 37.34
CA ALA B 310 -21.80 -19.96 36.12
C ALA B 310 -21.74 -21.26 35.32
N ILE B 311 -22.07 -21.19 34.04
CA ILE B 311 -22.17 -22.36 33.18
C ILE B 311 -20.76 -22.82 32.83
N ILE B 312 -20.39 -24.02 33.31
CA ILE B 312 -19.07 -24.57 33.03
C ILE B 312 -19.00 -24.96 31.55
N THR B 313 -18.04 -24.39 30.84
CA THR B 313 -17.78 -24.73 29.45
C THR B 313 -16.40 -25.38 29.34
N ASP B 314 -16.12 -25.91 28.15
CA ASP B 314 -14.80 -26.43 27.84
C ASP B 314 -14.05 -25.44 26.98
N ASP B 315 -12.83 -25.84 26.55
CA ASP B 315 -11.98 -24.92 25.80
C ASP B 315 -12.66 -24.32 24.59
N TYR B 316 -13.78 -24.88 24.13
CA TYR B 316 -14.48 -24.39 22.95
C TYR B 316 -15.81 -23.73 23.30
N MET B 317 -16.05 -23.42 24.57
CA MET B 317 -17.23 -22.69 25.04
C MET B 317 -18.48 -23.56 25.11
N ARG B 318 -18.35 -24.89 25.09
CA ARG B 318 -19.49 -25.78 25.12
C ARG B 318 -19.74 -26.28 26.53
N SER B 319 -21.02 -26.41 26.89
CA SER B 319 -21.42 -26.82 28.23
C SER B 319 -21.29 -28.32 28.43
N SER B 320 -21.91 -28.83 29.51
CA SER B 320 -22.02 -30.28 29.67
C SER B 320 -22.94 -30.87 28.61
N ASN B 321 -23.92 -30.11 28.15
CA ASN B 321 -24.65 -30.46 26.94
C ASN B 321 -23.84 -30.02 25.74
N PRO B 322 -23.50 -30.91 24.80
CA PRO B 322 -22.61 -30.50 23.69
C PRO B 322 -23.26 -29.56 22.70
N ASP B 323 -24.59 -29.44 22.70
CA ASP B 323 -25.29 -28.63 21.71
C ASP B 323 -25.70 -27.26 22.25
N ILE B 324 -25.04 -26.79 23.31
CA ILE B 324 -25.38 -25.52 23.93
C ILE B 324 -24.10 -24.80 24.32
N PHE B 325 -23.93 -23.58 23.81
CA PHE B 325 -22.77 -22.76 24.12
C PHE B 325 -23.11 -21.74 25.20
N ALA B 326 -22.07 -21.23 25.85
CA ALA B 326 -22.20 -20.20 26.87
C ALA B 326 -21.06 -19.22 26.71
N ALA B 327 -21.38 -17.92 26.74
CA ALA B 327 -20.39 -16.88 26.55
C ALA B 327 -20.80 -15.64 27.34
N GLY B 328 -19.84 -15.02 28.02
CA GLY B 328 -20.10 -13.80 28.76
C GLY B 328 -20.38 -14.02 30.23
N ASP B 329 -21.16 -13.12 30.84
CA ASP B 329 -21.43 -13.22 32.27
C ASP B 329 -22.14 -14.52 32.65
N SER B 330 -22.66 -15.26 31.68
CA SER B 330 -23.34 -16.51 31.96
C SER B 330 -22.38 -17.66 32.18
N ALA B 331 -21.10 -17.51 31.83
CA ALA B 331 -20.15 -18.60 31.86
C ALA B 331 -18.97 -18.28 32.75
N ALA B 332 -18.37 -19.33 33.30
CA ALA B 332 -17.10 -19.22 34.00
C ALA B 332 -15.96 -19.35 32.99
N VAL B 333 -14.83 -18.72 33.31
CA VAL B 333 -13.71 -18.65 32.38
C VAL B 333 -12.48 -19.27 33.04
N HIS B 334 -11.65 -19.89 32.21
CA HIS B 334 -10.39 -20.44 32.68
C HIS B 334 -9.46 -19.30 33.08
N TYR B 335 -9.06 -19.27 34.35
CA TYR B 335 -8.21 -18.22 34.89
C TYR B 335 -6.76 -18.66 34.80
N ASN B 336 -6.02 -18.10 33.83
CA ASN B 336 -4.65 -18.51 33.58
C ASN B 336 -3.76 -18.47 34.82
N PRO B 337 -3.73 -17.39 35.60
CA PRO B 337 -2.84 -17.37 36.78
C PRO B 337 -3.00 -18.59 37.67
N THR B 338 -4.23 -19.00 37.95
CA THR B 338 -4.47 -20.17 38.77
C THR B 338 -4.73 -21.43 37.95
N HIS B 339 -5.10 -21.29 36.68
CA HIS B 339 -5.49 -22.43 35.85
C HIS B 339 -6.69 -23.16 36.46
N GLN B 340 -7.61 -22.38 37.03
CA GLN B 340 -8.87 -22.88 37.54
C GLN B 340 -10.01 -22.11 36.90
N ASN B 341 -11.22 -22.65 37.04
CA ASN B 341 -12.41 -21.93 36.62
C ASN B 341 -12.81 -20.90 37.66
N ALA B 342 -13.04 -19.67 37.23
CA ALA B 342 -13.47 -18.59 38.10
C ALA B 342 -14.56 -17.79 37.40
N TYR B 343 -15.20 -16.90 38.16
CA TYR B 343 -16.24 -16.03 37.62
C TYR B 343 -15.72 -14.59 37.63
N ILE B 344 -15.54 -14.04 36.43
CA ILE B 344 -15.14 -12.65 36.27
C ILE B 344 -16.00 -12.03 35.17
N PRO B 345 -17.14 -11.42 35.51
CA PRO B 345 -17.99 -10.85 34.46
C PRO B 345 -17.42 -9.57 33.88
N LEU B 346 -16.57 -9.70 32.87
CA LEU B 346 -15.95 -8.58 32.19
C LEU B 346 -16.41 -8.53 30.75
N ALA B 347 -16.65 -7.31 30.25
CA ALA B 347 -17.02 -7.15 28.85
C ALA B 347 -15.96 -7.75 27.94
N THR B 348 -14.69 -7.63 28.33
CA THR B 348 -13.62 -8.25 27.55
C THR B 348 -13.80 -9.77 27.47
N ASN B 349 -14.40 -10.38 28.48
CA ASN B 349 -14.66 -11.81 28.43
C ASN B 349 -15.76 -12.13 27.43
N ALA B 350 -16.78 -11.28 27.35
CA ALA B 350 -17.96 -11.61 26.53
C ALA B 350 -17.67 -11.49 25.05
N VAL B 351 -17.01 -10.41 24.63
CA VAL B 351 -16.73 -10.21 23.20
C VAL B 351 -15.85 -11.33 22.68
N ARG B 352 -14.87 -11.77 23.47
CA ARG B 352 -13.99 -12.84 23.04
C ARG B 352 -14.73 -14.18 22.94
N GLN B 353 -15.52 -14.50 23.97
CA GLN B 353 -16.23 -15.78 23.98
C GLN B 353 -17.28 -15.84 22.88
N GLY B 354 -17.99 -14.73 22.65
CA GLY B 354 -18.98 -14.71 21.60
C GLY B 354 -18.41 -15.10 20.25
N ILE B 355 -17.26 -14.53 19.89
CA ILE B 355 -16.61 -14.88 18.63
C ILE B 355 -16.23 -16.35 18.61
N LEU B 356 -15.95 -16.93 19.77
CA LEU B 356 -15.53 -18.33 19.82
C LEU B 356 -16.71 -19.28 19.63
N VAL B 357 -17.93 -18.85 19.97
CA VAL B 357 -19.10 -19.71 19.73
C VAL B 357 -19.30 -19.89 18.23
N GLY B 358 -19.42 -18.77 17.51
CA GLY B 358 -19.55 -18.82 16.06
C GLY B 358 -18.36 -19.50 15.39
N LYS B 359 -17.21 -19.51 16.05
CA LYS B 359 -16.04 -20.19 15.50
C LYS B 359 -16.16 -21.70 15.65
N ASN B 360 -16.50 -22.17 16.86
CA ASN B 360 -16.62 -23.60 17.14
C ASN B 360 -18.07 -24.06 17.19
N LEU B 361 -18.98 -23.31 16.56
CA LEU B 361 -20.40 -23.66 16.63
C LEU B 361 -20.65 -25.06 16.07
N VAL B 362 -20.00 -25.41 14.97
CA VAL B 362 -20.20 -26.71 14.34
C VAL B 362 -19.20 -27.73 14.86
N LYS B 363 -17.93 -27.35 15.03
CA LYS B 363 -16.93 -28.26 15.57
C LYS B 363 -15.83 -27.43 16.20
N PRO B 364 -15.20 -27.93 17.26
CA PRO B 364 -14.10 -27.20 17.91
C PRO B 364 -13.04 -26.76 16.92
N THR B 365 -12.97 -25.46 16.63
CA THR B 365 -12.02 -24.90 15.68
C THR B 365 -10.96 -24.05 16.36
N VAL B 366 -11.36 -23.07 17.17
CA VAL B 366 -10.44 -22.22 17.91
C VAL B 366 -10.67 -22.45 19.40
N LYS B 367 -9.59 -22.30 20.17
CA LYS B 367 -9.61 -22.60 21.59
C LYS B 367 -9.56 -21.31 22.41
N TYR B 368 -10.29 -21.31 23.52
CA TYR B 368 -10.27 -20.17 24.43
C TYR B 368 -8.92 -20.09 25.13
N MET B 369 -8.27 -18.93 25.02
CA MET B 369 -6.94 -18.74 25.58
C MET B 369 -6.94 -18.36 27.04
N GLY B 370 -8.09 -18.42 27.71
CA GLY B 370 -8.13 -17.98 29.09
C GLY B 370 -8.02 -16.47 29.20
N THR B 371 -7.93 -16.00 30.44
CA THR B 371 -7.88 -14.57 30.70
C THR B 371 -7.09 -14.31 31.97
N GLN B 372 -6.49 -13.12 32.03
CA GLN B 372 -5.87 -12.61 33.24
C GLN B 372 -6.78 -11.67 34.00
N SER B 373 -8.01 -11.47 33.54
CA SER B 373 -8.94 -10.51 34.14
C SER B 373 -8.33 -9.12 34.21
N SER B 374 -7.70 -8.72 33.10
CA SER B 374 -7.10 -7.40 32.99
C SER B 374 -8.21 -6.35 33.01
N SER B 375 -8.11 -5.39 33.92
CA SER B 375 -9.12 -4.35 34.07
C SER B 375 -8.42 -3.05 34.43
N GLY B 376 -9.23 -1.99 34.57
CA GLY B 376 -8.70 -0.70 34.90
C GLY B 376 -9.78 0.36 34.82
N LEU B 377 -9.53 1.46 35.54
CA LEU B 377 -10.48 2.56 35.62
C LEU B 377 -9.72 3.85 35.81
N ALA B 378 -10.45 4.96 35.65
CA ALA B 378 -9.90 6.30 35.77
C ALA B 378 -10.58 6.99 36.94
N LEU B 379 -9.91 6.99 38.09
CA LEU B 379 -10.41 7.61 39.30
C LEU B 379 -9.74 8.97 39.47
N TYR B 380 -10.54 10.04 39.42
CA TYR B 380 -10.02 11.39 39.57
C TYR B 380 -8.90 11.67 38.56
N ASP B 381 -7.70 11.95 39.06
CA ASP B 381 -6.56 12.28 38.22
C ASP B 381 -5.53 11.14 38.13
N ARG B 382 -5.95 9.91 38.42
CA ARG B 382 -5.06 8.76 38.43
C ARG B 382 -5.59 7.66 37.51
N THR B 383 -4.66 6.83 37.03
CA THR B 383 -4.97 5.68 36.21
C THR B 383 -4.54 4.42 36.96
N ILE B 384 -5.49 3.56 37.29
CA ILE B 384 -5.26 2.35 38.06
C ILE B 384 -5.60 1.16 37.16
N VAL B 385 -4.61 0.32 36.88
CA VAL B 385 -4.79 -0.87 36.05
C VAL B 385 -4.27 -2.07 36.81
N SER B 386 -4.84 -3.24 36.50
CA SER B 386 -4.45 -4.47 37.17
C SER B 386 -4.56 -5.62 36.19
N THR B 387 -3.84 -6.70 36.50
CA THR B 387 -3.93 -7.93 35.72
C THR B 387 -3.44 -9.07 36.59
N GLY B 388 -4.19 -10.16 36.64
CA GLY B 388 -3.78 -11.32 37.39
C GLY B 388 -4.11 -11.22 38.86
N LEU B 389 -3.33 -11.94 39.67
CA LEU B 389 -3.60 -12.08 41.10
C LEU B 389 -2.93 -10.97 41.90
N THR B 390 -3.62 -10.52 42.95
CA THR B 390 -2.98 -9.73 43.98
C THR B 390 -2.21 -10.64 44.92
N LEU B 391 -1.31 -10.03 45.71
CA LEU B 391 -0.60 -10.82 46.72
C LEU B 391 -1.57 -11.40 47.75
N ALA B 392 -2.54 -10.59 48.18
CA ALA B 392 -3.52 -11.05 49.16
C ALA B 392 -4.36 -12.18 48.59
N ALA B 393 -4.86 -12.01 47.36
CA ALA B 393 -5.70 -13.05 46.76
C ALA B 393 -4.93 -14.36 46.60
N ALA B 394 -3.62 -14.27 46.29
CA ALA B 394 -2.80 -15.46 46.18
C ALA B 394 -2.54 -16.07 47.56
N LYS B 395 -2.26 -15.22 48.55
CA LYS B 395 -2.06 -15.73 49.91
C LYS B 395 -3.32 -16.40 50.44
N GLN B 396 -4.50 -16.00 49.95
CA GLN B 396 -5.75 -16.55 50.44
C GLN B 396 -6.15 -17.85 49.75
N GLN B 397 -5.50 -18.20 48.63
CA GLN B 397 -5.81 -19.40 47.89
C GLN B 397 -4.72 -20.46 48.02
N GLY B 398 -3.80 -20.30 48.95
CA GLY B 398 -2.72 -21.26 49.15
C GLY B 398 -1.82 -21.40 47.94
N LEU B 399 -1.17 -20.29 47.56
CA LEU B 399 -0.24 -20.29 46.44
C LEU B 399 1.08 -19.66 46.88
N ASN B 400 2.19 -20.24 46.43
CA ASN B 400 3.49 -19.64 46.62
C ASN B 400 3.51 -18.28 45.92
N ALA B 401 3.59 -17.20 46.70
CA ALA B 401 3.44 -15.87 46.11
C ALA B 401 4.16 -14.84 46.96
N GLU B 402 4.97 -14.01 46.30
CA GLU B 402 5.57 -12.83 46.90
C GLU B 402 5.32 -11.65 45.97
N GLN B 403 5.63 -10.45 46.46
CA GLN B 403 5.38 -9.25 45.67
C GLN B 403 6.41 -8.18 46.00
N VAL B 404 6.59 -7.26 45.06
CA VAL B 404 7.37 -6.05 45.26
C VAL B 404 6.48 -4.85 44.98
N ILE B 405 6.86 -3.71 45.55
CA ILE B 405 6.18 -2.44 45.34
C ILE B 405 7.23 -1.40 45.02
N VAL B 406 7.10 -0.75 43.87
CA VAL B 406 8.10 0.19 43.39
C VAL B 406 7.39 1.44 42.90
N GLU B 407 7.75 2.59 43.46
CA GLU B 407 7.35 3.87 42.91
C GLU B 407 8.55 4.48 42.17
N ASP B 408 8.25 5.28 41.15
CA ASP B 408 9.31 5.83 40.31
C ASP B 408 8.72 6.77 39.25
N ASN B 409 9.36 7.91 39.04
CA ASN B 409 8.95 8.79 37.96
C ASN B 409 9.01 8.05 36.63
N TYR B 410 7.90 8.05 35.91
CA TYR B 410 7.78 7.17 34.73
C TYR B 410 8.79 7.54 33.65
N ARG B 411 9.24 8.79 33.61
CA ARG B 411 10.29 9.14 32.66
C ARG B 411 11.33 10.03 33.35
N PRO B 412 12.46 10.30 32.68
CA PRO B 412 13.56 11.01 33.37
C PRO B 412 13.10 12.36 33.91
N GLU B 413 13.66 12.71 35.08
CA GLU B 413 13.30 13.97 35.72
C GLU B 413 13.77 15.19 34.94
N PHE B 414 14.77 15.04 34.05
CA PHE B 414 15.24 16.21 33.31
C PHE B 414 14.25 16.66 32.25
N MET B 415 13.27 15.81 31.90
CA MET B 415 12.22 16.22 31.00
C MET B 415 11.39 17.34 31.64
N PRO B 416 10.61 18.07 30.85
CA PRO B 416 9.80 19.16 31.43
C PRO B 416 8.90 18.71 32.55
N SER B 417 8.44 17.46 32.52
CA SER B 417 7.55 16.98 33.58
C SER B 417 7.62 15.46 33.62
N THR B 418 7.36 14.91 34.80
CA THR B 418 7.26 13.47 34.97
C THR B 418 6.24 13.19 36.07
N GLU B 419 5.83 11.93 36.15
CA GLU B 419 4.85 11.50 37.14
C GLU B 419 5.31 10.23 37.83
N PRO B 420 5.20 10.15 39.14
CA PRO B 420 5.46 8.88 39.83
C PRO B 420 4.50 7.81 39.34
N VAL B 421 4.93 6.56 39.45
CA VAL B 421 4.13 5.40 39.07
C VAL B 421 4.28 4.34 40.15
N LEU B 422 3.20 4.03 40.84
CA LEU B 422 3.19 2.97 41.84
C LEU B 422 2.95 1.64 41.13
N MET B 423 3.87 0.70 41.31
CA MET B 423 3.84 -0.56 40.58
C MET B 423 3.83 -1.73 41.55
N SER B 424 3.08 -2.78 41.19
CA SER B 424 3.01 -4.01 41.95
C SER B 424 3.25 -5.18 41.01
N LEU B 425 4.01 -6.17 41.46
CA LEU B 425 4.28 -7.37 40.69
C LEU B 425 4.17 -8.57 41.62
N VAL B 426 3.21 -9.45 41.34
CA VAL B 426 3.02 -10.68 42.09
C VAL B 426 3.62 -11.83 41.29
N PHE B 427 4.30 -12.74 41.97
CA PHE B 427 5.05 -13.80 41.30
C PHE B 427 5.31 -14.93 42.27
N ASP B 428 5.74 -16.06 41.73
CA ASP B 428 6.16 -17.19 42.55
C ASP B 428 7.63 -17.02 42.92
N PRO B 429 7.97 -17.00 44.21
CA PRO B 429 9.36 -16.69 44.60
C PRO B 429 10.35 -17.81 44.34
N ASP B 430 9.89 -19.00 43.94
CA ASP B 430 10.78 -20.11 43.66
C ASP B 430 10.76 -20.55 42.20
N THR B 431 9.68 -20.31 41.47
CA THR B 431 9.68 -20.48 40.03
C THR B 431 9.91 -19.18 39.27
N HIS B 432 9.75 -18.04 39.94
CA HIS B 432 9.83 -16.69 39.39
C HIS B 432 8.69 -16.42 38.43
N ARG B 433 7.71 -17.32 38.32
CA ARG B 433 6.57 -17.11 37.44
C ARG B 433 5.76 -15.91 37.89
N ILE B 434 5.41 -15.04 36.94
CA ILE B 434 4.61 -13.86 37.24
C ILE B 434 3.16 -14.27 37.45
N LEU B 435 2.55 -13.73 38.50
CA LEU B 435 1.16 -14.04 38.84
C LEU B 435 0.21 -12.88 38.63
N GLY B 436 0.68 -11.65 38.76
CA GLY B 436 -0.18 -10.50 38.57
C GLY B 436 0.63 -9.22 38.65
N GLY B 437 -0.06 -8.11 38.44
CA GLY B 437 0.59 -6.81 38.48
C GLY B 437 -0.43 -5.69 38.49
N ALA B 438 0.05 -4.51 38.86
CA ALA B 438 -0.82 -3.34 38.90
C ALA B 438 0.05 -2.09 38.78
N LEU B 439 -0.53 -1.04 38.20
CA LEU B 439 0.15 0.23 38.07
C LEU B 439 -0.85 1.36 38.34
N MET B 440 -0.34 2.44 38.92
CA MET B 440 -1.14 3.61 39.23
C MET B 440 -0.30 4.85 39.01
N SER B 441 -0.87 5.87 38.37
CA SER B 441 -0.13 7.09 38.09
C SER B 441 -0.99 8.13 37.37
N LYS B 442 -0.71 9.41 37.61
CA LYS B 442 -1.39 10.47 36.85
C LYS B 442 -1.20 10.25 35.34
N TYR B 443 -0.05 9.74 34.94
CA TYR B 443 0.21 9.42 33.54
C TYR B 443 -0.57 8.17 33.12
N ASP B 444 -0.92 8.12 31.85
CA ASP B 444 -1.73 7.02 31.32
C ASP B 444 -0.86 5.78 31.16
N VAL B 445 -0.80 4.93 32.19
CA VAL B 445 -0.06 3.68 32.14
C VAL B 445 -0.98 2.52 31.78
N SER B 446 -2.11 2.80 31.12
CA SER B 446 -3.10 1.75 30.85
C SER B 446 -2.50 0.61 30.04
N GLN B 447 -1.77 0.93 28.98
CA GLN B 447 -1.25 -0.10 28.08
C GLN B 447 -0.29 -1.05 28.77
N SER B 448 0.39 -0.61 29.83
CA SER B 448 1.31 -1.48 30.54
C SER B 448 0.61 -2.65 31.22
N ALA B 449 -0.68 -2.51 31.53
CA ALA B 449 -1.43 -3.65 32.05
C ALA B 449 -1.62 -4.72 30.99
N ASN B 450 -1.71 -4.33 29.72
CA ASN B 450 -1.81 -5.30 28.64
C ASN B 450 -0.48 -5.98 28.37
N THR B 451 0.63 -5.26 28.55
CA THR B 451 1.95 -5.89 28.42
C THR B 451 2.11 -7.00 29.44
N LEU B 452 1.55 -6.82 30.63
CA LEU B 452 1.70 -7.84 31.68
C LEU B 452 0.82 -9.05 31.40
N SER B 453 -0.38 -8.84 30.85
CA SER B 453 -1.24 -9.97 30.51
C SER B 453 -0.56 -10.89 29.52
N VAL B 454 0.12 -10.32 28.51
CA VAL B 454 0.87 -11.15 27.57
C VAL B 454 1.98 -11.91 28.30
N CYS B 455 2.62 -11.25 29.27
CA CYS B 455 3.61 -11.94 30.10
C CYS B 455 2.98 -13.11 30.83
N ILE B 456 1.85 -12.87 31.51
CA ILE B 456 1.13 -13.94 32.18
C ILE B 456 0.69 -15.00 31.17
N GLN B 457 0.17 -14.56 30.03
CA GLN B 457 -0.31 -15.50 29.02
C GLN B 457 0.78 -16.50 28.63
N ASN B 458 2.00 -16.02 28.47
CA ASN B 458 3.13 -16.85 28.07
C ASN B 458 3.91 -17.40 29.26
N GLU B 459 3.40 -17.22 30.49
CA GLU B 459 3.99 -17.82 31.68
C GLU B 459 5.41 -17.32 31.91
N ASN B 460 5.72 -16.09 31.47
CA ASN B 460 7.04 -15.54 31.68
C ASN B 460 7.29 -15.32 33.18
N THR B 461 8.57 -15.09 33.51
CA THR B 461 8.99 -14.90 34.88
C THR B 461 9.53 -13.49 35.06
N ILE B 462 9.83 -13.15 36.31
CA ILE B 462 10.44 -11.86 36.60
C ILE B 462 11.74 -11.71 35.84
N ASP B 463 12.42 -12.82 35.53
CA ASP B 463 13.69 -12.73 34.83
C ASP B 463 13.49 -12.33 33.38
N ASP B 464 12.41 -12.78 32.75
CA ASP B 464 12.11 -12.35 31.40
C ASP B 464 11.75 -10.87 31.35
N LEU B 465 10.87 -10.44 32.25
CA LEU B 465 10.45 -9.04 32.25
C LEU B 465 11.58 -8.11 32.65
N ALA B 466 12.51 -8.59 33.47
CA ALA B 466 13.59 -7.73 33.94
C ALA B 466 14.52 -7.30 32.80
N MET B 467 14.58 -8.09 31.72
CA MET B 467 15.53 -7.84 30.65
C MET B 467 14.93 -7.82 29.26
N VAL B 468 13.69 -8.25 29.08
CA VAL B 468 13.10 -8.30 27.74
C VAL B 468 13.17 -6.92 27.10
N ASP B 469 13.36 -6.90 25.78
CA ASP B 469 13.58 -5.65 25.07
C ASP B 469 12.40 -4.70 25.24
N MET B 470 12.72 -3.43 25.49
CA MET B 470 11.72 -2.37 25.56
C MET B 470 12.38 -1.07 25.15
N LEU B 471 11.70 -0.32 24.28
CA LEU B 471 12.29 0.89 23.72
C LEU B 471 12.56 1.92 24.82
N PHE B 472 13.55 2.77 24.57
CA PHE B 472 13.87 3.88 25.45
C PHE B 472 13.82 5.20 24.69
N GLN B 473 13.20 6.20 25.31
CA GLN B 473 13.19 7.56 24.80
C GLN B 473 12.70 8.47 25.93
N PRO B 474 13.43 9.52 26.29
CA PRO B 474 13.06 10.32 27.46
C PRO B 474 11.61 10.78 27.44
N ASN B 475 11.03 11.02 26.26
CA ASN B 475 9.61 11.36 26.20
C ASN B 475 8.73 10.27 26.80
N PHE B 476 9.24 9.05 26.94
CA PHE B 476 8.42 7.90 27.28
C PHE B 476 8.86 7.22 28.57
N ASP B 477 10.16 7.00 28.76
CA ASP B 477 10.62 6.20 29.89
C ASP B 477 12.10 6.48 30.14
N ARG B 478 12.66 5.76 31.10
CA ARG B 478 14.10 5.78 31.37
C ARG B 478 14.77 4.78 30.44
N PRO B 479 16.11 4.69 30.46
CA PRO B 479 16.76 3.65 29.63
C PRO B 479 16.12 2.28 29.77
N PHE B 480 15.94 1.81 30.99
CA PHE B 480 15.15 0.62 31.25
C PHE B 480 13.70 1.02 31.50
N ASN B 481 12.78 0.40 30.76
CA ASN B 481 11.37 0.68 30.96
C ASN B 481 10.97 0.39 32.41
N TYR B 482 10.04 1.18 32.93
CA TYR B 482 9.62 1.02 34.32
C TYR B 482 9.06 -0.38 34.59
N LEU B 483 8.57 -1.06 33.56
CA LEU B 483 8.21 -2.47 33.74
C LEU B 483 9.44 -3.32 33.95
N ASN B 484 10.49 -3.10 33.15
CA ASN B 484 11.75 -3.77 33.38
C ASN B 484 12.29 -3.47 34.79
N ILE B 485 12.24 -2.20 35.18
CA ILE B 485 12.69 -1.82 36.52
C ILE B 485 11.90 -2.56 37.58
N LEU B 486 10.58 -2.66 37.40
CA LEU B 486 9.74 -3.38 38.35
C LEU B 486 10.21 -4.82 38.50
N ALA B 487 10.31 -5.55 37.40
CA ALA B 487 10.78 -6.93 37.46
C ALA B 487 12.17 -7.02 38.07
N GLN B 488 13.05 -6.08 37.73
CA GLN B 488 14.37 -6.04 38.35
C GLN B 488 14.26 -5.86 39.86
N ALA B 489 13.25 -5.14 40.32
CA ALA B 489 13.02 -5.04 41.77
C ALA B 489 12.65 -6.39 42.36
N ALA B 490 11.82 -7.16 41.64
CA ALA B 490 11.48 -8.49 42.10
C ALA B 490 12.69 -9.40 42.13
N GLN B 491 13.60 -9.23 41.16
CA GLN B 491 14.82 -10.03 41.14
C GLN B 491 15.63 -9.84 42.43
N ALA B 492 15.69 -8.60 42.94
CA ALA B 492 16.51 -8.30 44.10
C ALA B 492 15.96 -8.88 45.39
N LYS B 493 14.67 -9.22 45.43
CA LYS B 493 14.10 -9.74 46.66
C LYS B 493 14.30 -11.24 46.80
N VAL B 494 14.33 -11.97 45.68
CA VAL B 494 14.59 -13.41 45.75
C VAL B 494 16.03 -13.67 46.12
N ALA B 495 16.96 -12.99 45.44
CA ALA B 495 18.38 -13.13 45.77
C ALA B 495 18.68 -12.59 47.17
N GLN B 496 17.82 -11.73 47.70
CA GLN B 496 17.99 -11.28 49.08
C GLN B 496 17.63 -12.37 50.08
N SER B 497 16.89 -13.40 49.67
CA SER B 497 16.59 -14.53 50.52
C SER B 497 17.11 -15.85 49.95
N VAL B 498 17.88 -15.80 48.86
CA VAL B 498 18.74 -16.94 48.50
C VAL B 498 20.14 -16.75 49.06
N MET C 51 26.52 28.09 -44.55
CA MET C 51 26.58 27.97 -43.09
C MET C 51 27.40 26.75 -42.68
N LYS C 52 28.41 26.97 -41.83
CA LYS C 52 29.28 25.91 -41.35
C LYS C 52 28.75 25.38 -40.03
N VAL C 53 28.48 24.07 -39.98
CA VAL C 53 27.91 23.42 -38.81
C VAL C 53 28.81 22.26 -38.41
N THR C 54 29.04 22.13 -37.11
CA THR C 54 29.88 21.08 -36.55
C THR C 54 29.09 20.31 -35.50
N VAL C 55 29.28 18.99 -35.48
CA VAL C 55 28.58 18.10 -34.56
C VAL C 55 29.62 17.41 -33.67
N VAL C 56 29.44 17.52 -32.37
CA VAL C 56 30.33 16.90 -31.39
C VAL C 56 29.62 15.67 -30.83
N GLY C 57 30.18 14.49 -31.09
CA GLY C 57 29.56 13.25 -30.69
C GLY C 57 28.56 12.78 -31.72
N CYS C 58 28.43 11.46 -31.88
CA CYS C 58 27.55 10.94 -32.95
C CYS C 58 27.25 9.46 -32.65
N THR C 59 26.20 9.24 -31.86
CA THR C 59 25.61 7.91 -31.72
C THR C 59 24.17 7.95 -32.23
N HIS C 60 23.26 8.57 -31.49
CA HIS C 60 21.87 8.69 -31.93
C HIS C 60 21.44 10.14 -32.09
N ALA C 61 21.77 11.01 -31.13
CA ALA C 61 21.40 12.42 -31.24
C ALA C 61 22.08 13.06 -32.44
N GLY C 62 23.38 12.81 -32.62
CA GLY C 62 24.09 13.41 -33.74
C GLY C 62 23.63 12.86 -35.07
N THR C 63 23.34 11.55 -35.14
CA THR C 63 22.95 10.94 -36.40
C THR C 63 21.67 11.58 -36.95
N PHE C 64 20.61 11.62 -36.13
CA PHE C 64 19.36 12.21 -36.59
C PHE C 64 19.51 13.69 -36.91
N ALA C 65 20.24 14.42 -36.06
CA ALA C 65 20.48 15.84 -36.33
C ALA C 65 21.19 16.01 -37.68
N ILE C 66 22.22 15.20 -37.92
CA ILE C 66 22.94 15.26 -39.19
C ILE C 66 21.95 15.12 -40.36
N LYS C 67 21.30 13.97 -40.45
CA LYS C 67 20.36 13.74 -41.53
C LYS C 67 19.31 14.85 -41.62
N GLN C 68 18.83 15.32 -40.47
CA GLN C 68 17.79 16.35 -40.48
C GLN C 68 18.32 17.67 -41.00
N ILE C 69 19.52 18.07 -40.55
CA ILE C 69 20.07 19.37 -40.94
C ILE C 69 20.37 19.39 -42.44
N LEU C 70 20.84 18.26 -42.98
CA LEU C 70 21.12 18.19 -44.42
C LEU C 70 19.84 18.18 -45.24
N ALA C 71 18.74 17.64 -44.69
CA ALA C 71 17.48 17.66 -45.42
C ALA C 71 16.81 19.02 -45.38
N GLU C 72 17.03 19.79 -44.30
CA GLU C 72 16.43 21.10 -44.15
C GLU C 72 17.29 22.21 -44.73
N HIS C 73 18.62 22.09 -44.65
CA HIS C 73 19.55 23.12 -45.11
C HIS C 73 20.65 22.44 -45.90
N PRO C 74 20.41 22.11 -47.18
CA PRO C 74 21.44 21.42 -47.97
C PRO C 74 22.62 22.29 -48.34
N ASP C 75 22.47 23.62 -48.30
CA ASP C 75 23.57 24.54 -48.57
C ASP C 75 24.53 24.68 -47.39
N ALA C 76 24.51 23.74 -46.45
CA ALA C 76 25.33 23.81 -45.25
C ALA C 76 26.54 22.90 -45.37
N GLU C 77 27.60 23.26 -44.63
CA GLU C 77 28.82 22.47 -44.53
C GLU C 77 28.81 21.83 -43.15
N VAL C 78 28.45 20.56 -43.08
CA VAL C 78 28.27 19.84 -41.83
C VAL C 78 29.49 18.96 -41.59
N THR C 79 30.18 19.19 -40.48
CA THR C 79 31.33 18.39 -40.08
C THR C 79 31.06 17.82 -38.69
N VAL C 80 31.16 16.50 -38.57
CA VAL C 80 30.86 15.79 -37.34
C VAL C 80 32.11 15.10 -36.84
N TYR C 81 32.34 15.16 -35.53
CA TYR C 81 33.46 14.49 -34.88
C TYR C 81 32.94 13.50 -33.85
N GLU C 82 33.62 12.38 -33.72
CA GLU C 82 33.23 11.31 -32.82
C GLU C 82 34.46 10.54 -32.40
N ARG C 83 34.72 10.51 -31.09
CA ARG C 83 35.83 9.73 -30.54
C ARG C 83 35.83 8.29 -31.04
N ASN C 84 34.68 7.74 -31.37
CA ASN C 84 34.55 6.36 -31.79
C ASN C 84 34.70 6.25 -33.31
N ASP C 85 34.52 5.03 -33.82
CA ASP C 85 34.58 4.75 -35.24
C ASP C 85 33.21 4.50 -35.87
N VAL C 86 32.22 4.12 -35.08
CA VAL C 86 30.90 3.80 -35.60
C VAL C 86 29.90 4.87 -35.18
N ILE C 87 28.63 4.66 -35.52
CA ILE C 87 27.55 5.59 -35.16
C ILE C 87 26.26 4.79 -35.02
N SER C 88 25.32 5.35 -34.28
CA SER C 88 23.96 4.80 -34.20
C SER C 88 23.98 3.36 -33.68
N PHE C 89 24.88 3.06 -32.76
CA PHE C 89 24.88 1.75 -32.12
C PHE C 89 23.79 1.69 -31.06
N LEU C 90 23.01 0.60 -31.08
CA LEU C 90 21.89 0.45 -30.16
C LEU C 90 22.36 -0.31 -28.92
N SER C 91 22.96 0.45 -27.99
CA SER C 91 23.37 -0.11 -26.70
C SER C 91 22.14 -0.61 -25.95
N GLY C 93 20.23 -2.50 -27.07
CA GLY C 93 20.13 -3.90 -27.46
C GLY C 93 21.33 -4.75 -27.12
N ILE C 94 22.23 -4.23 -26.29
CA ILE C 94 23.40 -5.00 -25.89
C ILE C 94 22.97 -6.23 -25.09
N ALA C 95 22.20 -6.01 -24.02
CA ALA C 95 21.76 -7.10 -23.17
C ALA C 95 21.11 -8.22 -23.99
N LEU C 96 20.20 -7.85 -24.90
CA LEU C 96 19.64 -8.85 -25.80
C LEU C 96 20.73 -9.61 -26.54
N TYR C 97 21.78 -8.89 -26.96
CA TYR C 97 22.90 -9.54 -27.65
C TYR C 97 23.59 -10.55 -26.74
N LEU C 98 23.92 -10.14 -25.51
CA LEU C 98 24.59 -11.06 -24.59
C LEU C 98 23.69 -12.24 -24.23
N GLY C 99 22.42 -11.98 -23.99
CA GLY C 99 21.48 -13.05 -23.65
C GLY C 99 21.22 -14.06 -24.75
N GLY C 100 21.81 -13.88 -25.92
CA GLY C 100 21.59 -14.78 -27.03
C GLY C 100 20.42 -14.45 -27.92
N LYS C 101 19.83 -13.26 -27.78
CA LYS C 101 18.66 -12.85 -28.54
C LYS C 101 19.02 -12.12 -29.83
N VAL C 102 20.31 -11.97 -30.13
CA VAL C 102 20.75 -11.26 -31.32
C VAL C 102 21.72 -12.17 -32.07
N ALA C 103 21.38 -12.51 -33.31
CA ALA C 103 22.20 -13.40 -34.12
C ALA C 103 23.14 -12.66 -35.07
N ASP C 104 22.88 -11.39 -35.34
CA ASP C 104 23.78 -10.56 -36.16
C ASP C 104 24.03 -9.25 -35.43
N PRO C 105 25.24 -9.01 -34.92
CA PRO C 105 25.46 -7.78 -34.14
C PRO C 105 25.47 -6.53 -35.00
N GLN C 106 25.98 -6.60 -36.23
CA GLN C 106 25.97 -5.41 -37.08
C GLN C 106 24.57 -4.91 -37.35
N GLY C 107 23.55 -5.75 -37.15
CA GLY C 107 22.17 -5.32 -37.22
C GLY C 107 21.74 -4.38 -36.12
N LEU C 108 22.62 -4.09 -35.15
CA LEU C 108 22.36 -3.10 -34.13
C LEU C 108 22.73 -1.69 -34.56
N PHE C 109 23.27 -1.53 -35.77
CA PHE C 109 23.62 -0.24 -36.33
C PHE C 109 22.67 0.06 -37.48
N TYR C 110 21.87 1.13 -37.32
CA TYR C 110 20.93 1.54 -38.35
C TYR C 110 21.51 2.55 -39.31
N SER C 111 22.82 2.76 -39.28
CA SER C 111 23.49 3.69 -40.18
C SER C 111 24.97 3.34 -40.21
N SER C 112 25.76 4.26 -40.77
CA SER C 112 27.19 4.04 -40.92
C SER C 112 27.85 5.38 -41.28
N PRO C 113 29.14 5.53 -41.00
CA PRO C 113 29.85 6.74 -41.46
C PRO C 113 29.72 6.97 -42.96
N GLU C 114 29.69 5.89 -43.75
CA GLU C 114 29.53 6.05 -45.19
C GLU C 114 28.20 6.72 -45.52
N GLU C 115 27.12 6.27 -44.90
CA GLU C 115 25.80 6.77 -45.25
C GLU C 115 25.70 8.27 -45.00
N LEU C 116 26.15 8.72 -43.82
CA LEU C 116 26.09 10.15 -43.51
C LEU C 116 26.90 10.96 -44.52
N GLN C 117 28.09 10.47 -44.89
CA GLN C 117 28.95 11.20 -45.81
C GLN C 117 28.51 11.09 -47.26
N LYS C 118 27.46 10.31 -47.55
CA LYS C 118 26.92 10.24 -48.89
C LYS C 118 26.04 11.44 -49.23
N LEU C 119 25.58 12.17 -48.22
CA LEU C 119 24.75 13.35 -48.43
C LEU C 119 25.52 14.66 -48.29
N GLY C 120 26.81 14.60 -47.92
CA GLY C 120 27.63 15.79 -47.84
C GLY C 120 28.22 16.04 -46.47
N ALA C 121 28.17 15.03 -45.61
CA ALA C 121 28.65 15.18 -44.23
C ALA C 121 30.17 15.03 -44.18
N ASN C 122 30.84 16.07 -43.69
CA ASN C 122 32.27 16.01 -43.39
C ASN C 122 32.44 15.25 -42.08
N VAL C 123 32.46 13.93 -42.17
CA VAL C 123 32.45 13.05 -41.01
C VAL C 123 33.88 12.67 -40.66
N GLN C 124 34.31 13.05 -39.46
CA GLN C 124 35.66 12.77 -38.96
C GLN C 124 35.52 11.78 -37.80
N MET C 125 35.60 10.50 -38.11
CA MET C 125 35.65 9.48 -37.08
C MET C 125 37.04 9.42 -36.48
N ASN C 126 37.16 8.76 -35.33
CA ASN C 126 38.42 8.67 -34.58
C ASN C 126 38.90 10.04 -34.11
N HIS C 127 38.08 11.07 -34.24
CA HIS C 127 38.45 12.42 -33.85
C HIS C 127 37.87 12.75 -32.48
N ASN C 128 38.69 13.38 -31.63
CA ASN C 128 38.28 13.76 -30.29
C ASN C 128 38.32 15.28 -30.20
N VAL C 129 37.14 15.91 -30.22
CA VAL C 129 37.07 17.35 -30.03
C VAL C 129 37.68 17.70 -28.68
N LEU C 130 38.78 18.46 -28.71
CA LEU C 130 39.52 18.77 -27.49
C LEU C 130 39.02 20.01 -26.78
N ALA C 131 38.39 20.95 -27.49
CA ALA C 131 37.89 22.15 -26.86
C ALA C 131 37.06 22.96 -27.84
N ILE C 132 36.13 23.75 -27.31
CA ILE C 132 35.32 24.67 -28.09
C ILE C 132 35.30 26.01 -27.36
N ASP C 133 35.58 27.09 -28.08
CA ASP C 133 35.48 28.42 -27.51
C ASP C 133 34.22 29.09 -28.06
N PRO C 134 33.19 29.32 -27.25
CA PRO C 134 31.96 29.94 -27.76
C PRO C 134 32.17 31.38 -28.24
N ASP C 135 33.32 32.00 -27.96
CA ASP C 135 33.55 33.38 -28.32
C ASP C 135 34.21 33.52 -29.69
N GLN C 136 35.31 32.81 -29.92
CA GLN C 136 35.91 32.77 -31.25
C GLN C 136 35.21 31.80 -32.18
N LYS C 137 34.25 31.02 -31.67
CA LYS C 137 33.49 30.07 -32.47
C LYS C 137 34.42 29.14 -33.25
N THR C 138 35.23 28.40 -32.48
CA THR C 138 36.14 27.41 -33.04
C THR C 138 36.17 26.19 -32.14
N VAL C 139 36.60 25.06 -32.71
CA VAL C 139 36.80 23.83 -31.97
C VAL C 139 38.21 23.33 -32.25
N THR C 140 38.81 22.72 -31.23
CA THR C 140 40.14 22.15 -31.33
C THR C 140 40.01 20.63 -31.23
N VAL C 141 40.25 19.94 -32.34
CA VAL C 141 40.11 18.50 -32.42
C VAL C 141 41.47 17.87 -32.71
N GLU C 142 41.63 16.63 -32.28
CA GLU C 142 42.88 15.90 -32.40
C GLU C 142 42.58 14.52 -32.98
N ASP C 143 43.09 14.27 -34.19
CA ASP C 143 42.97 12.95 -34.78
C ASP C 143 43.61 11.91 -33.88
N LEU C 144 42.85 10.87 -33.54
CA LEU C 144 43.35 9.81 -32.66
C LEU C 144 44.28 8.85 -33.37
N THR C 145 44.43 8.94 -34.69
CA THR C 145 45.31 8.04 -35.44
C THR C 145 46.74 8.56 -35.53
N ASN C 146 46.99 9.82 -35.19
CA ASN C 146 48.35 10.37 -35.26
C ASN C 146 48.51 11.60 -34.38
N HIS C 147 47.54 11.85 -33.49
CA HIS C 147 47.63 12.96 -32.53
C HIS C 147 47.78 14.31 -33.22
N ALA C 148 47.08 14.47 -34.34
CA ALA C 148 47.15 15.71 -35.12
C ALA C 148 46.07 16.67 -34.64
N GLN C 149 46.48 17.79 -34.06
CA GLN C 149 45.53 18.79 -33.57
C GLN C 149 45.23 19.82 -34.64
N THR C 150 43.99 20.32 -34.61
CA THR C 150 43.53 21.34 -35.54
C THR C 150 42.42 22.15 -34.88
N THR C 151 42.20 23.35 -35.41
CA THR C 151 41.17 24.25 -34.89
C THR C 151 40.42 24.83 -36.08
N GLU C 152 39.11 24.61 -36.11
CA GLU C 152 38.24 25.10 -37.17
C GLU C 152 37.16 25.99 -36.58
N SER C 153 36.74 26.98 -37.36
CA SER C 153 35.64 27.84 -36.97
C SER C 153 34.31 27.19 -37.35
N TYR C 154 33.22 27.80 -36.90
CA TYR C 154 31.89 27.27 -37.19
C TYR C 154 30.88 28.40 -37.09
N ASP C 155 29.75 28.22 -37.79
CA ASP C 155 28.62 29.14 -37.64
C ASP C 155 27.62 28.65 -36.60
N LYS C 156 27.45 27.34 -36.47
CA LYS C 156 26.58 26.76 -35.46
C LYS C 156 27.23 25.47 -34.96
N LEU C 157 27.06 25.19 -33.67
CA LEU C 157 27.62 23.98 -33.06
C LEU C 157 26.50 23.22 -32.35
N VAL C 158 26.51 21.91 -32.52
CA VAL C 158 25.52 21.02 -31.93
C VAL C 158 26.23 20.09 -30.97
N MET C 159 25.87 20.14 -29.69
CA MET C 159 26.55 19.36 -28.65
C MET C 159 25.75 18.07 -28.43
N THR C 160 26.12 17.03 -29.17
CA THR C 160 25.54 15.71 -29.03
C THR C 160 26.56 14.73 -28.45
N SER C 161 27.31 15.19 -27.44
CA SER C 161 28.35 14.37 -26.83
C SER C 161 27.80 13.32 -25.86
N GLY C 162 26.50 13.31 -25.62
CA GLY C 162 25.90 12.23 -24.85
C GLY C 162 26.37 12.21 -23.42
N SER C 163 26.60 10.99 -22.91
CA SER C 163 26.91 10.76 -21.52
C SER C 163 28.02 9.73 -21.41
N TRP C 164 28.37 9.38 -20.17
CA TRP C 164 29.35 8.35 -19.88
C TRP C 164 28.95 7.71 -18.57
N PRO C 165 29.12 6.40 -18.41
CA PRO C 165 28.75 5.74 -17.15
C PRO C 165 29.39 6.43 -15.96
N ILE C 166 28.71 6.36 -14.82
CA ILE C 166 29.21 6.92 -13.56
C ILE C 166 30.08 5.90 -12.87
N VAL C 167 31.31 6.28 -12.55
CA VAL C 167 32.29 5.41 -11.92
C VAL C 167 32.66 6.00 -10.57
N PRO C 168 32.37 5.33 -9.45
CA PRO C 168 32.68 5.90 -8.13
C PRO C 168 34.18 5.90 -7.86
N LYS C 169 34.53 6.54 -6.74
CA LYS C 169 35.92 6.57 -6.27
C LYS C 169 36.13 5.45 -5.25
N ILE C 170 36.17 4.23 -5.77
CA ILE C 170 36.24 3.02 -4.96
C ILE C 170 37.59 2.34 -5.24
N PRO C 171 38.47 2.20 -4.25
CA PRO C 171 39.73 1.47 -4.47
C PRO C 171 39.46 0.10 -5.08
N GLY C 172 40.40 -0.34 -5.92
CA GLY C 172 40.20 -1.54 -6.71
C GLY C 172 39.43 -1.33 -7.98
N ILE C 173 38.87 -0.14 -8.19
CA ILE C 173 38.18 0.16 -9.44
C ILE C 173 39.07 -0.18 -10.63
N ASP C 174 40.36 0.17 -10.53
CA ASP C 174 41.30 0.01 -11.64
C ASP C 174 41.38 -1.43 -12.12
N SER C 175 40.83 -2.36 -11.33
CA SER C 175 40.82 -3.76 -11.73
C SER C 175 40.23 -3.94 -13.13
N ASP C 176 40.83 -4.83 -13.91
CA ASP C 176 40.33 -5.12 -15.24
C ASP C 176 39.08 -5.98 -15.22
N ARG C 177 38.85 -6.74 -14.15
CA ARG C 177 37.64 -7.54 -14.02
C ARG C 177 36.42 -6.70 -13.67
N VAL C 178 36.51 -5.37 -13.79
CA VAL C 178 35.40 -4.46 -13.57
C VAL C 178 35.14 -3.76 -14.89
N LYS C 179 34.07 -4.16 -15.57
CA LYS C 179 33.76 -3.67 -16.91
C LYS C 179 32.73 -2.55 -16.87
N LEU C 180 32.76 -1.70 -17.89
CA LEU C 180 31.70 -0.73 -18.14
C LEU C 180 30.81 -1.23 -19.26
N CYS C 181 29.60 -0.69 -19.31
CA CYS C 181 28.60 -1.09 -20.30
C CYS C 181 27.92 0.15 -20.84
N LYS C 182 28.22 0.50 -22.10
CA LYS C 182 27.68 1.70 -22.70
C LYS C 182 27.71 1.62 -24.22
N ASN C 183 28.88 1.30 -24.78
CA ASN C 183 29.07 1.38 -26.21
C ASN C 183 29.42 0.01 -26.78
N TRP C 184 29.59 -0.04 -28.10
CA TRP C 184 29.94 -1.28 -28.78
C TRP C 184 31.30 -1.82 -28.34
N ALA C 185 32.17 -0.96 -27.81
CA ALA C 185 33.47 -1.46 -27.33
C ALA C 185 33.31 -2.22 -26.02
N HIS C 186 32.48 -1.70 -25.11
CA HIS C 186 32.19 -2.42 -23.88
C HIS C 186 31.47 -3.73 -24.16
N ALA C 187 30.53 -3.71 -25.10
CA ALA C 187 29.82 -4.92 -25.49
C ALA C 187 30.81 -5.99 -25.92
N GLN C 188 31.53 -5.75 -27.02
CA GLN C 188 32.45 -6.75 -27.54
C GLN C 188 33.38 -7.28 -26.46
N ALA C 189 33.68 -6.47 -25.44
CA ALA C 189 34.51 -6.96 -24.34
C ALA C 189 33.74 -7.94 -23.46
N LEU C 190 32.44 -7.70 -23.26
CA LEU C 190 31.66 -8.54 -22.36
C LEU C 190 31.43 -9.92 -22.94
N ILE C 191 31.17 -10.02 -24.25
CA ILE C 191 30.91 -11.31 -24.88
C ILE C 191 32.05 -12.28 -24.56
N GLU C 192 33.27 -11.89 -24.88
CA GLU C 192 34.42 -12.76 -24.64
C GLU C 192 34.63 -12.95 -23.14
N ASP C 193 34.84 -11.85 -22.42
CA ASP C 193 35.07 -11.92 -20.98
C ASP C 193 33.89 -12.48 -20.21
N ALA C 194 32.75 -12.72 -20.85
CA ALA C 194 31.69 -13.49 -20.23
C ALA C 194 31.72 -14.95 -20.64
N LYS C 195 32.82 -15.38 -21.27
CA LYS C 195 32.99 -16.79 -21.62
C LYS C 195 33.64 -17.58 -20.49
N GLU C 196 34.65 -17.00 -19.85
CA GLU C 196 35.33 -17.62 -18.71
C GLU C 196 35.06 -16.87 -17.41
N ALA C 197 33.88 -16.26 -17.30
CA ALA C 197 33.44 -15.57 -16.08
C ALA C 197 32.11 -16.17 -15.67
N LYS C 198 32.18 -17.29 -14.94
CA LYS C 198 30.96 -17.99 -14.53
C LYS C 198 30.15 -17.17 -13.55
N ARG C 199 30.80 -16.57 -12.56
CA ARG C 199 30.15 -15.73 -11.58
C ARG C 199 30.28 -14.27 -12.00
N ILE C 200 29.15 -13.63 -12.27
CA ILE C 200 29.11 -12.25 -12.73
C ILE C 200 28.27 -11.43 -11.75
N THR C 201 28.70 -10.19 -11.52
CA THR C 201 28.04 -9.30 -10.58
C THR C 201 27.79 -7.96 -11.24
N VAL C 202 26.62 -7.37 -10.95
CA VAL C 202 26.21 -6.08 -11.51
C VAL C 202 26.08 -5.08 -10.37
N ILE C 203 26.73 -3.93 -10.52
CA ILE C 203 26.65 -2.85 -9.55
C ILE C 203 25.60 -1.85 -10.03
N GLY C 204 24.64 -1.55 -9.17
CA GLY C 204 23.51 -0.74 -9.52
C GLY C 204 22.21 -1.53 -9.51
N ALA C 205 21.10 -0.78 -9.58
CA ALA C 205 19.78 -1.39 -9.54
C ALA C 205 18.82 -0.73 -10.51
N GLY C 206 19.32 -0.25 -11.64
CA GLY C 206 18.52 0.40 -12.64
C GLY C 206 18.07 -0.53 -13.75
N TYR C 207 17.71 0.07 -14.88
CA TYR C 207 17.30 -0.72 -16.04
C TYR C 207 18.42 -1.66 -16.49
N ILE C 208 19.63 -1.12 -16.66
CA ILE C 208 20.74 -1.92 -17.16
C ILE C 208 21.00 -3.11 -16.24
N ALA C 209 21.18 -2.83 -14.95
CA ALA C 209 21.44 -3.90 -13.98
C ALA C 209 20.36 -4.97 -14.05
N ALA C 210 19.09 -4.57 -14.12
CA ALA C 210 18.02 -5.54 -14.24
C ALA C 210 18.16 -6.37 -15.50
N GLU C 211 18.41 -5.71 -16.64
CA GLU C 211 18.56 -6.44 -17.90
C GLU C 211 19.78 -7.35 -17.86
N LEU C 212 20.93 -6.81 -17.47
CA LEU C 212 22.15 -7.62 -17.43
C LEU C 212 21.97 -8.83 -16.53
N ALA C 213 21.44 -8.62 -15.32
CA ALA C 213 21.24 -9.73 -14.39
C ALA C 213 20.40 -10.83 -15.01
N GLU C 214 19.24 -10.45 -15.56
CA GLU C 214 18.36 -11.45 -16.18
C GLU C 214 19.07 -12.15 -17.33
N ALA C 215 19.74 -11.38 -18.19
CA ALA C 215 20.42 -11.98 -19.34
C ALA C 215 21.45 -13.01 -18.90
N TYR C 216 22.39 -12.60 -18.05
CA TYR C 216 23.39 -13.52 -17.52
C TYR C 216 22.79 -14.63 -16.68
N SER C 217 21.55 -14.46 -16.19
CA SER C 217 20.95 -15.47 -15.34
C SER C 217 20.32 -16.59 -16.15
N THR C 218 19.71 -16.27 -17.29
CA THR C 218 19.13 -17.28 -18.17
C THR C 218 20.16 -17.90 -19.11
N THR C 219 21.45 -17.78 -18.79
CA THR C 219 22.51 -18.29 -19.66
C THR C 219 23.57 -19.06 -18.87
N GLY C 220 23.23 -19.56 -17.69
CA GLY C 220 24.12 -20.41 -16.92
C GLY C 220 25.26 -19.70 -16.23
N HIS C 221 24.94 -18.68 -15.42
CA HIS C 221 25.92 -17.95 -14.64
C HIS C 221 25.47 -17.87 -13.19
N ASP C 222 26.45 -17.77 -12.29
CA ASP C 222 26.17 -17.52 -10.87
C ASP C 222 26.08 -16.01 -10.71
N VAL C 223 24.87 -15.48 -10.77
CA VAL C 223 24.62 -14.05 -10.91
C VAL C 223 24.41 -13.43 -9.54
N THR C 224 25.01 -12.26 -9.33
CA THR C 224 24.81 -11.46 -8.13
C THR C 224 24.57 -10.01 -8.54
N LEU C 225 23.66 -9.35 -7.84
CA LEU C 225 23.29 -7.97 -8.12
C LEU C 225 23.38 -7.15 -6.84
N ILE C 226 24.10 -6.03 -6.91
CA ILE C 226 24.39 -5.21 -5.74
C ILE C 226 24.09 -3.76 -6.06
N ALA C 227 23.51 -3.05 -5.10
CA ALA C 227 23.18 -1.64 -5.26
C ALA C 227 22.73 -1.07 -3.93
N ARG C 228 22.90 0.24 -3.77
CA ARG C 228 22.45 0.92 -2.56
C ARG C 228 20.93 0.99 -2.50
N SER C 229 20.23 0.79 -3.62
CA SER C 229 18.78 0.90 -3.64
C SER C 229 18.16 -0.14 -2.70
N ALA C 230 17.05 0.24 -2.07
CA ALA C 230 16.37 -0.71 -1.19
C ALA C 230 15.65 -1.80 -1.97
N ARG C 231 15.15 -1.46 -3.15
CA ARG C 231 14.46 -2.41 -4.01
C ARG C 231 14.89 -2.19 -5.45
N VAL C 232 14.78 -3.25 -6.26
CA VAL C 232 15.27 -3.21 -7.63
C VAL C 232 14.42 -2.25 -8.46
N MET C 233 15.09 -1.39 -9.24
CA MET C 233 14.41 -0.45 -10.11
C MET C 233 13.41 0.42 -9.36
N ARG C 234 13.83 0.92 -8.19
CA ARG C 234 12.97 1.81 -7.43
C ARG C 234 12.66 3.09 -8.20
N LYS C 235 13.58 3.52 -9.06
CA LYS C 235 13.43 4.76 -9.82
C LYS C 235 12.28 4.75 -10.80
N TYR C 236 11.76 3.58 -11.16
CA TYR C 236 10.72 3.50 -12.19
C TYR C 236 9.39 2.92 -11.71
N PHE C 237 9.41 1.99 -10.77
CA PHE C 237 8.19 1.32 -10.33
C PHE C 237 8.07 1.39 -8.82
N ASP C 238 6.84 1.25 -8.34
CA ASP C 238 6.55 1.25 -6.91
C ASP C 238 6.67 -0.18 -6.35
N ALA C 239 6.64 -0.27 -5.02
CA ALA C 239 6.99 -1.51 -4.34
C ALA C 239 6.19 -2.70 -4.88
N ASP C 240 4.88 -2.51 -5.12
CA ASP C 240 4.05 -3.63 -5.56
C ASP C 240 4.60 -4.27 -6.84
N PHE C 241 5.21 -3.46 -7.71
CA PHE C 241 5.82 -4.02 -8.92
C PHE C 241 7.17 -4.66 -8.61
N THR C 242 8.07 -3.90 -7.98
CA THR C 242 9.44 -4.36 -7.78
C THR C 242 9.50 -5.57 -6.85
N ASP C 243 8.46 -5.80 -6.04
CA ASP C 243 8.44 -7.00 -5.21
C ASP C 243 8.24 -8.26 -6.05
N VAL C 244 7.43 -8.16 -7.10
CA VAL C 244 7.19 -9.32 -7.96
C VAL C 244 8.45 -9.64 -8.76
N ILE C 245 9.21 -8.62 -9.17
CA ILE C 245 10.40 -8.86 -9.96
C ILE C 245 11.48 -9.51 -9.10
N GLU C 246 11.59 -9.10 -7.83
CA GLU C 246 12.59 -9.69 -6.95
C GLU C 246 12.31 -11.17 -6.72
N GLN C 247 11.05 -11.51 -6.42
CA GLN C 247 10.71 -12.92 -6.28
C GLN C 247 11.04 -13.70 -7.55
N ASP C 248 10.89 -13.07 -8.71
CA ASP C 248 11.37 -13.66 -9.95
C ASP C 248 12.88 -13.84 -9.90
N TYR C 249 13.62 -12.74 -9.69
CA TYR C 249 15.08 -12.80 -9.62
C TYR C 249 15.53 -13.88 -8.64
N ARG C 250 14.80 -14.07 -7.55
CA ARG C 250 15.16 -15.10 -6.59
C ARG C 250 14.78 -16.49 -7.10
N ASP C 251 13.57 -16.63 -7.66
CA ASP C 251 13.17 -17.91 -8.24
C ASP C 251 14.11 -18.36 -9.34
N HIS C 252 14.83 -17.44 -9.99
CA HIS C 252 15.80 -17.78 -11.02
C HIS C 252 17.22 -17.83 -10.47
N GLY C 253 17.39 -17.96 -9.15
CA GLY C 253 18.69 -18.16 -8.55
C GLY C 253 19.53 -16.93 -8.38
N VAL C 254 19.12 -15.78 -8.92
CA VAL C 254 19.91 -14.57 -8.80
C VAL C 254 20.01 -14.15 -7.35
N GLN C 255 21.19 -13.72 -6.93
CA GLN C 255 21.41 -13.24 -5.57
C GLN C 255 21.22 -11.73 -5.53
N LEU C 256 20.40 -11.27 -4.58
CA LEU C 256 20.09 -9.87 -4.42
C LEU C 256 20.72 -9.36 -3.13
N ALA C 257 21.60 -8.38 -3.25
CA ALA C 257 22.27 -7.75 -2.11
C ALA C 257 21.97 -6.26 -2.19
N LEU C 258 20.80 -5.87 -1.68
CA LEU C 258 20.34 -4.49 -1.75
C LEU C 258 20.68 -3.75 -0.44
N GLY C 259 20.50 -2.44 -0.47
CA GLY C 259 20.73 -1.63 0.72
C GLY C 259 22.18 -1.63 1.13
N GLU C 260 23.03 -2.13 0.24
CA GLU C 260 24.46 -2.26 0.46
C GLU C 260 25.22 -1.50 -0.62
N THR C 261 26.32 -0.87 -0.22
CA THR C 261 27.13 -0.05 -1.11
C THR C 261 28.56 -0.53 -1.07
N VAL C 262 29.16 -0.71 -2.25
CA VAL C 262 30.51 -1.26 -2.33
C VAL C 262 31.52 -0.30 -1.69
N GLU C 263 32.71 -0.83 -1.41
CA GLU C 263 33.76 -0.05 -0.78
C GLU C 263 35.10 -0.19 -1.49
N SER C 264 35.35 -1.37 -2.07
CA SER C 264 36.65 -1.63 -2.68
C SER C 264 36.53 -2.80 -3.64
N PHE C 265 37.63 -3.06 -4.36
CA PHE C 265 37.74 -4.20 -5.27
C PHE C 265 39.15 -4.75 -5.14
N THR C 266 39.30 -5.89 -4.49
CA THR C 266 40.60 -6.53 -4.29
C THR C 266 40.66 -7.75 -5.22
N ASP C 267 41.13 -7.52 -6.44
CA ASP C 267 41.24 -8.59 -7.44
C ASP C 267 42.28 -9.61 -6.98
N SER C 268 41.83 -10.80 -6.61
CA SER C 268 42.71 -11.88 -6.21
C SER C 268 42.93 -12.84 -7.39
N ALA C 269 43.80 -13.83 -7.17
CA ALA C 269 43.95 -14.89 -8.16
C ALA C 269 42.72 -15.78 -8.25
N THR C 270 41.79 -15.65 -7.32
CA THR C 270 40.53 -16.39 -7.36
C THR C 270 39.40 -15.59 -7.99
N GLY C 271 39.69 -14.37 -8.45
CA GLY C 271 38.67 -13.53 -9.06
C GLY C 271 38.72 -12.09 -8.58
N LEU C 272 37.59 -11.42 -8.60
CA LEU C 272 37.47 -10.05 -8.11
C LEU C 272 36.69 -10.07 -6.80
N THR C 273 37.30 -9.56 -5.74
CA THR C 273 36.69 -9.54 -4.42
C THR C 273 36.06 -8.16 -4.18
N ILE C 274 34.74 -8.15 -4.02
CA ILE C 274 33.98 -6.92 -3.79
C ILE C 274 33.63 -6.85 -2.31
N LYS C 275 33.95 -5.72 -1.67
CA LYS C 275 33.60 -5.49 -0.28
C LYS C 275 32.59 -4.35 -0.21
N THR C 276 31.35 -4.67 0.14
CA THR C 276 30.34 -3.67 0.43
C THR C 276 30.32 -3.39 1.93
N ASP C 277 29.67 -2.28 2.30
CA ASP C 277 29.59 -1.88 3.69
C ASP C 277 28.68 -2.78 4.53
N LYS C 278 28.43 -4.02 4.10
CA LYS C 278 27.60 -4.94 4.86
C LYS C 278 28.02 -6.39 4.64
N ASN C 279 28.94 -6.63 3.70
CA ASN C 279 29.33 -7.99 3.35
C ASN C 279 30.44 -7.96 2.29
N SER C 280 30.78 -9.13 1.77
CA SER C 280 31.77 -9.26 0.71
C SER C 280 31.40 -10.45 -0.15
N TYR C 281 31.63 -10.32 -1.46
CA TYR C 281 31.26 -11.33 -2.43
C TYR C 281 32.41 -11.56 -3.39
N GLU C 282 32.46 -12.77 -3.93
CA GLU C 282 33.55 -13.18 -4.82
C GLU C 282 32.95 -13.55 -6.16
N THR C 283 33.12 -12.66 -7.14
CA THR C 283 32.63 -12.88 -8.50
C THR C 283 33.82 -12.91 -9.45
N ASP C 284 33.54 -13.38 -10.67
CA ASP C 284 34.55 -13.44 -11.73
C ASP C 284 34.57 -12.19 -12.59
N LEU C 285 33.54 -11.34 -12.51
CA LEU C 285 33.45 -10.15 -13.34
C LEU C 285 32.39 -9.23 -12.76
N ALA C 286 32.72 -7.94 -12.72
CA ALA C 286 31.81 -6.91 -12.22
C ALA C 286 31.57 -5.87 -13.31
N ILE C 287 30.32 -5.43 -13.42
CA ILE C 287 29.91 -4.48 -14.45
C ILE C 287 29.31 -3.26 -13.76
N LEU C 288 29.82 -2.09 -14.10
CA LEU C 288 29.31 -0.84 -13.54
C LEU C 288 28.02 -0.45 -14.24
N CYS C 289 26.92 -0.38 -13.48
CA CYS C 289 25.62 0.00 -14.02
C CYS C 289 24.91 0.90 -13.02
N ILE C 290 25.54 2.04 -12.72
CA ILE C 290 25.04 2.94 -11.68
C ILE C 290 24.83 4.35 -12.25
N GLY C 291 24.27 4.44 -13.45
CA GLY C 291 23.77 5.68 -13.98
C GLY C 291 24.67 6.29 -15.04
N PHE C 292 24.23 7.45 -15.54
CA PHE C 292 24.95 8.23 -16.53
C PHE C 292 25.18 9.63 -16.00
N ARG C 293 26.25 10.27 -16.50
CA ARG C 293 26.51 11.67 -16.24
C ARG C 293 26.85 12.36 -17.55
N PRO C 294 26.29 13.55 -17.80
CA PRO C 294 26.48 14.19 -19.11
C PRO C 294 27.95 14.45 -19.40
N ASN C 295 28.37 14.10 -20.61
CA ASN C 295 29.73 14.38 -21.08
C ASN C 295 29.77 15.82 -21.58
N THR C 296 29.84 16.74 -20.62
CA THR C 296 29.77 18.17 -20.89
C THR C 296 30.92 18.91 -20.22
N ASP C 297 32.14 18.41 -20.41
CA ASP C 297 33.31 19.07 -19.85
C ASP C 297 33.69 20.30 -20.67
N LEU C 298 33.65 20.17 -22.01
CA LEU C 298 34.11 21.25 -22.88
C LEU C 298 33.33 22.54 -22.65
N LEU C 299 32.07 22.44 -22.26
CA LEU C 299 31.21 23.62 -22.10
C LEU C 299 30.97 23.97 -20.64
N LYS C 300 31.49 23.21 -19.68
CA LYS C 300 31.30 23.53 -18.28
C LYS C 300 31.64 24.99 -18.03
N GLY C 301 30.69 25.72 -17.43
CA GLY C 301 30.90 27.12 -17.06
C GLY C 301 30.70 28.02 -18.26
N LYS C 302 30.63 27.41 -19.44
CA LYS C 302 30.42 28.11 -20.70
C LYS C 302 28.96 28.14 -21.13
N VAL C 303 28.10 27.32 -20.53
CA VAL C 303 26.67 27.31 -20.85
C VAL C 303 25.91 26.92 -19.61
N ASP C 304 24.68 27.43 -19.49
CA ASP C 304 23.85 27.11 -18.34
C ASP C 304 23.60 25.61 -18.29
N MET C 305 23.91 25.00 -17.15
CA MET C 305 23.81 23.55 -16.99
C MET C 305 23.04 23.24 -15.71
N ALA C 306 22.66 21.97 -15.59
CA ALA C 306 22.08 21.44 -14.36
C ALA C 306 23.20 21.03 -13.42
N PRO C 307 22.86 20.66 -12.18
CA PRO C 307 23.92 20.30 -11.22
C PRO C 307 24.80 19.14 -11.68
N ASN C 308 24.35 18.35 -12.65
CA ASN C 308 25.13 17.22 -13.15
C ASN C 308 25.91 17.53 -14.41
N GLY C 309 25.75 18.73 -14.96
CA GLY C 309 26.36 19.08 -16.23
C GLY C 309 25.46 18.96 -17.43
N ALA C 310 24.16 18.75 -17.23
CA ALA C 310 23.22 18.65 -18.33
C ALA C 310 22.92 20.05 -18.89
N ILE C 311 22.98 20.17 -20.21
CA ILE C 311 22.83 21.46 -20.87
C ILE C 311 21.35 21.87 -20.82
N ILE C 312 21.07 22.97 -20.11
CA ILE C 312 19.75 23.56 -20.20
C ILE C 312 19.53 24.11 -21.60
N THR C 313 18.29 24.04 -22.08
CA THR C 313 17.94 24.56 -23.39
C THR C 313 16.57 25.21 -23.32
N ASP C 314 16.26 26.00 -24.35
CA ASP C 314 14.90 26.49 -24.49
C ASP C 314 14.03 25.36 -25.04
N ASP C 315 12.94 25.70 -25.70
CA ASP C 315 12.05 24.71 -26.28
C ASP C 315 12.39 24.39 -27.74
N TYR C 316 13.50 24.93 -28.26
CA TYR C 316 13.95 24.66 -29.62
C TYR C 316 15.33 24.02 -29.64
N MET C 317 15.85 23.60 -28.49
CA MET C 317 17.13 22.91 -28.32
C MET C 317 18.32 23.88 -28.33
N ARG C 318 18.09 25.18 -28.18
CA ARG C 318 19.17 26.15 -28.13
C ARG C 318 19.62 26.34 -26.68
N SER C 319 20.92 26.18 -26.44
CA SER C 319 21.49 26.44 -25.12
C SER C 319 21.51 27.95 -24.88
N SER C 320 22.14 28.36 -23.78
CA SER C 320 22.30 29.79 -23.52
C SER C 320 23.14 30.47 -24.58
N ASN C 321 23.95 29.72 -25.32
CA ASN C 321 24.67 30.24 -26.47
C ASN C 321 23.77 30.12 -27.69
N PRO C 322 23.28 31.22 -28.27
CA PRO C 322 22.20 31.11 -29.27
C PRO C 322 22.55 30.27 -30.48
N ASP C 323 23.83 29.98 -30.72
CA ASP C 323 24.22 29.16 -31.85
C ASP C 323 24.81 27.82 -31.43
N ILE C 324 24.59 27.43 -30.18
CA ILE C 324 25.03 26.13 -29.66
C ILE C 324 23.80 25.33 -29.28
N PHE C 325 23.61 24.20 -29.94
CA PHE C 325 22.47 23.32 -29.69
C PHE C 325 22.92 22.05 -28.98
N ALA C 326 21.97 21.43 -28.29
CA ALA C 326 22.23 20.19 -27.56
C ALA C 326 21.07 19.22 -27.80
N ALA C 327 21.38 17.93 -27.69
CA ALA C 327 20.38 16.89 -27.89
C ALA C 327 20.91 15.57 -27.33
N GLY C 328 20.06 14.88 -26.59
CA GLY C 328 20.43 13.56 -26.08
C GLY C 328 20.96 13.57 -24.66
N ASP C 329 21.87 12.63 -24.38
CA ASP C 329 22.36 12.39 -23.03
C ASP C 329 23.17 13.56 -22.47
N SER C 330 23.35 14.61 -23.26
CA SER C 330 24.11 15.78 -22.82
C SER C 330 23.23 16.97 -22.48
N ALA C 331 21.91 16.84 -22.58
CA ALA C 331 21.00 17.94 -22.32
C ALA C 331 19.97 17.56 -21.26
N ALA C 332 19.23 18.55 -20.81
CA ALA C 332 18.14 18.37 -19.86
C ALA C 332 16.81 18.54 -20.58
N VAL C 333 15.91 17.59 -20.38
CA VAL C 333 14.64 17.56 -21.08
C VAL C 333 13.56 18.16 -20.18
N HIS C 334 12.59 18.82 -20.82
CA HIS C 334 11.44 19.34 -20.11
C HIS C 334 10.53 18.18 -19.73
N TYR C 335 10.29 18.01 -18.43
CA TYR C 335 9.52 16.89 -17.89
C TYR C 335 8.10 17.36 -17.61
N ASN C 336 7.16 16.93 -18.44
CA ASN C 336 5.78 17.43 -18.34
C ASN C 336 5.16 17.16 -16.98
N PRO C 337 5.24 15.96 -16.40
CA PRO C 337 4.60 15.73 -15.10
C PRO C 337 4.95 16.78 -14.05
N THR C 338 6.17 17.32 -14.08
CA THR C 338 6.56 18.39 -13.19
C THR C 338 6.72 19.74 -13.90
N HIS C 339 6.72 19.75 -15.22
CA HIS C 339 6.92 20.99 -15.99
C HIS C 339 8.17 21.73 -15.51
N GLN C 340 9.19 20.95 -15.15
CA GLN C 340 10.50 21.48 -14.80
C GLN C 340 11.54 20.62 -15.50
N ASN C 341 12.66 21.23 -15.88
CA ASN C 341 13.72 20.50 -16.55
C ASN C 341 14.16 19.30 -15.71
N ALA C 342 14.62 18.27 -16.39
CA ALA C 342 15.10 17.05 -15.74
C ALA C 342 16.09 16.37 -16.65
N TYR C 343 16.93 15.51 -16.06
CA TYR C 343 17.91 14.73 -16.81
C TYR C 343 17.41 13.29 -16.85
N ILE C 344 16.86 12.88 -18.00
CA ILE C 344 16.37 11.53 -18.20
C ILE C 344 17.02 10.97 -19.46
N PRO C 345 18.21 10.37 -19.35
CA PRO C 345 18.87 9.82 -20.54
C PRO C 345 18.14 8.63 -21.12
N LEU C 346 17.49 8.83 -22.27
CA LEU C 346 16.77 7.78 -22.98
C LEU C 346 16.95 7.99 -24.47
N ALA C 347 17.13 6.89 -25.20
CA ALA C 347 17.27 6.98 -26.65
C ALA C 347 16.09 7.69 -27.30
N THR C 348 14.93 7.69 -26.64
CA THR C 348 13.77 8.39 -27.19
C THR C 348 14.02 9.89 -27.25
N ASN C 349 14.66 10.45 -26.22
CA ASN C 349 14.95 11.89 -26.23
C ASN C 349 16.02 12.24 -27.24
N ALA C 350 16.93 11.30 -27.56
CA ALA C 350 18.03 11.60 -28.46
C ALA C 350 17.56 11.73 -29.90
N VAL C 351 16.61 10.90 -30.33
CA VAL C 351 16.13 10.96 -31.70
C VAL C 351 15.21 12.16 -31.90
N ARG C 352 14.35 12.43 -30.92
CA ARG C 352 13.45 13.58 -31.01
C ARG C 352 14.23 14.89 -30.93
N GLN C 353 15.05 15.04 -29.89
CA GLN C 353 15.84 16.27 -29.76
C GLN C 353 16.77 16.46 -30.96
N GLY C 354 17.39 15.37 -31.42
CA GLY C 354 18.23 15.47 -32.60
C GLY C 354 17.48 15.98 -33.82
N ILE C 355 16.19 15.66 -33.92
CA ILE C 355 15.40 16.13 -35.05
C ILE C 355 15.14 17.63 -34.92
N LEU C 356 14.61 18.06 -33.76
CA LEU C 356 14.27 19.46 -33.58
C LEU C 356 15.45 20.37 -33.89
N VAL C 357 16.66 19.94 -33.52
CA VAL C 357 17.85 20.73 -33.82
C VAL C 357 17.88 21.09 -35.30
N GLY C 358 17.74 20.09 -36.17
CA GLY C 358 17.73 20.36 -37.60
C GLY C 358 16.61 21.31 -37.99
N LYS C 359 15.41 21.10 -37.44
CA LYS C 359 14.29 21.98 -37.73
C LYS C 359 14.54 23.42 -37.26
N ASN C 360 15.27 23.58 -36.15
CA ASN C 360 15.44 24.88 -35.52
C ASN C 360 16.86 25.43 -35.65
N LEU C 361 17.70 24.82 -36.48
CA LEU C 361 19.08 25.28 -36.61
C LEU C 361 19.15 26.74 -37.02
N VAL C 362 18.39 27.12 -38.05
CA VAL C 362 18.47 28.48 -38.57
C VAL C 362 17.52 29.43 -37.86
N LYS C 363 16.37 28.94 -37.40
CA LYS C 363 15.42 29.77 -36.68
C LYS C 363 14.41 28.85 -35.99
N PRO C 364 13.67 29.38 -35.00
CA PRO C 364 12.72 28.53 -34.27
C PRO C 364 11.57 28.10 -35.18
N THR C 365 11.31 26.80 -35.22
CA THR C 365 10.30 26.27 -36.13
C THR C 365 9.34 25.29 -35.47
N VAL C 366 9.84 24.39 -34.63
CA VAL C 366 9.01 23.38 -33.98
C VAL C 366 9.43 23.27 -32.53
N LYS C 367 8.45 23.28 -31.62
CA LYS C 367 8.71 23.24 -30.19
C LYS C 367 8.83 21.82 -29.68
N TYR C 368 9.73 21.63 -28.72
CA TYR C 368 9.83 20.36 -28.02
C TYR C 368 8.56 20.11 -27.21
N MET C 369 8.06 18.87 -27.27
CA MET C 369 6.83 18.50 -26.59
C MET C 369 7.08 17.97 -25.18
N GLY C 370 8.29 18.09 -24.66
CA GLY C 370 8.62 17.48 -23.39
C GLY C 370 8.53 15.97 -23.49
N THR C 371 8.65 15.33 -22.34
CA THR C 371 8.61 13.88 -22.29
C THR C 371 8.01 13.42 -20.97
N GLN C 372 7.30 12.30 -21.02
CA GLN C 372 6.81 11.62 -19.82
C GLN C 372 7.80 10.59 -19.30
N SER C 373 8.93 10.41 -19.97
CA SER C 373 9.94 9.42 -19.59
C SER C 373 9.44 7.99 -19.76
N SER C 374 8.55 7.77 -20.73
CA SER C 374 8.01 6.44 -20.98
C SER C 374 9.14 5.43 -21.13
N SER C 375 9.03 4.31 -20.42
CA SER C 375 10.08 3.31 -20.41
C SER C 375 9.48 1.96 -20.06
N GLY C 376 10.16 0.91 -20.47
CA GLY C 376 9.71 -0.44 -20.18
C GLY C 376 10.73 -1.45 -20.66
N LEU C 377 10.54 -2.68 -20.21
CA LEU C 377 11.45 -3.76 -20.56
C LEU C 377 10.76 -5.09 -20.32
N ALA C 378 11.42 -6.16 -20.72
CA ALA C 378 10.92 -7.52 -20.55
C ALA C 378 11.84 -8.27 -19.58
N LEU C 379 11.25 -8.85 -18.54
CA LEU C 379 11.99 -9.62 -17.54
C LEU C 379 11.27 -10.93 -17.31
N TYR C 380 11.94 -12.04 -17.64
CA TYR C 380 11.39 -13.38 -17.43
C TYR C 380 9.98 -13.51 -18.01
N ASP C 381 9.80 -12.98 -19.22
CA ASP C 381 8.57 -13.04 -20.01
C ASP C 381 7.52 -12.05 -19.52
N ARG C 382 7.79 -11.25 -18.50
CA ARG C 382 6.89 -10.21 -18.07
C ARG C 382 7.19 -8.92 -18.81
N THR C 383 6.15 -8.26 -19.31
CA THR C 383 6.27 -6.91 -19.84
C THR C 383 6.08 -5.90 -18.71
N ILE C 384 7.06 -5.03 -18.53
CA ILE C 384 7.07 -4.05 -17.45
C ILE C 384 7.32 -2.69 -18.07
N VAL C 385 6.32 -1.81 -18.04
CA VAL C 385 6.42 -0.50 -18.64
C VAL C 385 5.77 0.51 -17.70
N SER C 386 6.19 1.77 -17.83
CA SER C 386 5.65 2.85 -17.01
C SER C 386 5.84 4.16 -17.75
N THR C 387 5.21 5.21 -17.21
CA THR C 387 5.35 6.55 -17.77
C THR C 387 4.93 7.55 -16.70
N GLY C 388 5.61 8.69 -16.70
CA GLY C 388 5.26 9.69 -15.71
C GLY C 388 5.85 9.40 -14.35
N LEU C 389 5.25 10.05 -13.35
CA LEU C 389 5.74 9.95 -11.98
C LEU C 389 5.28 8.67 -11.32
N THR C 390 6.18 8.05 -10.55
CA THR C 390 5.76 7.04 -9.59
C THR C 390 5.19 7.74 -8.36
N LEU C 391 4.39 7.00 -7.59
CA LEU C 391 3.84 7.57 -6.37
C LEU C 391 4.95 8.00 -5.42
N ALA C 392 5.99 7.17 -5.28
CA ALA C 392 7.11 7.52 -4.42
C ALA C 392 7.82 8.77 -4.93
N ALA C 393 8.06 8.85 -6.23
CA ALA C 393 8.77 10.00 -6.80
C ALA C 393 7.92 11.27 -6.77
N ALA C 394 6.61 11.15 -6.64
CA ALA C 394 5.77 12.34 -6.60
C ALA C 394 5.71 12.93 -5.19
N LYS C 395 5.46 12.08 -4.18
CA LYS C 395 5.44 12.56 -2.80
C LYS C 395 6.83 12.95 -2.32
N GLN C 396 7.86 12.23 -2.76
CA GLN C 396 9.24 12.62 -2.44
C GLN C 396 9.51 14.07 -2.84
N GLN C 397 8.81 14.55 -3.87
CA GLN C 397 8.84 15.95 -4.25
C GLN C 397 7.72 16.76 -3.61
N GLY C 398 6.97 16.16 -2.68
CA GLY C 398 5.93 16.87 -1.96
C GLY C 398 4.68 17.15 -2.75
N LEU C 399 4.59 16.62 -3.96
CA LEU C 399 3.41 16.86 -4.80
C LEU C 399 2.18 16.25 -4.16
N ASN C 400 1.04 16.87 -4.43
CA ASN C 400 -0.25 16.34 -3.99
C ASN C 400 -0.58 15.13 -4.87
N ALA C 401 -0.36 13.93 -4.34
CA ALA C 401 -0.43 12.74 -5.17
C ALA C 401 -1.07 11.58 -4.41
N GLU C 402 -1.91 10.84 -5.12
CA GLU C 402 -2.41 9.54 -4.69
C GLU C 402 -2.29 8.57 -5.85
N GLN C 403 -2.43 7.28 -5.55
CA GLN C 403 -2.32 6.26 -6.58
C GLN C 403 -3.26 5.11 -6.27
N VAL C 404 -3.52 4.31 -7.31
CA VAL C 404 -4.32 3.09 -7.19
C VAL C 404 -3.58 1.96 -7.88
N ILE C 405 -3.54 0.80 -7.23
CA ILE C 405 -2.97 -0.41 -7.80
C ILE C 405 -4.13 -1.39 -8.03
N VAL C 406 -4.43 -1.64 -9.30
CA VAL C 406 -5.49 -2.55 -9.70
C VAL C 406 -4.87 -3.78 -10.36
N GLU C 407 -5.45 -4.94 -10.11
CA GLU C 407 -5.05 -6.18 -10.77
C GLU C 407 -6.30 -6.86 -11.31
N ASP C 408 -6.45 -6.84 -12.64
CA ASP C 408 -7.57 -7.50 -13.29
C ASP C 408 -7.05 -8.22 -14.52
N ASN C 409 -7.69 -9.35 -14.84
CA ASN C 409 -7.37 -10.02 -16.09
C ASN C 409 -7.55 -9.05 -17.25
N TYR C 410 -6.69 -9.18 -18.26
CA TYR C 410 -6.71 -8.23 -19.36
C TYR C 410 -7.82 -8.50 -20.37
N ARG C 411 -8.38 -9.71 -20.38
CA ARG C 411 -9.52 -10.01 -21.22
C ARG C 411 -10.39 -11.03 -20.52
N PRO C 412 -11.63 -11.22 -20.96
CA PRO C 412 -12.59 -12.03 -20.21
C PRO C 412 -12.07 -13.44 -19.93
N GLU C 413 -12.52 -13.99 -18.79
CA GLU C 413 -12.05 -15.31 -18.38
C GLU C 413 -12.57 -16.43 -19.27
N PHE C 414 -13.59 -16.17 -20.10
CA PHE C 414 -14.14 -17.22 -20.94
C PHE C 414 -13.31 -17.46 -22.20
N MET C 415 -12.33 -16.61 -22.49
CA MET C 415 -11.44 -16.86 -23.61
C MET C 415 -10.60 -18.09 -23.33
N PRO C 416 -10.09 -18.75 -24.38
CA PRO C 416 -9.23 -19.93 -24.15
C PRO C 416 -8.10 -19.66 -23.18
N SER C 417 -7.65 -18.40 -23.09
CA SER C 417 -6.65 -18.02 -22.10
C SER C 417 -6.81 -16.54 -21.80
N THR C 418 -6.20 -16.12 -20.69
CA THR C 418 -6.16 -14.72 -20.30
C THR C 418 -5.00 -14.55 -19.33
N GLU C 419 -4.72 -13.31 -18.96
CA GLU C 419 -3.56 -13.05 -18.13
C GLU C 419 -3.80 -11.89 -17.16
N PRO C 420 -3.32 -12.00 -15.93
CA PRO C 420 -3.42 -10.88 -14.99
C PRO C 420 -2.53 -9.73 -15.43
N VAL C 421 -3.00 -8.51 -15.19
CA VAL C 421 -2.23 -7.30 -15.45
C VAL C 421 -2.28 -6.43 -14.21
N LEU C 422 -1.13 -6.24 -13.56
CA LEU C 422 -1.01 -5.35 -12.42
C LEU C 422 -0.80 -3.93 -12.91
N MET C 423 -1.64 -3.01 -12.46
CA MET C 423 -1.65 -1.66 -12.98
C MET C 423 -1.57 -0.65 -11.84
N SER C 424 -0.97 0.50 -12.15
CA SER C 424 -0.81 1.59 -11.20
C SER C 424 -1.17 2.90 -11.89
N LEU C 425 -1.88 3.77 -11.18
CA LEU C 425 -2.26 5.09 -11.69
C LEU C 425 -1.96 6.12 -10.62
N VAL C 426 -1.07 7.06 -10.94
CA VAL C 426 -0.74 8.17 -10.04
C VAL C 426 -1.44 9.41 -10.58
N PHE C 427 -2.12 10.14 -9.68
CA PHE C 427 -2.98 11.22 -10.12
C PHE C 427 -3.06 12.27 -9.02
N ASP C 428 -3.47 13.47 -9.41
CA ASP C 428 -3.73 14.54 -8.46
C ASP C 428 -5.11 14.34 -7.85
N PRO C 429 -5.23 14.30 -6.52
CA PRO C 429 -6.56 14.08 -5.91
C PRO C 429 -7.49 15.26 -6.05
N ASP C 430 -6.97 16.45 -6.40
CA ASP C 430 -7.76 17.67 -6.49
C ASP C 430 -8.09 18.01 -7.94
N THR C 431 -7.07 18.29 -8.76
CA THR C 431 -7.29 18.54 -10.17
C THR C 431 -7.63 17.26 -10.93
N HIS C 432 -7.48 16.10 -10.32
CA HIS C 432 -7.71 14.81 -10.97
C HIS C 432 -6.76 14.59 -12.15
N ARG C 433 -5.70 15.37 -12.23
CA ARG C 433 -4.73 15.20 -13.31
C ARG C 433 -3.92 13.92 -13.10
N ILE C 434 -3.80 13.13 -14.17
CA ILE C 434 -3.00 11.91 -14.10
C ILE C 434 -1.53 12.28 -14.01
N LEU C 435 -0.84 11.68 -13.05
CA LEU C 435 0.58 11.98 -12.81
C LEU C 435 1.50 10.85 -13.23
N GLY C 436 0.97 9.79 -13.82
CA GLY C 436 1.79 8.67 -14.27
C GLY C 436 1.09 7.35 -14.08
N GLY C 437 1.67 6.29 -14.63
CA GLY C 437 1.10 4.97 -14.54
C GLY C 437 2.12 3.91 -14.88
N ALA C 438 1.72 2.66 -14.70
CA ALA C 438 2.58 1.52 -14.97
C ALA C 438 1.71 0.28 -15.18
N LEU C 439 2.21 -0.63 -16.00
CA LEU C 439 1.56 -1.91 -16.27
C LEU C 439 2.59 -3.02 -16.26
N MET C 440 2.24 -4.14 -15.64
CA MET C 440 3.09 -5.32 -15.61
C MET C 440 2.25 -6.55 -15.91
N SER C 441 2.69 -7.36 -16.87
CA SER C 441 1.92 -8.54 -17.26
C SER C 441 2.75 -9.37 -18.22
N LYS C 442 2.52 -10.69 -18.18
CA LYS C 442 3.13 -11.55 -19.19
C LYS C 442 2.49 -11.36 -20.56
N TYR C 443 1.30 -10.78 -20.62
CA TYR C 443 0.74 -10.29 -21.87
C TYR C 443 1.34 -8.92 -22.18
N ASP C 444 1.87 -8.77 -23.40
CA ASP C 444 2.52 -7.52 -23.77
C ASP C 444 1.58 -6.32 -23.65
N VAL C 445 1.62 -5.64 -22.50
CA VAL C 445 0.82 -4.44 -22.28
C VAL C 445 1.63 -3.18 -22.59
N SER C 446 2.76 -3.32 -23.27
CA SER C 446 3.67 -2.19 -23.45
C SER C 446 3.01 -1.02 -24.17
N GLN C 447 2.09 -1.30 -25.10
CA GLN C 447 1.46 -0.22 -25.86
C GLN C 447 0.61 0.67 -24.96
N SER C 448 0.06 0.13 -23.88
CA SER C 448 -0.77 0.93 -22.99
C SER C 448 0.01 2.09 -22.37
N ALA C 449 1.27 1.84 -22.02
CA ALA C 449 2.10 2.90 -21.43
C ALA C 449 2.16 4.11 -22.36
N ASN C 450 2.18 3.87 -23.67
CA ASN C 450 2.17 4.99 -24.61
C ASN C 450 0.81 5.66 -24.69
N THR C 451 -0.26 4.92 -24.38
CA THR C 451 -1.58 5.55 -24.27
C THR C 451 -1.63 6.47 -23.05
N LEU C 452 -1.12 6.01 -21.91
CA LEU C 452 -1.03 6.86 -20.73
C LEU C 452 -0.15 8.08 -21.01
N SER C 453 0.95 7.87 -21.74
CA SER C 453 1.82 8.99 -22.11
C SER C 453 1.04 10.07 -22.84
N VAL C 454 0.13 9.67 -23.73
CA VAL C 454 -0.69 10.64 -24.44
C VAL C 454 -1.57 11.41 -23.48
N CYS C 455 -2.20 10.72 -22.52
CA CYS C 455 -3.05 11.39 -21.56
C CYS C 455 -2.27 12.46 -20.78
N ILE C 456 -1.06 12.10 -20.34
CA ILE C 456 -0.22 13.07 -19.62
C ILE C 456 0.14 14.23 -20.53
N GLN C 457 0.50 13.94 -21.78
CA GLN C 457 0.84 15.00 -22.71
C GLN C 457 -0.31 15.98 -22.89
N ASN C 458 -1.54 15.48 -22.87
CA ASN C 458 -2.73 16.29 -23.09
C ASN C 458 -3.37 16.75 -21.80
N GLU C 459 -2.71 16.56 -20.65
CA GLU C 459 -3.23 17.02 -19.36
C GLU C 459 -4.58 16.39 -19.05
N ASN C 460 -4.72 15.10 -19.35
CA ASN C 460 -5.98 14.40 -19.11
C ASN C 460 -6.09 14.00 -17.64
N THR C 461 -7.33 13.81 -17.20
CA THR C 461 -7.64 13.43 -15.83
C THR C 461 -8.07 11.98 -15.76
N ILE C 462 -8.23 11.50 -14.53
CA ILE C 462 -8.77 10.15 -14.33
C ILE C 462 -10.18 10.05 -14.87
N ASP C 463 -10.94 11.15 -14.81
CA ASP C 463 -12.29 11.16 -15.36
C ASP C 463 -12.26 10.97 -16.88
N ASP C 464 -11.31 11.62 -17.56
CA ASP C 464 -11.16 11.42 -18.99
C ASP C 464 -10.84 9.96 -19.30
N LEU C 465 -9.79 9.42 -18.66
CA LEU C 465 -9.40 8.04 -18.92
C LEU C 465 -10.47 7.06 -18.47
N ALA C 466 -11.26 7.42 -17.46
CA ALA C 466 -12.28 6.51 -16.95
C ALA C 466 -13.31 6.17 -18.02
N MET C 467 -13.61 7.09 -18.91
CA MET C 467 -14.69 6.92 -19.88
C MET C 467 -14.27 7.12 -21.33
N VAL C 468 -13.00 7.45 -21.59
CA VAL C 468 -12.57 7.69 -22.96
C VAL C 468 -12.83 6.45 -23.80
N ASP C 469 -13.32 6.66 -25.03
CA ASP C 469 -13.65 5.56 -25.91
C ASP C 469 -12.45 4.65 -26.12
N MET C 470 -12.69 3.35 -26.06
CA MET C 470 -11.65 2.35 -26.32
C MET C 470 -12.31 1.09 -26.84
N LEU C 471 -11.70 0.48 -27.85
CA LEU C 471 -12.29 -0.67 -28.51
C LEU C 471 -12.57 -1.78 -27.52
N PHE C 472 -13.53 -2.64 -27.85
CA PHE C 472 -13.82 -3.83 -27.09
C PHE C 472 -13.91 -5.03 -28.02
N GLN C 473 -13.27 -6.13 -27.63
CA GLN C 473 -13.36 -7.40 -28.32
C GLN C 473 -12.73 -8.46 -27.43
N PRO C 474 -13.47 -9.51 -27.05
CA PRO C 474 -12.94 -10.48 -26.07
C PRO C 474 -11.52 -10.93 -26.36
N ASN C 475 -11.10 -10.93 -27.62
CA ASN C 475 -9.72 -11.24 -27.96
C ASN C 475 -8.74 -10.23 -27.35
N PHE C 476 -9.24 -9.09 -26.89
CA PHE C 476 -8.35 -8.00 -26.50
C PHE C 476 -8.57 -7.47 -25.09
N ASP C 477 -9.81 -7.41 -24.63
CA ASP C 477 -10.10 -6.79 -23.33
C ASP C 477 -11.56 -7.06 -22.98
N ARG C 478 -11.98 -6.52 -21.83
CA ARG C 478 -13.36 -6.55 -21.40
C ARG C 478 -14.13 -5.40 -22.03
N PRO C 479 -15.45 -5.34 -21.83
CA PRO C 479 -16.22 -4.20 -22.37
C PRO C 479 -15.56 -2.86 -22.10
N PHE C 480 -15.05 -2.66 -20.88
CA PHE C 480 -14.18 -1.53 -20.57
C PHE C 480 -12.74 -1.99 -20.66
N ASN C 481 -11.94 -1.31 -21.49
CA ASN C 481 -10.52 -1.63 -21.55
C ASN C 481 -9.90 -1.47 -20.16
N TYR C 482 -8.93 -2.33 -19.86
CA TYR C 482 -8.31 -2.33 -18.54
C TYR C 482 -7.81 -0.95 -18.13
N LEU C 483 -7.57 -0.05 -19.10
CA LEU C 483 -7.17 1.31 -18.75
C LEU C 483 -8.36 2.11 -18.22
N ASN C 484 -9.53 1.93 -18.81
CA ASN C 484 -10.73 2.56 -18.27
C ASN C 484 -10.99 2.10 -16.84
N ILE C 485 -10.97 0.79 -16.63
CA ILE C 485 -11.19 0.24 -15.28
C ILE C 485 -10.18 0.83 -14.31
N LEU C 486 -8.91 0.91 -14.72
CA LEU C 486 -7.87 1.48 -13.87
C LEU C 486 -8.26 2.88 -13.41
N ALA C 487 -8.66 3.74 -14.35
CA ALA C 487 -9.05 5.10 -13.98
C ALA C 487 -10.31 5.13 -13.14
N GLN C 488 -11.25 4.20 -13.38
CA GLN C 488 -12.46 4.15 -12.59
C GLN C 488 -12.18 3.78 -11.15
N ALA C 489 -11.09 3.05 -10.89
CA ALA C 489 -10.67 2.82 -9.51
C ALA C 489 -10.18 4.10 -8.86
N ALA C 490 -9.51 4.96 -9.63
CA ALA C 490 -9.11 6.27 -9.11
C ALA C 490 -10.34 7.08 -8.72
N GLN C 491 -11.37 7.07 -9.57
CA GLN C 491 -12.62 7.75 -9.21
C GLN C 491 -13.23 7.14 -7.96
N ALA C 492 -13.32 5.80 -7.92
CA ALA C 492 -13.85 5.13 -6.74
C ALA C 492 -13.01 5.45 -5.51
N LYS C 493 -11.69 5.54 -5.68
CA LYS C 493 -10.81 5.95 -4.59
C LYS C 493 -11.17 7.34 -4.09
N VAL C 494 -11.33 8.30 -5.01
CA VAL C 494 -11.66 9.66 -4.62
C VAL C 494 -13.10 9.77 -4.15
N ALA C 495 -13.97 8.86 -4.59
CA ALA C 495 -15.34 8.86 -4.08
C ALA C 495 -15.38 8.41 -2.62
N GLN C 496 -14.52 7.44 -2.27
CA GLN C 496 -14.40 7.03 -0.87
C GLN C 496 -14.04 8.21 0.01
N SER C 497 -13.10 9.05 -0.44
CA SER C 497 -12.69 10.22 0.32
C SER C 497 -13.74 11.34 0.27
N VAL C 498 -14.75 11.24 -0.59
CA VAL C 498 -15.80 12.25 -0.64
C VAL C 498 -17.03 11.72 0.09
N ASN C 499 -16.81 11.01 1.18
CA ASN C 499 -17.89 10.57 2.07
C ASN C 499 -17.33 9.70 3.19
N SER D 50 -39.48 7.15 -3.38
CA SER D 50 -40.14 8.38 -3.80
C SER D 50 -40.01 8.57 -5.30
N MET D 51 -38.78 8.60 -5.78
CA MET D 51 -38.51 8.74 -7.21
C MET D 51 -38.64 7.38 -7.88
N LYS D 52 -39.55 7.28 -8.84
CA LYS D 52 -39.89 6.02 -9.48
C LYS D 52 -39.24 5.96 -10.86
N VAL D 53 -38.31 5.04 -11.04
CA VAL D 53 -37.59 4.85 -12.30
C VAL D 53 -37.96 3.48 -12.86
N THR D 54 -38.29 3.43 -14.14
CA THR D 54 -38.61 2.19 -14.84
C THR D 54 -37.69 2.06 -16.05
N VAL D 55 -36.94 0.97 -16.10
CA VAL D 55 -35.96 0.73 -17.16
C VAL D 55 -36.59 -0.18 -18.21
N VAL D 56 -36.53 0.24 -19.47
CA VAL D 56 -37.05 -0.52 -20.59
C VAL D 56 -35.87 -1.18 -21.29
N GLY D 57 -35.72 -2.48 -21.10
CA GLY D 57 -34.61 -3.21 -21.67
C GLY D 57 -33.52 -3.45 -20.66
N CYS D 58 -32.75 -4.53 -20.88
CA CYS D 58 -31.69 -4.87 -19.94
C CYS D 58 -30.71 -5.88 -20.52
N THR D 59 -29.78 -5.40 -21.35
CA THR D 59 -28.66 -6.21 -21.81
C THR D 59 -27.36 -5.65 -21.25
N HIS D 60 -26.93 -4.48 -21.70
CA HIS D 60 -25.73 -3.84 -21.18
C HIS D 60 -26.04 -2.40 -20.78
N ALA D 61 -26.68 -1.65 -21.68
CA ALA D 61 -27.03 -0.26 -21.38
C ALA D 61 -27.96 -0.18 -20.17
N GLY D 62 -28.83 -1.16 -19.99
CA GLY D 62 -29.73 -1.17 -18.85
C GLY D 62 -29.06 -1.62 -17.58
N THR D 63 -28.22 -2.65 -17.66
CA THR D 63 -27.57 -3.17 -16.46
C THR D 63 -26.73 -2.10 -15.77
N PHE D 64 -25.79 -1.50 -16.49
CA PHE D 64 -24.95 -0.46 -15.90
C PHE D 64 -25.81 0.68 -15.36
N ALA D 65 -26.79 1.14 -16.14
CA ALA D 65 -27.69 2.18 -15.66
C ALA D 65 -28.40 1.75 -14.38
N ILE D 66 -28.80 0.48 -14.30
CA ILE D 66 -29.43 -0.03 -13.09
C ILE D 66 -28.46 0.05 -11.92
N LYS D 67 -27.29 -0.58 -12.07
CA LYS D 67 -26.30 -0.54 -11.00
C LYS D 67 -25.86 0.89 -10.68
N GLN D 68 -25.90 1.77 -11.67
CA GLN D 68 -25.44 3.13 -11.45
C GLN D 68 -26.45 3.93 -10.64
N ILE D 69 -27.72 3.95 -11.07
CA ILE D 69 -28.75 4.71 -10.38
C ILE D 69 -28.79 4.33 -8.90
N LEU D 70 -28.81 3.02 -8.63
CA LEU D 70 -28.90 2.54 -7.25
C LEU D 70 -27.82 3.17 -6.38
N ALA D 71 -26.55 2.98 -6.76
CA ALA D 71 -25.45 3.52 -5.99
C ALA D 71 -25.43 5.04 -5.97
N GLU D 72 -26.05 5.68 -6.96
CA GLU D 72 -26.05 7.14 -7.04
C GLU D 72 -27.27 7.75 -6.35
N HIS D 73 -28.45 7.12 -6.51
CA HIS D 73 -29.69 7.60 -5.93
C HIS D 73 -30.32 6.46 -5.15
N PRO D 74 -29.85 6.20 -3.93
CA PRO D 74 -30.30 5.00 -3.20
C PRO D 74 -31.77 5.07 -2.78
N ASP D 75 -32.29 6.26 -2.50
CA ASP D 75 -33.69 6.42 -2.12
C ASP D 75 -34.57 6.49 -3.37
N ALA D 76 -34.45 5.45 -4.20
CA ALA D 76 -35.22 5.35 -5.43
C ALA D 76 -35.74 3.93 -5.57
N GLU D 77 -36.87 3.80 -6.27
CA GLU D 77 -37.50 2.51 -6.53
C GLU D 77 -37.40 2.25 -8.03
N VAL D 78 -36.53 1.32 -8.41
CA VAL D 78 -36.22 1.04 -9.81
C VAL D 78 -36.89 -0.26 -10.22
N THR D 79 -37.64 -0.21 -11.32
CA THR D 79 -38.26 -1.38 -11.91
C THR D 79 -37.79 -1.50 -13.35
N VAL D 80 -37.38 -2.70 -13.75
CA VAL D 80 -36.85 -2.94 -15.09
C VAL D 80 -37.59 -4.12 -15.70
N TYR D 81 -37.98 -3.97 -16.97
CA TYR D 81 -38.68 -5.01 -17.71
C TYR D 81 -37.81 -5.46 -18.88
N GLU D 82 -37.79 -6.78 -19.11
CA GLU D 82 -36.95 -7.36 -20.15
C GLU D 82 -37.69 -8.55 -20.74
N ARG D 83 -37.93 -8.51 -22.06
CA ARG D 83 -38.62 -9.60 -22.74
C ARG D 83 -37.95 -10.95 -22.49
N ASN D 84 -36.62 -10.94 -22.35
CA ASN D 84 -35.86 -12.16 -22.14
C ASN D 84 -35.97 -12.61 -20.68
N ASP D 85 -35.34 -13.75 -20.39
CA ASP D 85 -35.11 -14.21 -19.03
C ASP D 85 -33.66 -14.09 -18.61
N VAL D 86 -32.81 -13.54 -19.49
CA VAL D 86 -31.38 -13.36 -19.21
C VAL D 86 -31.03 -11.90 -19.42
N ILE D 87 -29.97 -11.46 -18.74
CA ILE D 87 -29.44 -10.11 -18.89
C ILE D 87 -27.93 -10.19 -19.05
N SER D 88 -27.37 -9.16 -19.66
CA SER D 88 -25.92 -9.03 -19.85
C SER D 88 -25.35 -10.25 -20.55
N PHE D 89 -25.89 -10.54 -21.73
CA PHE D 89 -25.38 -11.61 -22.58
C PHE D 89 -24.35 -11.02 -23.54
N LEU D 90 -23.12 -11.48 -23.42
CA LEU D 90 -22.04 -11.07 -24.33
C LEU D 90 -22.26 -11.73 -25.68
N SER D 91 -23.07 -11.08 -26.51
CA SER D 91 -23.33 -11.55 -27.86
C SER D 91 -22.04 -11.47 -28.67
N GLY D 93 -19.49 -12.61 -27.98
CA GLY D 93 -18.79 -13.86 -27.76
C GLY D 93 -19.47 -15.04 -28.42
N ILE D 94 -20.49 -14.75 -29.23
CA ILE D 94 -21.18 -15.81 -29.95
C ILE D 94 -20.24 -16.50 -30.93
N ALA D 95 -19.69 -15.72 -31.87
CA ALA D 95 -18.77 -16.29 -32.85
C ALA D 95 -17.66 -17.08 -32.17
N LEU D 96 -17.14 -16.56 -31.06
CA LEU D 96 -16.17 -17.31 -30.28
C LEU D 96 -16.78 -18.60 -29.75
N TYR D 97 -18.02 -18.53 -29.27
CA TYR D 97 -18.73 -19.75 -28.87
C TYR D 97 -19.00 -20.63 -30.08
N LEU D 98 -19.59 -20.07 -31.13
CA LEU D 98 -19.78 -20.82 -32.37
C LEU D 98 -18.46 -21.39 -32.87
N GLY D 99 -17.43 -20.56 -32.97
CA GLY D 99 -16.13 -21.00 -33.40
C GLY D 99 -15.50 -22.06 -32.50
N GLY D 100 -16.10 -22.32 -31.35
CA GLY D 100 -15.61 -23.35 -30.45
C GLY D 100 -14.54 -22.91 -29.49
N LYS D 101 -14.40 -21.62 -29.23
CA LYS D 101 -13.41 -21.11 -28.29
C LYS D 101 -14.01 -20.73 -26.94
N VAL D 102 -15.27 -21.08 -26.69
CA VAL D 102 -15.92 -20.83 -25.40
C VAL D 102 -16.42 -22.16 -24.88
N ALA D 103 -15.75 -22.70 -23.87
CA ALA D 103 -16.17 -23.99 -23.35
C ALA D 103 -17.31 -23.84 -22.34
N ASP D 104 -17.25 -22.81 -21.50
CA ASP D 104 -18.30 -22.56 -20.53
C ASP D 104 -19.19 -21.42 -21.02
N PRO D 105 -20.28 -21.71 -21.72
CA PRO D 105 -21.11 -20.62 -22.28
C PRO D 105 -21.73 -19.72 -21.22
N GLN D 106 -21.79 -20.16 -19.97
CA GLN D 106 -22.37 -19.33 -18.92
C GLN D 106 -21.46 -18.16 -18.54
N GLY D 107 -20.16 -18.30 -18.76
CA GLY D 107 -19.25 -17.19 -18.57
C GLY D 107 -19.44 -16.03 -19.52
N LEU D 108 -20.42 -16.11 -20.42
CA LEU D 108 -20.73 -15.01 -21.33
C LEU D 108 -21.64 -13.97 -20.72
N PHE D 109 -22.19 -14.22 -19.53
CA PHE D 109 -22.98 -13.25 -18.79
C PHE D 109 -22.14 -12.73 -17.63
N TYR D 110 -22.18 -11.41 -17.43
CA TYR D 110 -21.45 -10.79 -16.33
C TYR D 110 -22.37 -10.31 -15.21
N SER D 111 -23.63 -10.74 -15.22
CA SER D 111 -24.58 -10.36 -14.20
C SER D 111 -25.74 -11.36 -14.22
N SER D 112 -26.83 -11.01 -13.56
CA SER D 112 -28.01 -11.86 -13.51
C SER D 112 -29.14 -11.15 -12.78
N PRO D 113 -30.41 -11.41 -13.13
CA PRO D 113 -31.51 -10.77 -12.41
C PRO D 113 -31.42 -10.92 -10.90
N GLU D 114 -30.97 -12.07 -10.43
CA GLU D 114 -30.77 -12.25 -8.98
C GLU D 114 -29.84 -11.19 -8.43
N GLU D 115 -28.81 -10.83 -9.19
CA GLU D 115 -27.89 -9.79 -8.75
C GLU D 115 -28.59 -8.44 -8.66
N LEU D 116 -29.21 -8.01 -9.76
CA LEU D 116 -29.88 -6.71 -9.77
C LEU D 116 -30.95 -6.64 -8.68
N GLN D 117 -31.83 -7.64 -8.61
CA GLN D 117 -32.78 -7.70 -7.51
C GLN D 117 -32.08 -7.79 -6.16
N LYS D 118 -30.91 -8.43 -6.13
CA LYS D 118 -30.12 -8.49 -4.90
C LYS D 118 -29.75 -7.10 -4.41
N LEU D 119 -29.66 -6.12 -5.31
CA LEU D 119 -29.36 -4.75 -4.95
C LEU D 119 -30.61 -3.89 -4.78
N GLY D 120 -31.78 -4.39 -5.14
CA GLY D 120 -33.01 -3.66 -4.89
C GLY D 120 -33.79 -3.29 -6.14
N ALA D 121 -33.42 -3.88 -7.28
CA ALA D 121 -34.08 -3.56 -8.54
C ALA D 121 -35.39 -4.34 -8.65
N ASN D 122 -36.49 -3.62 -8.95
CA ASN D 122 -37.78 -4.24 -9.21
C ASN D 122 -37.67 -4.94 -10.57
N VAL D 123 -37.00 -6.09 -10.56
CA VAL D 123 -36.69 -6.82 -11.77
C VAL D 123 -37.93 -7.59 -12.22
N GLN D 124 -38.24 -7.49 -13.52
CA GLN D 124 -39.42 -8.13 -14.09
C GLN D 124 -39.02 -8.69 -15.46
N MET D 125 -38.48 -9.90 -15.46
CA MET D 125 -38.12 -10.57 -16.70
C MET D 125 -39.36 -11.17 -17.36
N ASN D 126 -39.24 -11.44 -18.65
CA ASN D 126 -40.32 -12.01 -19.45
C ASN D 126 -41.48 -11.04 -19.64
N HIS D 127 -41.23 -9.74 -19.50
CA HIS D 127 -42.25 -8.72 -19.69
C HIS D 127 -41.93 -7.90 -20.94
N ASN D 128 -42.96 -7.61 -21.72
CA ASN D 128 -42.84 -6.80 -22.92
C ASN D 128 -43.56 -5.48 -22.70
N VAL D 129 -42.80 -4.39 -22.69
CA VAL D 129 -43.39 -3.05 -22.59
C VAL D 129 -44.19 -2.78 -23.85
N LEU D 130 -45.52 -2.76 -23.72
CA LEU D 130 -46.40 -2.60 -24.88
C LEU D 130 -46.48 -1.15 -25.35
N ALA D 131 -46.43 -0.18 -24.44
CA ALA D 131 -46.55 1.22 -24.83
C ALA D 131 -46.09 2.10 -23.68
N ILE D 132 -45.74 3.34 -24.02
CA ILE D 132 -45.28 4.33 -23.05
C ILE D 132 -45.97 5.65 -23.36
N ASP D 133 -46.55 6.27 -22.34
CA ASP D 133 -47.20 7.57 -22.49
C ASP D 133 -46.34 8.64 -21.82
N PRO D 134 -45.68 9.51 -22.57
CA PRO D 134 -44.89 10.59 -21.94
C PRO D 134 -45.72 11.66 -21.25
N ASP D 135 -47.05 11.61 -21.37
CA ASP D 135 -47.92 12.60 -20.73
C ASP D 135 -48.23 12.18 -19.29
N GLN D 136 -49.13 11.22 -19.12
CA GLN D 136 -49.45 10.68 -17.80
C GLN D 136 -48.32 9.89 -17.19
N LYS D 137 -47.16 9.84 -17.83
CA LYS D 137 -45.96 9.16 -17.34
C LYS D 137 -46.31 7.77 -16.79
N THR D 138 -46.61 6.87 -17.73
CA THR D 138 -46.94 5.50 -17.39
C THR D 138 -46.47 4.59 -18.52
N VAL D 139 -46.47 3.29 -18.23
CA VAL D 139 -46.11 2.26 -19.21
C VAL D 139 -47.10 1.11 -19.05
N THR D 140 -47.35 0.42 -20.16
CA THR D 140 -48.21 -0.75 -20.19
C THR D 140 -47.39 -1.94 -20.62
N VAL D 141 -47.41 -2.99 -19.81
CA VAL D 141 -46.58 -4.18 -20.02
C VAL D 141 -47.45 -5.42 -19.82
N GLU D 142 -47.24 -6.42 -20.67
CA GLU D 142 -47.96 -7.67 -20.61
C GLU D 142 -47.01 -8.79 -20.20
N ASP D 143 -47.27 -9.39 -19.04
CA ASP D 143 -46.47 -10.54 -18.62
C ASP D 143 -46.55 -11.63 -19.67
N LEU D 144 -45.39 -12.07 -20.15
CA LEU D 144 -45.34 -13.10 -21.18
C LEU D 144 -45.70 -14.49 -20.65
N THR D 145 -45.77 -14.66 -19.33
CA THR D 145 -46.12 -15.98 -18.79
C THR D 145 -47.62 -16.17 -18.67
N ASN D 146 -48.41 -15.08 -18.74
CA ASN D 146 -49.86 -15.21 -18.65
C ASN D 146 -50.60 -14.09 -19.36
N HIS D 147 -49.94 -13.27 -20.18
CA HIS D 147 -50.61 -12.22 -20.95
C HIS D 147 -51.35 -11.24 -20.03
N ALA D 148 -50.74 -10.94 -18.89
CA ALA D 148 -51.34 -10.05 -17.91
C ALA D 148 -50.79 -8.64 -18.13
N GLN D 149 -51.67 -7.72 -18.52
CA GLN D 149 -51.26 -6.34 -18.77
C GLN D 149 -51.34 -5.52 -17.50
N THR D 150 -50.52 -4.46 -17.45
CA THR D 150 -50.48 -3.58 -16.29
C THR D 150 -49.93 -2.22 -16.72
N THR D 151 -50.64 -1.16 -16.37
CA THR D 151 -50.18 0.20 -16.60
C THR D 151 -49.63 0.75 -15.29
N GLU D 152 -48.34 1.09 -15.29
CA GLU D 152 -47.66 1.61 -14.13
C GLU D 152 -47.11 3.00 -14.43
N SER D 153 -46.98 3.81 -13.39
CA SER D 153 -46.46 5.17 -13.53
C SER D 153 -44.98 5.21 -13.20
N TYR D 154 -44.33 6.31 -13.62
CA TYR D 154 -42.91 6.51 -13.37
C TYR D 154 -42.64 8.00 -13.24
N ASP D 155 -41.56 8.32 -12.54
CA ASP D 155 -41.01 9.67 -12.55
C ASP D 155 -39.90 9.85 -13.57
N LYS D 156 -39.11 8.80 -13.82
CA LYS D 156 -38.09 8.82 -14.86
C LYS D 156 -38.14 7.51 -15.63
N LEU D 157 -37.85 7.59 -16.93
CA LEU D 157 -37.80 6.42 -17.78
C LEU D 157 -36.42 6.32 -18.43
N VAL D 158 -35.92 5.09 -18.52
CA VAL D 158 -34.64 4.81 -19.17
C VAL D 158 -34.92 3.96 -20.40
N MET D 159 -34.63 4.52 -21.58
CA MET D 159 -34.93 3.86 -22.85
C MET D 159 -33.70 3.12 -23.36
N THR D 160 -33.42 2.00 -22.70
CA THR D 160 -32.31 1.12 -23.08
C THR D 160 -32.82 -0.13 -23.80
N SER D 161 -33.73 0.07 -24.75
CA SER D 161 -34.30 -1.05 -25.49
C SER D 161 -33.36 -1.64 -26.52
N GLY D 162 -32.23 -0.99 -26.79
CA GLY D 162 -31.26 -1.54 -27.72
C GLY D 162 -31.67 -1.57 -29.18
N SER D 163 -31.35 -2.66 -29.87
CA SER D 163 -31.57 -2.78 -31.30
C SER D 163 -32.04 -4.18 -31.65
N TRP D 164 -32.36 -4.37 -32.93
CA TRP D 164 -32.74 -5.65 -33.48
C TRP D 164 -32.19 -5.75 -34.91
N PRO D 165 -31.80 -6.95 -35.33
CA PRO D 165 -31.25 -7.11 -36.68
C PRO D 165 -32.14 -6.52 -37.77
N ILE D 166 -31.59 -6.36 -38.96
CA ILE D 166 -32.31 -5.80 -40.10
C ILE D 166 -32.78 -6.94 -40.98
N VAL D 167 -34.10 -7.08 -41.11
CA VAL D 167 -34.72 -8.16 -41.86
C VAL D 167 -35.40 -7.55 -43.08
N PRO D 168 -34.89 -7.76 -44.29
CA PRO D 168 -35.44 -7.10 -45.47
C PRO D 168 -36.64 -7.84 -46.04
N LYS D 169 -37.49 -7.07 -46.75
CA LYS D 169 -38.64 -7.62 -47.46
C LYS D 169 -38.14 -8.42 -48.66
N ILE D 170 -37.80 -9.69 -48.42
CA ILE D 170 -37.30 -10.56 -49.46
C ILE D 170 -38.16 -11.81 -49.52
N PRO D 171 -38.33 -12.43 -50.69
CA PRO D 171 -39.11 -13.68 -50.76
C PRO D 171 -38.32 -14.88 -50.26
N GLY D 172 -39.03 -15.78 -49.59
CA GLY D 172 -38.40 -16.91 -48.92
C GLY D 172 -37.67 -16.51 -47.65
N ILE D 173 -38.26 -15.63 -46.85
CA ILE D 173 -37.55 -15.00 -45.73
C ILE D 173 -37.84 -15.72 -44.41
N ASP D 174 -39.11 -15.99 -44.12
CA ASP D 174 -39.50 -16.74 -42.94
C ASP D 174 -39.13 -18.24 -43.05
N SER D 175 -38.37 -18.62 -44.07
CA SER D 175 -37.76 -19.93 -44.09
C SER D 175 -36.83 -20.10 -42.90
N ASP D 176 -37.04 -21.17 -42.12
CA ASP D 176 -36.22 -21.39 -40.94
C ASP D 176 -34.74 -21.53 -41.26
N ARG D 177 -34.39 -21.87 -42.50
CA ARG D 177 -32.99 -21.95 -42.90
C ARG D 177 -32.33 -20.57 -42.92
N VAL D 178 -33.11 -19.51 -42.76
CA VAL D 178 -32.58 -18.15 -42.64
C VAL D 178 -32.75 -17.73 -41.18
N LYS D 179 -31.64 -17.59 -40.47
CA LYS D 179 -31.64 -17.31 -39.04
C LYS D 179 -30.97 -15.99 -38.73
N LEU D 180 -31.14 -15.55 -37.49
CA LEU D 180 -30.59 -14.32 -36.98
C LEU D 180 -29.50 -14.63 -35.95
N CYS D 181 -28.79 -13.58 -35.56
CA CYS D 181 -27.70 -13.74 -34.60
C CYS D 181 -27.59 -12.44 -33.80
N LYS D 182 -28.04 -12.48 -32.54
CA LYS D 182 -27.93 -11.31 -31.69
C LYS D 182 -27.95 -11.70 -30.22
N ASN D 183 -28.96 -12.44 -29.79
CA ASN D 183 -29.14 -12.73 -28.37
C ASN D 183 -28.82 -14.18 -28.07
N TRP D 184 -29.00 -14.56 -26.80
CA TRP D 184 -28.63 -15.90 -26.37
C TRP D 184 -29.51 -16.96 -27.02
N ALA D 185 -30.74 -16.59 -27.41
CA ALA D 185 -31.63 -17.55 -28.06
C ALA D 185 -31.13 -17.91 -29.45
N HIS D 186 -30.64 -16.93 -30.20
CA HIS D 186 -30.11 -17.20 -31.54
C HIS D 186 -28.84 -18.05 -31.47
N ALA D 187 -27.99 -17.79 -30.47
CA ALA D 187 -26.74 -18.54 -30.35
C ALA D 187 -27.01 -20.00 -30.00
N GLN D 188 -27.94 -20.24 -29.08
CA GLN D 188 -28.28 -21.62 -28.72
C GLN D 188 -28.79 -22.40 -29.93
N ALA D 189 -29.61 -21.76 -30.77
CA ALA D 189 -30.08 -22.42 -31.98
C ALA D 189 -28.94 -22.64 -32.96
N LEU D 190 -28.09 -21.63 -33.16
CA LEU D 190 -26.95 -21.80 -34.04
C LEU D 190 -26.03 -22.91 -33.58
N ILE D 191 -26.02 -23.20 -32.27
CA ILE D 191 -25.26 -24.34 -31.78
C ILE D 191 -25.88 -25.64 -32.27
N GLU D 192 -27.21 -25.71 -32.32
CA GLU D 192 -27.88 -26.91 -32.82
C GLU D 192 -27.88 -26.95 -34.34
N ASP D 193 -28.24 -25.83 -34.98
CA ASP D 193 -28.29 -25.78 -36.43
C ASP D 193 -26.93 -25.96 -37.08
N ALA D 194 -25.84 -25.91 -36.31
CA ALA D 194 -24.52 -26.09 -36.89
C ALA D 194 -24.19 -27.56 -37.08
N LYS D 195 -24.55 -28.40 -36.10
CA LYS D 195 -24.19 -29.81 -36.17
C LYS D 195 -24.65 -30.47 -37.47
N GLU D 196 -25.78 -30.03 -38.01
CA GLU D 196 -26.30 -30.61 -39.26
C GLU D 196 -26.45 -29.55 -40.33
N ALA D 197 -25.39 -28.76 -40.56
CA ALA D 197 -25.39 -27.73 -41.60
C ALA D 197 -23.96 -27.59 -42.12
N LYS D 198 -23.58 -28.52 -43.00
CA LYS D 198 -22.22 -28.52 -43.53
C LYS D 198 -21.90 -27.21 -44.23
N ARG D 199 -22.82 -26.75 -45.09
CA ARG D 199 -22.66 -25.49 -45.80
C ARG D 199 -23.39 -24.39 -45.06
N ILE D 200 -22.74 -23.24 -44.92
CA ILE D 200 -23.29 -22.11 -44.18
C ILE D 200 -22.99 -20.82 -44.93
N THR D 201 -24.00 -19.97 -45.09
CA THR D 201 -23.87 -18.70 -45.78
C THR D 201 -24.19 -17.57 -44.82
N VAL D 202 -23.29 -16.59 -44.75
CA VAL D 202 -23.49 -15.40 -43.94
C VAL D 202 -23.87 -14.26 -44.88
N ILE D 203 -24.93 -13.54 -44.54
CA ILE D 203 -25.47 -12.46 -45.37
C ILE D 203 -25.09 -11.15 -44.73
N GLY D 204 -24.22 -10.40 -45.39
CA GLY D 204 -23.69 -9.15 -44.88
C GLY D 204 -22.19 -9.07 -45.07
N ALA D 205 -21.62 -7.93 -44.64
CA ALA D 205 -20.19 -7.71 -44.77
C ALA D 205 -19.62 -6.89 -43.61
N GLY D 206 -20.26 -6.93 -42.45
CA GLY D 206 -19.76 -6.26 -41.27
C GLY D 206 -18.79 -7.13 -40.49
N TYR D 207 -18.48 -6.69 -39.28
CA TYR D 207 -17.61 -7.47 -38.42
C TYR D 207 -18.17 -8.86 -38.15
N ILE D 208 -19.49 -8.95 -37.98
CA ILE D 208 -20.12 -10.23 -37.63
C ILE D 208 -19.96 -11.23 -38.77
N ALA D 209 -20.44 -10.86 -39.96
CA ALA D 209 -20.29 -11.72 -41.13
C ALA D 209 -18.84 -12.19 -41.26
N ALA D 210 -17.89 -11.29 -41.00
CA ALA D 210 -16.48 -11.68 -41.01
C ALA D 210 -16.17 -12.64 -39.87
N GLU D 211 -16.56 -12.26 -38.64
CA GLU D 211 -16.27 -13.13 -37.49
C GLU D 211 -16.91 -14.50 -37.65
N LEU D 212 -18.13 -14.54 -38.18
CA LEU D 212 -18.82 -15.82 -38.33
C LEU D 212 -18.21 -16.65 -39.46
N ALA D 213 -17.96 -16.03 -40.61
CA ALA D 213 -17.34 -16.76 -41.71
C ALA D 213 -16.00 -17.36 -41.29
N GLU D 214 -15.17 -16.57 -40.60
CA GLU D 214 -13.90 -17.06 -40.12
C GLU D 214 -14.09 -18.17 -39.10
N ALA D 215 -15.07 -18.02 -38.21
CA ALA D 215 -15.29 -19.01 -37.17
C ALA D 215 -15.68 -20.37 -37.77
N TYR D 216 -16.60 -20.36 -38.73
CA TYR D 216 -17.09 -21.62 -39.29
C TYR D 216 -16.04 -22.28 -40.17
N SER D 217 -15.28 -21.50 -40.93
CA SER D 217 -14.31 -22.09 -41.85
C SER D 217 -13.29 -22.95 -41.11
N THR D 218 -12.86 -22.51 -39.93
CA THR D 218 -11.87 -23.26 -39.15
C THR D 218 -12.45 -24.47 -38.44
N THR D 219 -13.77 -24.56 -38.33
CA THR D 219 -14.43 -25.67 -37.64
C THR D 219 -14.89 -26.76 -38.60
N GLY D 220 -14.49 -26.70 -39.88
CA GLY D 220 -14.77 -27.75 -40.83
C GLY D 220 -15.90 -27.47 -41.79
N HIS D 221 -16.65 -26.40 -41.59
CA HIS D 221 -17.77 -26.08 -42.46
C HIS D 221 -17.27 -25.54 -43.80
N ASP D 222 -18.13 -25.65 -44.81
CA ASP D 222 -17.93 -25.01 -46.10
C ASP D 222 -18.76 -23.73 -46.12
N VAL D 223 -18.08 -22.59 -46.10
CA VAL D 223 -18.72 -21.31 -45.85
C VAL D 223 -18.67 -20.46 -47.12
N THR D 224 -19.71 -19.65 -47.28
CA THR D 224 -19.81 -18.70 -48.39
C THR D 224 -20.28 -17.36 -47.85
N LEU D 225 -19.76 -16.28 -48.43
CA LEU D 225 -20.07 -14.93 -47.99
C LEU D 225 -20.66 -14.13 -49.14
N ILE D 226 -21.77 -13.44 -48.87
CA ILE D 226 -22.50 -12.68 -49.88
C ILE D 226 -22.90 -11.34 -49.28
N ALA D 227 -22.74 -10.28 -50.07
CA ALA D 227 -23.06 -8.94 -49.57
C ALA D 227 -23.07 -7.95 -50.74
N ARG D 228 -23.92 -6.93 -50.61
CA ARG D 228 -23.92 -5.85 -51.60
C ARG D 228 -22.60 -5.10 -51.60
N SER D 229 -21.91 -5.07 -50.46
CA SER D 229 -20.65 -4.34 -50.35
C SER D 229 -19.65 -4.83 -51.40
N ALA D 230 -18.65 -4.00 -51.66
CA ALA D 230 -17.57 -4.32 -52.59
C ALA D 230 -16.38 -4.99 -51.93
N ARG D 231 -16.08 -4.64 -50.68
CA ARG D 231 -14.97 -5.20 -49.94
C ARG D 231 -15.44 -5.59 -48.55
N VAL D 232 -14.92 -6.71 -48.03
CA VAL D 232 -15.31 -7.14 -46.71
C VAL D 232 -14.98 -6.05 -45.71
N MET D 233 -15.95 -5.68 -44.89
CA MET D 233 -15.76 -4.67 -43.87
C MET D 233 -15.25 -3.36 -44.48
N ARG D 234 -15.97 -2.89 -45.51
CA ARG D 234 -15.57 -1.65 -46.16
C ARG D 234 -15.94 -0.42 -45.34
N LYS D 235 -16.92 -0.54 -44.45
CA LYS D 235 -17.31 0.60 -43.60
C LYS D 235 -16.37 0.79 -42.42
N TYR D 236 -15.44 -0.13 -42.18
CA TYR D 236 -14.48 -0.02 -41.08
C TYR D 236 -13.04 0.13 -41.54
N PHE D 237 -12.65 -0.46 -42.67
CA PHE D 237 -11.28 -0.38 -43.16
C PHE D 237 -11.27 0.02 -44.63
N ASP D 238 -10.11 0.47 -45.10
CA ASP D 238 -9.94 0.85 -46.48
C ASP D 238 -9.43 -0.34 -47.29
N ALA D 239 -9.15 -0.09 -48.58
CA ALA D 239 -8.89 -1.18 -49.51
C ALA D 239 -7.64 -1.96 -49.15
N ASP D 240 -6.56 -1.27 -48.75
CA ASP D 240 -5.32 -1.98 -48.44
C ASP D 240 -5.52 -3.01 -47.34
N PHE D 241 -6.44 -2.74 -46.41
CA PHE D 241 -6.71 -3.69 -45.34
C PHE D 241 -7.67 -4.80 -45.78
N THR D 242 -8.76 -4.43 -46.44
CA THR D 242 -9.79 -5.40 -46.78
C THR D 242 -9.31 -6.39 -47.84
N ASP D 243 -8.37 -5.98 -48.70
CA ASP D 243 -7.84 -6.90 -49.70
C ASP D 243 -7.05 -8.02 -49.04
N VAL D 244 -6.32 -7.70 -47.96
CA VAL D 244 -5.59 -8.74 -47.23
C VAL D 244 -6.57 -9.65 -46.50
N ILE D 245 -7.65 -9.10 -45.95
CA ILE D 245 -8.66 -9.91 -45.28
C ILE D 245 -9.27 -10.90 -46.28
N GLU D 246 -9.66 -10.39 -47.45
CA GLU D 246 -10.23 -11.26 -48.48
C GLU D 246 -9.25 -12.35 -48.88
N GLN D 247 -7.96 -12.02 -49.00
CA GLN D 247 -6.97 -13.01 -49.37
C GLN D 247 -6.92 -14.13 -48.33
N ASP D 248 -7.03 -13.78 -47.04
CA ASP D 248 -7.11 -14.80 -46.00
C ASP D 248 -8.32 -15.71 -46.22
N TYR D 249 -9.51 -15.10 -46.42
CA TYR D 249 -10.71 -15.88 -46.66
C TYR D 249 -10.51 -16.84 -47.83
N ARG D 250 -10.15 -16.30 -49.00
CA ARG D 250 -9.89 -17.15 -50.16
C ARG D 250 -8.83 -18.19 -49.84
N ASP D 251 -7.80 -17.81 -49.09
CA ASP D 251 -6.76 -18.75 -48.67
C ASP D 251 -7.30 -19.83 -47.75
N HIS D 252 -8.46 -19.62 -47.12
CA HIS D 252 -9.04 -20.60 -46.22
C HIS D 252 -10.30 -21.24 -46.80
N GLY D 253 -10.46 -21.21 -48.12
CA GLY D 253 -11.57 -21.86 -48.77
C GLY D 253 -12.90 -21.15 -48.69
N VAL D 254 -12.95 -19.97 -48.06
CA VAL D 254 -14.20 -19.23 -47.94
C VAL D 254 -14.57 -18.66 -49.31
N GLN D 255 -15.82 -18.86 -49.70
CA GLN D 255 -16.32 -18.38 -50.99
C GLN D 255 -16.90 -16.98 -50.81
N LEU D 256 -16.29 -15.99 -51.46
CA LEU D 256 -16.70 -14.60 -51.35
C LEU D 256 -17.46 -14.20 -52.60
N ALA D 257 -18.70 -13.75 -52.42
CA ALA D 257 -19.57 -13.31 -53.52
C ALA D 257 -20.07 -11.91 -53.18
N LEU D 258 -19.35 -10.90 -53.66
CA LEU D 258 -19.62 -9.52 -53.31
C LEU D 258 -20.35 -8.80 -54.44
N GLY D 259 -20.87 -7.61 -54.11
CA GLY D 259 -21.64 -6.83 -55.06
C GLY D 259 -22.97 -7.44 -55.44
N GLU D 260 -23.37 -8.53 -54.79
CA GLU D 260 -24.56 -9.27 -55.16
C GLU D 260 -25.70 -8.95 -54.19
N THR D 261 -26.89 -8.75 -54.74
CA THR D 261 -28.07 -8.41 -53.94
C THR D 261 -28.97 -9.63 -53.83
N VAL D 262 -29.05 -10.18 -52.62
CA VAL D 262 -29.93 -11.32 -52.39
C VAL D 262 -31.36 -10.92 -52.75
N GLU D 263 -32.06 -11.82 -53.44
CA GLU D 263 -33.40 -11.53 -53.94
C GLU D 263 -34.43 -12.60 -53.59
N SER D 264 -34.03 -13.74 -53.03
CA SER D 264 -34.99 -14.78 -52.70
C SER D 264 -34.33 -15.99 -52.05
N PHE D 265 -35.02 -16.62 -51.10
CA PHE D 265 -34.62 -17.91 -50.56
C PHE D 265 -35.71 -18.91 -50.89
N THR D 266 -35.32 -20.10 -51.34
CA THR D 266 -36.26 -21.12 -51.79
C THR D 266 -35.95 -22.43 -51.08
N ASP D 267 -36.77 -22.77 -50.09
CA ASP D 267 -36.60 -24.01 -49.36
C ASP D 267 -36.56 -25.19 -50.32
N SER D 268 -35.76 -26.19 -49.97
CA SER D 268 -35.59 -27.38 -50.79
C SER D 268 -35.07 -28.51 -49.91
N ALA D 269 -35.60 -29.70 -50.13
CA ALA D 269 -35.11 -30.88 -49.42
C ALA D 269 -33.60 -31.03 -49.56
N THR D 270 -33.00 -30.39 -50.56
CA THR D 270 -31.54 -30.34 -50.67
C THR D 270 -30.96 -29.30 -49.71
N GLY D 271 -31.72 -28.27 -49.38
CA GLY D 271 -31.28 -27.24 -48.48
C GLY D 271 -32.02 -25.93 -48.79
N LEU D 272 -31.28 -24.83 -48.74
CA LEU D 272 -31.79 -23.51 -49.09
C LEU D 272 -31.07 -23.00 -50.32
N THR D 273 -31.84 -22.42 -51.24
CA THR D 273 -31.31 -21.90 -52.49
C THR D 273 -31.44 -20.38 -52.47
N ILE D 274 -30.32 -19.68 -52.62
CA ILE D 274 -30.26 -18.23 -52.54
C ILE D 274 -30.06 -17.67 -53.94
N LYS D 275 -30.88 -16.69 -54.30
CA LYS D 275 -30.85 -16.08 -55.63
C LYS D 275 -30.26 -14.67 -55.50
N THR D 276 -29.13 -14.45 -56.16
CA THR D 276 -28.52 -13.13 -56.27
C THR D 276 -28.46 -12.74 -57.73
N ASP D 277 -28.63 -11.45 -58.01
CA ASP D 277 -28.60 -10.97 -59.39
C ASP D 277 -27.37 -11.43 -60.16
N LYS D 278 -26.32 -11.85 -59.45
CA LYS D 278 -25.09 -12.28 -60.08
C LYS D 278 -24.93 -13.80 -60.09
N ASN D 279 -25.80 -14.53 -59.39
CA ASN D 279 -25.68 -15.99 -59.32
C ASN D 279 -26.70 -16.58 -58.35
N SER D 280 -26.72 -17.90 -58.23
CA SER D 280 -27.56 -18.60 -57.27
C SER D 280 -26.72 -19.62 -56.53
N TYR D 281 -26.81 -19.61 -55.20
CA TYR D 281 -26.07 -20.53 -54.35
C TYR D 281 -27.04 -21.36 -53.54
N GLU D 282 -26.59 -22.54 -53.11
CA GLU D 282 -27.33 -23.35 -52.16
C GLU D 282 -26.46 -23.61 -50.94
N THR D 283 -26.99 -23.28 -49.77
CA THR D 283 -26.35 -23.57 -48.50
C THR D 283 -27.35 -24.28 -47.61
N ASP D 284 -26.85 -24.84 -46.51
CA ASP D 284 -27.74 -25.45 -45.53
C ASP D 284 -28.29 -24.43 -44.55
N LEU D 285 -27.59 -23.31 -44.34
CA LEU D 285 -27.98 -22.30 -43.38
C LEU D 285 -27.53 -20.93 -43.85
N ALA D 286 -28.36 -19.92 -43.61
CA ALA D 286 -28.04 -18.54 -43.89
C ALA D 286 -28.29 -17.71 -42.64
N ILE D 287 -27.40 -16.74 -42.40
CA ILE D 287 -27.45 -15.92 -41.19
C ILE D 287 -27.50 -14.46 -41.60
N LEU D 288 -28.53 -13.75 -41.12
CA LEU D 288 -28.71 -12.35 -41.46
C LEU D 288 -27.72 -11.50 -40.68
N CYS D 289 -26.79 -10.86 -41.38
CA CYS D 289 -25.77 -10.01 -40.77
C CYS D 289 -25.69 -8.69 -41.55
N ILE D 290 -26.80 -7.95 -41.56
CA ILE D 290 -26.89 -6.73 -42.34
C ILE D 290 -27.18 -5.50 -41.46
N GLY D 291 -26.87 -5.59 -40.17
CA GLY D 291 -26.85 -4.42 -39.31
C GLY D 291 -27.99 -4.42 -38.30
N PHE D 292 -28.04 -3.32 -37.54
CA PHE D 292 -29.02 -3.10 -36.49
C PHE D 292 -29.96 -1.97 -36.88
N ARG D 293 -31.08 -1.89 -36.17
CA ARG D 293 -32.01 -0.78 -36.27
C ARG D 293 -32.48 -0.49 -34.85
N PRO D 294 -32.49 0.77 -34.43
CA PRO D 294 -32.90 1.07 -33.05
C PRO D 294 -34.29 0.53 -32.75
N ASN D 295 -34.41 -0.13 -31.59
CA ASN D 295 -35.68 -0.71 -31.16
C ASN D 295 -36.43 0.32 -30.31
N THR D 296 -36.85 1.40 -31.00
CA THR D 296 -37.37 2.58 -30.33
C THR D 296 -38.83 2.90 -30.67
N ASP D 297 -39.46 2.15 -31.58
CA ASP D 297 -40.78 2.50 -32.10
C ASP D 297 -41.81 2.71 -31.00
N LEU D 298 -41.48 2.30 -29.76
CA LEU D 298 -42.36 2.60 -28.63
C LEU D 298 -42.49 4.10 -28.39
N LEU D 299 -41.50 4.90 -28.81
CA LEU D 299 -41.51 6.33 -28.57
C LEU D 299 -41.59 7.15 -29.86
N LYS D 300 -41.96 6.52 -30.99
CA LYS D 300 -42.02 7.24 -32.25
C LYS D 300 -42.97 8.42 -32.13
N GLY D 301 -42.66 9.49 -32.87
CA GLY D 301 -43.42 10.71 -32.82
C GLY D 301 -43.47 11.38 -31.46
N LYS D 302 -42.77 10.84 -30.46
CA LYS D 302 -42.80 11.39 -29.12
C LYS D 302 -41.47 11.95 -28.66
N VAL D 303 -40.35 11.49 -29.22
CA VAL D 303 -39.03 12.00 -28.91
C VAL D 303 -38.24 12.12 -30.19
N ASP D 304 -37.34 13.11 -30.22
CA ASP D 304 -36.55 13.38 -31.42
C ASP D 304 -35.68 12.19 -31.77
N MET D 305 -35.90 11.62 -32.95
CA MET D 305 -35.13 10.49 -33.45
C MET D 305 -34.49 10.85 -34.78
N ALA D 306 -33.44 10.10 -35.12
CA ALA D 306 -32.77 10.25 -36.40
C ALA D 306 -33.61 9.56 -37.48
N PRO D 307 -33.15 9.59 -38.73
CA PRO D 307 -33.93 8.93 -39.79
C PRO D 307 -34.18 7.45 -39.53
N ASN D 308 -33.36 6.79 -38.71
CA ASN D 308 -33.51 5.37 -38.43
C ASN D 308 -34.16 5.09 -37.08
N GLY D 309 -34.79 6.10 -36.47
CA GLY D 309 -35.47 5.91 -35.21
C GLY D 309 -34.58 5.89 -33.99
N ALA D 310 -33.32 6.26 -34.12
CA ALA D 310 -32.42 6.33 -32.97
C ALA D 310 -32.66 7.61 -32.20
N ILE D 311 -32.75 7.49 -30.87
CA ILE D 311 -33.08 8.64 -30.03
C ILE D 311 -31.92 9.61 -29.98
N ILE D 312 -32.23 10.89 -30.05
CA ILE D 312 -31.25 11.95 -29.86
C ILE D 312 -31.21 12.33 -28.38
N THR D 313 -30.01 12.54 -27.85
CA THR D 313 -29.83 12.94 -26.47
C THR D 313 -28.95 14.18 -26.39
N ASP D 314 -29.05 14.88 -25.28
CA ASP D 314 -28.13 15.98 -25.00
C ASP D 314 -26.80 15.38 -24.56
N ASP D 315 -25.92 16.22 -23.99
CA ASP D 315 -24.63 15.74 -23.54
C ASP D 315 -24.74 14.85 -22.31
N TYR D 316 -25.95 14.63 -21.79
CA TYR D 316 -26.14 13.86 -20.56
C TYR D 316 -27.08 12.68 -20.75
N MET D 317 -27.29 12.24 -22.00
CA MET D 317 -28.05 11.04 -22.31
C MET D 317 -29.57 11.26 -22.19
N ARG D 318 -30.01 12.50 -22.03
CA ARG D 318 -31.42 12.81 -21.84
C ARG D 318 -32.04 13.17 -23.18
N SER D 319 -33.14 12.51 -23.52
CA SER D 319 -33.81 12.73 -24.81
C SER D 319 -34.40 14.14 -24.82
N SER D 320 -35.25 14.41 -25.82
CA SER D 320 -35.96 15.68 -25.87
C SER D 320 -37.03 15.77 -24.78
N ASN D 321 -37.46 14.62 -24.23
CA ASN D 321 -38.32 14.61 -23.07
C ASN D 321 -37.45 14.61 -21.81
N PRO D 322 -37.53 15.63 -20.97
CA PRO D 322 -36.54 15.76 -19.88
C PRO D 322 -36.52 14.59 -18.91
N ASP D 323 -37.56 13.75 -18.89
CA ASP D 323 -37.62 12.63 -17.97
C ASP D 323 -37.37 11.30 -18.65
N ILE D 324 -37.00 11.29 -19.93
CA ILE D 324 -36.74 10.08 -20.68
C ILE D 324 -35.28 10.10 -21.11
N PHE D 325 -34.47 9.23 -20.49
CA PHE D 325 -33.07 9.08 -20.86
C PHE D 325 -32.92 7.98 -21.91
N ALA D 326 -31.81 8.02 -22.63
CA ALA D 326 -31.52 7.04 -23.67
C ALA D 326 -30.06 6.65 -23.60
N ALA D 327 -29.80 5.35 -23.63
CA ALA D 327 -28.44 4.83 -23.56
C ALA D 327 -28.35 3.55 -24.39
N GLY D 328 -27.26 3.41 -25.13
CA GLY D 328 -27.00 2.18 -25.85
C GLY D 328 -27.48 2.20 -27.29
N ASP D 329 -27.80 1.02 -27.81
CA ASP D 329 -28.14 0.84 -29.21
C ASP D 329 -29.44 1.53 -29.61
N SER D 330 -30.17 2.11 -28.67
CA SER D 330 -31.42 2.79 -28.99
C SER D 330 -31.25 4.28 -29.20
N ALA D 331 -30.03 4.80 -29.05
CA ALA D 331 -29.77 6.23 -29.17
C ALA D 331 -28.63 6.46 -30.15
N ALA D 332 -28.45 7.73 -30.52
CA ALA D 332 -27.36 8.15 -31.38
C ALA D 332 -26.31 8.86 -30.53
N VAL D 333 -25.05 8.58 -30.82
CA VAL D 333 -23.92 9.11 -30.06
C VAL D 333 -23.30 10.27 -30.82
N HIS D 334 -22.71 11.20 -30.07
CA HIS D 334 -21.91 12.26 -30.68
C HIS D 334 -20.61 11.68 -31.21
N TYR D 335 -20.37 11.86 -32.51
CA TYR D 335 -19.21 11.29 -33.19
C TYR D 335 -18.15 12.38 -33.30
N ASN D 336 -17.17 12.33 -32.39
CA ASN D 336 -16.16 13.37 -32.34
C ASN D 336 -15.44 13.60 -33.66
N PRO D 337 -15.03 12.57 -34.42
CA PRO D 337 -14.36 12.84 -35.70
C PRO D 337 -15.14 13.77 -36.60
N THR D 338 -16.47 13.81 -36.49
CA THR D 338 -17.31 14.72 -37.25
C THR D 338 -18.07 15.70 -36.39
N HIS D 339 -18.14 15.49 -35.08
CA HIS D 339 -18.89 16.34 -34.17
C HIS D 339 -20.34 16.49 -34.64
N GLN D 340 -20.92 15.36 -35.03
CA GLN D 340 -22.34 15.23 -35.32
C GLN D 340 -22.86 14.00 -34.58
N ASN D 341 -24.18 13.88 -34.51
CA ASN D 341 -24.78 12.66 -34.00
C ASN D 341 -24.71 11.57 -35.06
N ALA D 342 -24.54 10.33 -34.61
CA ALA D 342 -24.46 9.20 -35.53
C ALA D 342 -24.91 7.95 -34.78
N TYR D 343 -25.12 6.89 -35.55
CA TYR D 343 -25.53 5.60 -34.99
C TYR D 343 -24.33 4.67 -35.03
N ILE D 344 -23.65 4.54 -33.89
CA ILE D 344 -22.53 3.62 -33.75
C ILE D 344 -22.92 2.58 -32.69
N PRO D 345 -23.67 1.55 -33.05
CA PRO D 345 -24.11 0.57 -32.06
C PRO D 345 -22.99 -0.35 -31.61
N LEU D 346 -22.34 0.01 -30.51
CA LEU D 346 -21.25 -0.77 -29.95
C LEU D 346 -21.43 -0.90 -28.44
N ALA D 347 -21.07 -2.07 -27.91
CA ALA D 347 -21.20 -2.30 -26.47
C ALA D 347 -20.40 -1.29 -25.67
N THR D 348 -19.36 -0.70 -26.26
CA THR D 348 -18.60 0.34 -25.56
C THR D 348 -19.48 1.54 -25.22
N ASN D 349 -20.34 1.95 -26.16
CA ASN D 349 -21.22 3.08 -25.90
C ASN D 349 -22.27 2.74 -24.85
N ALA D 350 -22.85 1.54 -24.93
CA ALA D 350 -23.93 1.18 -24.02
C ALA D 350 -23.49 1.28 -22.56
N VAL D 351 -22.35 0.66 -22.22
CA VAL D 351 -21.89 0.67 -20.84
C VAL D 351 -21.57 2.10 -20.41
N ARG D 352 -20.93 2.87 -21.28
CA ARG D 352 -20.62 4.26 -20.96
C ARG D 352 -21.90 5.08 -20.80
N GLN D 353 -22.78 5.03 -21.80
CA GLN D 353 -24.05 5.74 -21.69
C GLN D 353 -24.89 5.20 -20.55
N GLY D 354 -24.87 3.88 -20.34
CA GLY D 354 -25.60 3.31 -19.22
C GLY D 354 -25.15 3.90 -17.90
N ILE D 355 -23.84 4.10 -17.74
CA ILE D 355 -23.32 4.75 -16.54
C ILE D 355 -23.81 6.20 -16.47
N LEU D 356 -23.61 6.94 -17.56
CA LEU D 356 -23.96 8.37 -17.55
C LEU D 356 -25.41 8.61 -17.18
N VAL D 357 -26.30 7.68 -17.54
CA VAL D 357 -27.71 7.82 -17.15
C VAL D 357 -27.84 7.81 -15.64
N GLY D 358 -26.98 7.04 -14.96
CA GLY D 358 -27.05 6.99 -13.51
C GLY D 358 -26.58 8.27 -12.86
N LYS D 359 -25.39 8.75 -13.23
CA LYS D 359 -24.87 9.98 -12.63
C LYS D 359 -25.71 11.21 -12.97
N ASN D 360 -26.57 11.12 -13.97
CA ASN D 360 -27.32 12.28 -14.44
C ASN D 360 -28.83 12.11 -14.34
N LEU D 361 -29.31 10.95 -13.88
CA LEU D 361 -30.76 10.71 -13.86
C LEU D 361 -31.54 11.82 -13.17
N VAL D 362 -30.89 12.54 -12.25
CA VAL D 362 -31.63 13.51 -11.45
C VAL D 362 -31.27 14.92 -11.87
N LYS D 363 -30.03 15.11 -12.34
CA LYS D 363 -29.61 16.42 -12.80
C LYS D 363 -28.28 16.27 -13.52
N PRO D 364 -27.97 17.20 -14.42
CA PRO D 364 -26.70 17.12 -15.17
C PRO D 364 -25.50 17.12 -14.24
N THR D 365 -24.68 16.07 -14.37
CA THR D 365 -23.54 15.88 -13.47
C THR D 365 -22.27 15.60 -14.25
N VAL D 366 -22.32 14.67 -15.20
CA VAL D 366 -21.17 14.26 -15.98
C VAL D 366 -21.52 14.33 -17.46
N LYS D 367 -20.75 15.09 -18.21
CA LYS D 367 -20.98 15.24 -19.64
C LYS D 367 -20.43 14.03 -20.41
N TYR D 368 -21.12 13.70 -21.50
CA TYR D 368 -20.67 12.65 -22.38
C TYR D 368 -19.46 13.12 -23.21
N MET D 369 -18.48 12.24 -23.37
CA MET D 369 -17.24 12.56 -24.07
C MET D 369 -17.30 12.31 -25.56
N GLY D 370 -18.42 11.78 -26.07
CA GLY D 370 -18.46 11.37 -27.46
C GLY D 370 -17.77 10.03 -27.65
N THR D 371 -17.56 9.69 -28.92
CA THR D 371 -16.91 8.43 -29.26
C THR D 371 -16.18 8.57 -30.59
N GLN D 372 -15.15 7.73 -30.76
CA GLN D 372 -14.42 7.64 -32.01
C GLN D 372 -14.74 6.36 -32.77
N SER D 373 -15.64 5.53 -32.24
CA SER D 373 -16.04 4.28 -32.90
C SER D 373 -14.92 3.25 -32.88
N SER D 374 -14.01 3.35 -31.92
CA SER D 374 -12.91 2.40 -31.82
C SER D 374 -13.44 0.97 -31.80
N SER D 375 -12.89 0.13 -32.68
CA SER D 375 -13.32 -1.25 -32.78
C SER D 375 -12.21 -2.05 -33.46
N GLY D 376 -12.34 -3.37 -33.42
CA GLY D 376 -11.34 -4.26 -33.99
C GLY D 376 -11.62 -5.72 -33.67
N LEU D 377 -11.12 -6.63 -34.51
CA LEU D 377 -11.36 -8.06 -34.34
C LEU D 377 -10.07 -8.81 -34.58
N ALA D 378 -10.15 -10.14 -34.43
CA ALA D 378 -9.03 -11.03 -34.69
C ALA D 378 -9.49 -12.06 -35.70
N LEU D 379 -8.89 -12.03 -36.89
CA LEU D 379 -9.25 -12.90 -37.99
C LEU D 379 -8.01 -13.65 -38.45
N TYR D 380 -8.04 -14.98 -38.34
CA TYR D 380 -6.95 -15.85 -38.77
C TYR D 380 -5.61 -15.38 -38.20
N ASP D 381 -5.57 -15.31 -36.87
CA ASP D 381 -4.33 -14.99 -36.15
C ASP D 381 -3.77 -13.63 -36.59
N ARG D 382 -4.66 -12.66 -36.79
CA ARG D 382 -4.26 -11.35 -37.26
C ARG D 382 -5.11 -10.30 -36.58
N THR D 383 -4.46 -9.36 -35.91
CA THR D 383 -5.14 -8.31 -35.16
C THR D 383 -5.48 -7.15 -36.10
N ILE D 384 -6.77 -6.85 -36.24
CA ILE D 384 -7.25 -5.78 -37.10
C ILE D 384 -8.07 -4.84 -36.24
N VAL D 385 -7.63 -3.57 -36.15
CA VAL D 385 -8.30 -2.57 -35.33
C VAL D 385 -8.33 -1.25 -36.10
N SER D 386 -9.30 -0.41 -35.74
CA SER D 386 -9.43 0.90 -36.36
C SER D 386 -10.18 1.82 -35.40
N THR D 387 -10.11 3.12 -35.70
CA THR D 387 -10.83 4.12 -34.94
C THR D 387 -10.97 5.38 -35.78
N GLY D 388 -12.07 6.08 -35.58
CA GLY D 388 -12.32 7.29 -36.34
C GLY D 388 -12.75 7.00 -37.77
N LEU D 389 -12.49 7.99 -38.63
CA LEU D 389 -12.92 7.93 -40.01
C LEU D 389 -11.96 7.10 -40.86
N THR D 390 -12.53 6.42 -41.86
CA THR D 390 -11.73 5.90 -42.96
C THR D 390 -11.57 6.99 -44.01
N LEU D 391 -10.58 6.80 -44.88
CA LEU D 391 -10.38 7.77 -45.95
C LEU D 391 -11.61 7.90 -46.83
N ALA D 392 -12.14 6.76 -47.28
CA ALA D 392 -13.34 6.75 -48.11
C ALA D 392 -14.54 7.35 -47.39
N ALA D 393 -14.68 7.04 -46.09
CA ALA D 393 -15.83 7.54 -45.34
C ALA D 393 -15.75 9.04 -45.11
N ALA D 394 -14.54 9.58 -44.91
CA ALA D 394 -14.40 11.02 -44.78
C ALA D 394 -14.52 11.71 -46.12
N LYS D 395 -13.93 11.14 -47.17
CA LYS D 395 -14.11 11.67 -48.52
C LYS D 395 -15.59 11.63 -48.91
N GLN D 396 -16.22 10.45 -48.77
CA GLN D 396 -17.64 10.29 -49.05
C GLN D 396 -18.49 11.34 -48.35
N GLN D 397 -17.96 11.96 -47.31
CA GLN D 397 -18.62 13.07 -46.63
C GLN D 397 -18.09 14.42 -47.10
N GLY D 398 -17.16 14.44 -48.05
CA GLY D 398 -16.63 15.68 -48.59
C GLY D 398 -15.82 16.50 -47.61
N LEU D 399 -15.03 15.84 -46.77
CA LEU D 399 -14.17 16.54 -45.84
C LEU D 399 -12.75 16.63 -46.39
N ASN D 400 -12.05 17.71 -46.03
CA ASN D 400 -10.65 17.83 -46.39
C ASN D 400 -9.85 16.73 -45.72
N ALA D 401 -9.53 15.67 -46.47
CA ALA D 401 -8.93 14.48 -45.88
C ALA D 401 -7.87 13.90 -46.82
N GLU D 402 -6.80 13.38 -46.21
CA GLU D 402 -5.77 12.65 -46.92
C GLU D 402 -5.24 11.56 -46.01
N GLN D 403 -4.50 10.62 -46.57
CA GLN D 403 -4.10 9.44 -45.82
C GLN D 403 -2.75 8.94 -46.29
N VAL D 404 -2.01 8.33 -45.36
CA VAL D 404 -0.77 7.61 -45.66
C VAL D 404 -0.97 6.15 -45.22
N ILE D 405 -0.47 5.23 -46.04
CA ILE D 405 -0.47 3.81 -45.73
C ILE D 405 0.97 3.39 -45.54
N VAL D 406 1.32 2.97 -44.32
CA VAL D 406 2.68 2.59 -43.98
C VAL D 406 2.71 1.12 -43.61
N GLU D 407 3.82 0.46 -43.94
CA GLU D 407 4.05 -0.92 -43.53
C GLU D 407 5.48 -1.05 -43.07
N ASP D 408 5.66 -1.41 -41.80
CA ASP D 408 6.98 -1.59 -41.24
C ASP D 408 6.90 -2.69 -40.17
N ASN D 409 8.06 -3.27 -39.86
CA ASN D 409 8.13 -4.22 -38.75
C ASN D 409 7.96 -3.48 -37.43
N TYR D 410 7.09 -4.00 -36.56
CA TYR D 410 6.78 -3.29 -35.32
C TYR D 410 7.98 -3.22 -34.39
N ARG D 411 8.95 -4.10 -34.54
CA ARG D 411 10.19 -4.04 -33.78
C ARG D 411 11.35 -4.41 -34.68
N PRO D 412 12.58 -4.08 -34.29
CA PRO D 412 13.72 -4.24 -35.21
C PRO D 412 13.93 -5.69 -35.62
N GLU D 413 14.49 -5.86 -36.83
CA GLU D 413 14.69 -7.20 -37.37
C GLU D 413 15.71 -7.99 -36.56
N PHE D 414 16.68 -7.31 -35.95
CA PHE D 414 17.71 -8.04 -35.22
C PHE D 414 17.15 -8.82 -34.04
N MET D 415 15.86 -8.65 -33.72
CA MET D 415 15.21 -9.46 -32.71
C MET D 415 14.96 -10.86 -33.26
N PRO D 416 14.95 -11.88 -32.39
CA PRO D 416 14.71 -13.25 -32.87
C PRO D 416 13.47 -13.38 -33.74
N SER D 417 12.48 -12.52 -33.55
CA SER D 417 11.28 -12.52 -34.36
C SER D 417 10.79 -11.08 -34.54
N THR D 418 9.92 -10.89 -35.52
CA THR D 418 9.32 -9.59 -35.79
C THR D 418 8.20 -9.77 -36.80
N GLU D 419 7.23 -8.86 -36.76
CA GLU D 419 6.05 -8.98 -37.61
C GLU D 419 5.75 -7.65 -38.28
N PRO D 420 5.38 -7.67 -39.56
CA PRO D 420 5.02 -6.41 -40.23
C PRO D 420 3.68 -5.88 -39.74
N VAL D 421 3.60 -4.56 -39.62
CA VAL D 421 2.39 -3.88 -39.19
C VAL D 421 2.00 -2.89 -40.26
N LEU D 422 0.89 -3.15 -40.96
CA LEU D 422 0.36 -2.22 -41.94
C LEU D 422 -0.47 -1.16 -41.23
N MET D 423 -0.15 0.10 -41.45
CA MET D 423 -0.78 1.21 -40.74
C MET D 423 -1.38 2.20 -41.72
N SER D 424 -2.45 2.86 -41.28
CA SER D 424 -3.15 3.87 -42.06
C SER D 424 -3.53 5.04 -41.15
N LEU D 425 -3.30 6.25 -41.64
CA LEU D 425 -3.63 7.46 -40.88
C LEU D 425 -4.47 8.38 -41.76
N VAL D 426 -5.58 8.86 -41.21
CA VAL D 426 -6.47 9.79 -41.90
C VAL D 426 -6.41 11.12 -41.16
N PHE D 427 -6.15 12.19 -41.91
CA PHE D 427 -5.89 13.48 -41.29
C PHE D 427 -6.36 14.61 -42.20
N ASP D 428 -6.53 15.78 -41.61
CA ASP D 428 -6.88 16.99 -42.36
C ASP D 428 -5.60 17.61 -42.90
N PRO D 429 -5.47 17.79 -44.22
CA PRO D 429 -4.20 18.29 -44.76
C PRO D 429 -3.92 19.76 -44.46
N ASP D 430 -4.90 20.52 -44.00
CA ASP D 430 -4.68 21.93 -43.63
C ASP D 430 -4.54 22.10 -42.13
N THR D 431 -5.56 21.70 -41.37
CA THR D 431 -5.48 21.78 -39.92
C THR D 431 -4.52 20.74 -39.35
N HIS D 432 -4.17 19.72 -40.13
CA HIS D 432 -3.35 18.60 -39.69
C HIS D 432 -3.99 17.81 -38.55
N ARG D 433 -5.27 18.04 -38.28
CA ARG D 433 -5.97 17.30 -37.25
C ARG D 433 -6.13 15.84 -37.68
N ILE D 434 -5.91 14.93 -36.74
CA ILE D 434 -6.05 13.51 -36.99
C ILE D 434 -7.53 13.16 -36.98
N LEU D 435 -8.00 12.54 -38.07
CA LEU D 435 -9.41 12.17 -38.22
C LEU D 435 -9.68 10.70 -38.01
N GLY D 436 -8.71 9.83 -38.26
CA GLY D 436 -8.91 8.40 -38.07
C GLY D 436 -7.64 7.66 -38.38
N GLY D 437 -7.68 6.35 -38.12
CA GLY D 437 -6.53 5.50 -38.37
C GLY D 437 -6.87 4.06 -38.07
N ALA D 438 -5.95 3.18 -38.46
CA ALA D 438 -6.14 1.75 -38.26
C ALA D 438 -4.78 1.06 -38.31
N LEU D 439 -4.72 -0.12 -37.71
CA LEU D 439 -3.54 -0.96 -37.74
C LEU D 439 -3.95 -2.40 -38.04
N MET D 440 -3.06 -3.12 -38.70
CA MET D 440 -3.28 -4.53 -38.99
C MET D 440 -1.95 -5.27 -38.85
N SER D 441 -1.95 -6.36 -38.08
CA SER D 441 -0.75 -7.14 -37.86
C SER D 441 -1.13 -8.43 -37.16
N LYS D 442 -0.28 -9.44 -37.32
CA LYS D 442 -0.40 -10.65 -36.51
C LYS D 442 0.18 -10.45 -35.11
N TYR D 443 0.94 -9.38 -34.89
CA TYR D 443 1.26 -8.94 -33.55
C TYR D 443 0.09 -8.14 -32.99
N ASP D 444 -0.33 -8.45 -31.77
CA ASP D 444 -1.47 -7.78 -31.17
C ASP D 444 -1.22 -6.29 -31.04
N VAL D 445 -1.64 -5.51 -32.05
CA VAL D 445 -1.49 -4.07 -32.03
C VAL D 445 -2.76 -3.37 -31.56
N SER D 446 -3.69 -4.13 -30.98
CA SER D 446 -5.01 -3.57 -30.67
C SER D 446 -4.91 -2.34 -29.79
N GLN D 447 -3.98 -2.35 -28.83
CA GLN D 447 -3.88 -1.23 -27.90
C GLN D 447 -3.51 0.08 -28.59
N SER D 448 -2.87 0.01 -29.75
CA SER D 448 -2.51 1.24 -30.47
C SER D 448 -3.75 1.97 -30.99
N ALA D 449 -4.82 1.24 -31.28
CA ALA D 449 -6.06 1.88 -31.70
C ALA D 449 -6.61 2.77 -30.59
N ASN D 450 -6.50 2.32 -29.33
CA ASN D 450 -6.91 3.15 -28.22
C ASN D 450 -6.00 4.37 -28.05
N THR D 451 -4.71 4.21 -28.38
CA THR D 451 -3.82 5.36 -28.37
C THR D 451 -4.28 6.41 -29.37
N LEU D 452 -4.63 5.98 -30.59
CA LEU D 452 -5.19 6.91 -31.56
C LEU D 452 -6.49 7.52 -31.05
N SER D 453 -7.31 6.72 -30.35
CA SER D 453 -8.56 7.25 -29.82
C SER D 453 -8.33 8.44 -28.91
N VAL D 454 -7.25 8.39 -28.11
CA VAL D 454 -6.98 9.48 -27.18
C VAL D 454 -6.51 10.73 -27.92
N CYS D 455 -5.73 10.54 -29.00
CA CYS D 455 -5.31 11.68 -29.80
C CYS D 455 -6.51 12.38 -30.42
N ILE D 456 -7.46 11.62 -30.95
CA ILE D 456 -8.65 12.23 -31.55
C ILE D 456 -9.48 12.91 -30.48
N GLN D 457 -9.72 12.22 -29.36
CA GLN D 457 -10.47 12.81 -28.26
C GLN D 457 -9.88 14.15 -27.84
N ASN D 458 -8.56 14.26 -27.84
CA ASN D 458 -7.87 15.49 -27.45
C ASN D 458 -7.53 16.37 -28.65
N GLU D 459 -8.10 16.10 -29.82
CA GLU D 459 -7.88 16.92 -31.02
C GLU D 459 -6.39 17.09 -31.30
N ASN D 460 -5.65 15.98 -31.22
CA ASN D 460 -4.23 16.02 -31.54
C ASN D 460 -4.03 16.06 -33.06
N THR D 461 -2.87 16.57 -33.45
CA THR D 461 -2.51 16.71 -34.86
C THR D 461 -1.50 15.63 -35.24
N ILE D 462 -1.17 15.58 -36.54
CA ILE D 462 -0.16 14.63 -37.00
C ILE D 462 1.22 14.99 -36.49
N ASP D 463 1.44 16.27 -36.15
CA ASP D 463 2.73 16.67 -35.58
C ASP D 463 2.85 16.22 -34.12
N ASP D 464 1.77 16.35 -33.35
CA ASP D 464 1.78 15.85 -31.99
C ASP D 464 2.10 14.37 -31.96
N LEU D 465 1.35 13.57 -32.71
CA LEU D 465 1.58 12.13 -32.74
C LEU D 465 2.97 11.79 -33.27
N ALA D 466 3.53 12.65 -34.13
CA ALA D 466 4.82 12.36 -34.74
C ALA D 466 5.95 12.41 -33.73
N MET D 467 5.80 13.20 -32.66
CA MET D 467 6.89 13.42 -31.71
C MET D 467 6.47 13.21 -30.26
N VAL D 468 5.26 12.71 -30.01
CA VAL D 468 4.84 12.48 -28.63
C VAL D 468 5.68 11.37 -28.00
N ASP D 469 6.10 11.59 -26.76
CA ASP D 469 6.95 10.63 -26.08
C ASP D 469 6.30 9.25 -26.04
N MET D 470 7.05 8.24 -26.52
CA MET D 470 6.60 6.86 -26.48
C MET D 470 7.81 5.98 -26.21
N LEU D 471 7.65 5.03 -25.28
CA LEU D 471 8.78 4.24 -24.82
C LEU D 471 9.46 3.52 -25.99
N PHE D 472 10.74 3.19 -25.80
CA PHE D 472 11.47 2.36 -26.74
C PHE D 472 12.19 1.26 -25.99
N GLN D 473 11.97 0.01 -26.41
CA GLN D 473 12.72 -1.15 -25.97
C GLN D 473 12.64 -2.17 -27.08
N PRO D 474 13.78 -2.68 -27.58
CA PRO D 474 13.76 -3.53 -28.78
C PRO D 474 12.72 -4.65 -28.73
N ASN D 475 12.33 -5.06 -27.52
CA ASN D 475 11.29 -6.07 -27.37
C ASN D 475 9.93 -5.58 -27.81
N PHE D 476 9.75 -4.27 -28.02
CA PHE D 476 8.41 -3.75 -28.28
C PHE D 476 8.33 -2.92 -29.56
N ASP D 477 9.40 -2.24 -29.93
CA ASP D 477 9.34 -1.33 -31.06
C ASP D 477 10.74 -0.83 -31.38
N ARG D 478 10.84 -0.04 -32.44
CA ARG D 478 12.07 0.67 -32.76
C ARG D 478 12.22 1.88 -31.84
N PRO D 479 13.36 2.58 -31.91
CA PRO D 479 13.51 3.80 -31.10
C PRO D 479 12.32 4.73 -31.22
N PHE D 480 11.73 4.84 -32.41
CA PHE D 480 10.44 5.48 -32.60
C PHE D 480 9.36 4.41 -32.64
N ASN D 481 8.35 4.56 -31.80
CA ASN D 481 7.22 3.65 -31.86
C ASN D 481 6.59 3.71 -33.25
N TYR D 482 6.00 2.59 -33.66
CA TYR D 482 5.42 2.53 -35.00
C TYR D 482 4.31 3.55 -35.20
N LEU D 483 3.76 4.11 -34.12
CA LEU D 483 2.78 5.17 -34.26
C LEU D 483 3.45 6.50 -34.59
N ASN D 484 4.61 6.77 -33.99
CA ASN D 484 5.38 7.95 -34.39
C ASN D 484 5.75 7.87 -35.87
N ILE D 485 6.25 6.71 -36.31
CA ILE D 485 6.62 6.53 -37.70
C ILE D 485 5.41 6.80 -38.60
N LEU D 486 4.26 6.25 -38.24
CA LEU D 486 3.05 6.46 -39.04
C LEU D 486 2.77 7.95 -39.22
N ALA D 487 2.80 8.71 -38.13
CA ALA D 487 2.50 10.14 -38.20
C ALA D 487 3.58 10.89 -38.99
N GLN D 488 4.83 10.46 -38.90
CA GLN D 488 5.90 11.14 -39.63
C GLN D 488 5.83 10.90 -41.13
N ALA D 489 5.14 9.84 -41.57
CA ALA D 489 4.87 9.69 -42.99
C ALA D 489 3.80 10.66 -43.45
N ALA D 490 2.87 11.02 -42.57
CA ALA D 490 1.89 12.05 -42.88
C ALA D 490 2.57 13.38 -43.15
N GLN D 491 3.34 13.87 -42.16
CA GLN D 491 4.13 15.08 -42.37
C GLN D 491 4.88 15.02 -43.69
N ALA D 492 5.57 13.91 -43.94
CA ALA D 492 6.24 13.74 -45.23
C ALA D 492 5.29 13.95 -46.38
N LYS D 493 4.06 13.41 -46.27
CA LYS D 493 3.06 13.61 -47.31
C LYS D 493 2.70 15.08 -47.44
N VAL D 494 2.68 15.82 -46.33
CA VAL D 494 2.34 17.24 -46.39
C VAL D 494 3.55 18.08 -46.74
N ALA D 495 4.77 17.57 -46.57
CA ALA D 495 5.96 18.33 -46.89
C ALA D 495 6.26 18.38 -48.39
N GLN D 496 5.58 17.56 -49.19
CA GLN D 496 5.83 17.50 -50.62
C GLN D 496 4.90 18.43 -51.41
N SER D 497 3.58 18.28 -51.22
CA SER D 497 2.62 19.09 -51.96
C SER D 497 2.76 20.58 -51.67
N VAL D 498 3.54 20.97 -50.66
CA VAL D 498 3.87 22.37 -50.48
C VAL D 498 4.93 22.80 -51.49
N ASN D 499 5.90 21.93 -51.75
CA ASN D 499 6.95 22.20 -52.73
C ASN D 499 6.43 22.02 -54.15
#